data_2NOC
#
_entry.id   2NOC
#
_entity_poly.entity_id   1
_entity_poly.type   'polypeptide(L)'
_entity_poly.pdbx_seq_one_letter_code
;MKTGYKVMLGALAFVVTNVYAAEIMKKTDFDKVASEYTKIGTISTTGEMSPLDAREDLIKKADEKGADVVVLTSGQTENK
IHGTADIYKKKLEHHHHHH
;
_entity_poly.pdbx_strand_id   A
#
# COMPACT_ATOMS: atom_id res chain seq x y z
N MET A 1 26.60 -31.06 -30.41
CA MET A 1 25.85 -31.55 -29.23
C MET A 1 24.52 -32.13 -29.69
N LYS A 2 24.07 -33.22 -29.06
CA LYS A 2 22.83 -33.88 -29.44
C LYS A 2 21.66 -32.89 -29.45
N THR A 3 21.15 -32.64 -30.64
CA THR A 3 20.11 -31.64 -30.86
C THR A 3 18.80 -32.06 -30.20
N GLY A 4 18.18 -31.13 -29.48
CA GLY A 4 16.93 -31.42 -28.82
C GLY A 4 16.48 -30.29 -27.91
N TYR A 5 16.13 -29.16 -28.51
CA TYR A 5 15.61 -28.03 -27.76
C TYR A 5 14.29 -27.56 -28.35
N LYS A 6 13.36 -27.18 -27.48
CA LYS A 6 12.06 -26.70 -27.91
C LYS A 6 11.75 -25.35 -27.27
N VAL A 7 11.10 -24.48 -28.04
CA VAL A 7 10.73 -23.17 -27.53
C VAL A 7 9.22 -22.95 -27.67
N MET A 8 8.53 -23.02 -26.54
CA MET A 8 7.08 -22.88 -26.54
C MET A 8 6.67 -21.56 -25.90
N LEU A 9 6.47 -20.55 -26.73
CA LEU A 9 6.05 -19.23 -26.26
C LEU A 9 4.68 -18.88 -26.81
N GLY A 10 3.96 -18.02 -26.10
CA GLY A 10 2.61 -17.67 -26.51
C GLY A 10 2.06 -16.49 -25.74
N ALA A 11 2.13 -15.32 -26.35
CA ALA A 11 1.61 -14.11 -25.75
C ALA A 11 0.52 -13.50 -26.64
N LEU A 12 -0.63 -13.22 -26.06
CA LEU A 12 -1.73 -12.61 -26.80
C LEU A 12 -2.49 -11.60 -25.95
N ALA A 13 -2.37 -11.73 -24.63
CA ALA A 13 -3.03 -10.81 -23.72
C ALA A 13 -2.03 -10.12 -22.82
N PHE A 14 -1.80 -8.84 -23.07
CA PHE A 14 -0.87 -8.08 -22.25
C PHE A 14 -1.17 -6.60 -22.37
N VAL A 15 -1.74 -6.04 -21.31
CA VAL A 15 -2.00 -4.62 -21.22
C VAL A 15 -1.81 -4.13 -19.78
N VAL A 16 -0.66 -3.52 -19.52
CA VAL A 16 -0.35 -3.04 -18.19
C VAL A 16 -0.20 -1.53 -18.18
N THR A 17 -1.31 -0.84 -17.97
CA THR A 17 -1.31 0.62 -17.91
C THR A 17 -2.24 1.12 -16.81
N ASN A 18 -2.54 0.25 -15.86
CA ASN A 18 -3.44 0.57 -14.77
C ASN A 18 -2.66 0.97 -13.52
N VAL A 19 -2.93 2.16 -13.02
CA VAL A 19 -2.26 2.65 -11.84
C VAL A 19 -3.28 3.09 -10.77
N TYR A 20 -3.09 2.59 -9.56
CA TYR A 20 -3.96 2.94 -8.45
C TYR A 20 -3.23 3.86 -7.49
N ALA A 21 -3.97 4.50 -6.60
CA ALA A 21 -3.40 5.49 -5.69
C ALA A 21 -3.29 4.93 -4.28
N ALA A 22 -2.20 5.29 -3.60
CA ALA A 22 -1.99 4.88 -2.22
C ALA A 22 -2.72 5.81 -1.25
N GLU A 23 -3.37 5.24 -0.25
CA GLU A 23 -4.09 6.02 0.75
C GLU A 23 -3.96 5.36 2.12
N ILE A 24 -4.13 6.15 3.17
CA ILE A 24 -4.09 5.66 4.55
C ILE A 24 -5.34 4.87 4.86
N MET A 25 -5.18 3.64 5.30
CA MET A 25 -6.33 2.81 5.66
C MET A 25 -6.45 2.71 7.17
N LYS A 26 -7.68 2.60 7.65
CA LYS A 26 -7.94 2.32 9.04
C LYS A 26 -7.25 1.01 9.42
N LYS A 27 -6.55 1.01 10.55
CA LYS A 27 -5.75 -0.15 10.97
C LYS A 27 -6.58 -1.42 10.99
N THR A 28 -7.83 -1.33 11.42
CA THR A 28 -8.71 -2.48 11.50
C THR A 28 -9.01 -3.03 10.11
N ASP A 29 -9.47 -2.17 9.21
CA ASP A 29 -9.75 -2.57 7.84
C ASP A 29 -8.47 -2.96 7.12
N PHE A 30 -7.41 -2.21 7.39
CA PHE A 30 -6.10 -2.50 6.83
C PHE A 30 -5.67 -3.94 7.10
N ASP A 31 -5.81 -4.39 8.34
CA ASP A 31 -5.42 -5.74 8.70
C ASP A 31 -6.28 -6.76 7.99
N LYS A 32 -7.55 -6.42 7.80
CA LYS A 32 -8.50 -7.30 7.18
C LYS A 32 -8.36 -7.33 5.66
N VAL A 33 -7.94 -6.21 5.07
CA VAL A 33 -7.69 -6.19 3.64
C VAL A 33 -6.27 -6.67 3.33
N ALA A 34 -5.39 -6.65 4.33
CA ALA A 34 -4.01 -7.11 4.16
C ALA A 34 -3.98 -8.58 3.75
N SER A 35 -5.05 -9.29 4.06
CA SER A 35 -5.20 -10.68 3.67
C SER A 35 -5.29 -10.80 2.14
N GLU A 36 -5.72 -9.72 1.50
CA GLU A 36 -5.84 -9.67 0.06
C GLU A 36 -4.94 -8.59 -0.52
N TYR A 37 -3.83 -8.36 0.15
CA TYR A 37 -2.86 -7.36 -0.27
C TYR A 37 -1.45 -7.91 -0.20
N THR A 38 -0.55 -7.25 -0.89
CA THR A 38 0.80 -7.75 -1.07
C THR A 38 1.80 -6.74 -0.51
N LYS A 39 2.95 -7.21 -0.09
CA LYS A 39 3.98 -6.37 0.48
C LYS A 39 5.01 -6.02 -0.57
N ILE A 40 5.16 -4.73 -0.83
CA ILE A 40 6.20 -4.26 -1.74
C ILE A 40 7.39 -3.71 -0.96
N GLY A 41 7.23 -3.67 0.36
CA GLY A 41 8.31 -3.25 1.23
C GLY A 41 7.86 -2.23 2.25
N THR A 42 8.69 -2.01 3.26
CA THR A 42 8.44 -0.97 4.24
C THR A 42 9.38 0.20 3.97
N ILE A 43 8.92 1.39 4.25
CA ILE A 43 9.72 2.59 4.02
C ILE A 43 10.07 3.24 5.35
N SER A 44 11.03 4.14 5.35
CA SER A 44 11.49 4.74 6.58
C SER A 44 12.02 6.16 6.38
N THR A 45 12.32 6.81 7.49
CA THR A 45 12.96 8.12 7.47
C THR A 45 14.24 8.06 8.29
N THR A 46 15.32 8.62 7.77
CA THR A 46 16.60 8.57 8.46
C THR A 46 17.21 9.95 8.61
N GLY A 47 17.97 10.14 9.68
CA GLY A 47 18.62 11.39 9.94
C GLY A 47 17.80 12.25 10.86
N GLU A 48 17.17 13.23 10.27
CA GLU A 48 16.36 14.20 10.99
C GLU A 48 15.43 14.93 10.01
N MET A 49 14.15 14.93 10.32
CA MET A 49 13.16 15.49 9.40
C MET A 49 12.08 16.24 10.17
N SER A 50 11.25 16.97 9.45
CA SER A 50 10.06 17.56 10.03
C SER A 50 8.94 16.52 9.96
N PRO A 51 8.06 16.44 10.97
CA PRO A 51 7.06 15.38 11.07
C PRO A 51 6.16 15.32 9.84
N LEU A 52 5.51 16.42 9.51
CA LEU A 52 4.58 16.46 8.40
C LEU A 52 5.33 16.37 7.07
N ASP A 53 6.53 16.92 7.03
CA ASP A 53 7.34 16.90 5.82
C ASP A 53 7.78 15.48 5.49
N ALA A 54 8.14 14.74 6.54
CA ALA A 54 8.52 13.35 6.39
C ALA A 54 7.30 12.51 6.01
N ARG A 55 6.15 12.83 6.58
CA ARG A 55 4.91 12.14 6.24
C ARG A 55 4.66 12.25 4.74
N GLU A 56 4.58 13.49 4.26
CA GLU A 56 4.29 13.75 2.87
C GLU A 56 5.34 13.15 1.96
N ASP A 57 6.59 13.15 2.39
CA ASP A 57 7.66 12.55 1.60
C ASP A 57 7.48 11.05 1.51
N LEU A 58 7.12 10.45 2.65
CA LEU A 58 6.87 9.02 2.73
C LEU A 58 5.66 8.62 1.91
N ILE A 59 4.58 9.39 2.05
CA ILE A 59 3.32 9.11 1.39
C ILE A 59 3.47 9.12 -0.13
N LYS A 60 4.09 10.17 -0.67
CA LYS A 60 4.27 10.28 -2.12
C LYS A 60 5.25 9.22 -2.63
N LYS A 61 6.28 8.95 -1.83
CA LYS A 61 7.30 7.97 -2.18
C LYS A 61 6.71 6.56 -2.27
N ALA A 62 5.87 6.22 -1.30
CA ALA A 62 5.19 4.93 -1.30
C ALA A 62 4.26 4.82 -2.51
N ASP A 63 3.52 5.88 -2.76
CA ASP A 63 2.63 5.93 -3.91
C ASP A 63 3.43 5.85 -5.21
N GLU A 64 4.58 6.51 -5.21
CA GLU A 64 5.49 6.51 -6.36
C GLU A 64 5.99 5.10 -6.68
N LYS A 65 6.19 4.30 -5.64
CA LYS A 65 6.64 2.93 -5.81
C LYS A 65 5.47 2.00 -6.10
N GLY A 66 4.28 2.57 -6.25
CA GLY A 66 3.13 1.80 -6.67
C GLY A 66 2.49 1.03 -5.52
N ALA A 67 1.92 1.77 -4.59
CA ALA A 67 1.21 1.18 -3.46
C ALA A 67 -0.28 1.50 -3.54
N ASP A 68 -1.08 0.70 -2.87
CA ASP A 68 -2.52 0.93 -2.81
C ASP A 68 -2.89 1.44 -1.43
N VAL A 69 -2.27 0.86 -0.42
CA VAL A 69 -2.52 1.24 0.95
C VAL A 69 -1.20 1.58 1.66
N VAL A 70 -1.22 2.65 2.45
CA VAL A 70 -0.04 3.05 3.21
C VAL A 70 -0.41 3.21 4.68
N VAL A 71 0.51 2.85 5.57
CA VAL A 71 0.26 3.00 7.00
C VAL A 71 1.47 3.62 7.68
N LEU A 72 1.23 4.69 8.42
CA LEU A 72 2.29 5.31 9.20
C LEU A 72 2.50 4.53 10.49
N THR A 73 3.36 3.53 10.41
CA THR A 73 3.63 2.65 11.51
C THR A 73 4.41 3.39 12.60
N SER A 74 5.34 4.22 12.17
CA SER A 74 6.11 5.08 13.06
C SER A 74 6.57 6.31 12.29
N GLY A 75 7.35 7.17 12.93
CA GLY A 75 7.82 8.37 12.27
C GLY A 75 6.95 9.57 12.58
N GLN A 76 6.00 9.37 13.47
CA GLN A 76 5.07 10.43 13.86
C GLN A 76 5.52 11.05 15.18
N THR A 77 6.83 11.04 15.41
CA THR A 77 7.39 11.62 16.62
C THR A 77 7.43 13.15 16.50
N GLU A 78 8.45 13.68 15.80
CA GLU A 78 8.58 15.11 15.56
C GLU A 78 9.80 15.39 14.68
N ASN A 79 10.95 15.67 15.28
CA ASN A 79 12.15 16.00 14.52
C ASN A 79 13.12 14.82 14.48
N LYS A 80 13.37 14.24 15.64
CA LYS A 80 14.30 13.11 15.78
C LYS A 80 13.64 11.80 15.31
N ILE A 81 12.96 11.87 14.18
CA ILE A 81 12.22 10.73 13.68
C ILE A 81 13.06 9.78 12.85
N HIS A 82 13.17 8.56 13.35
CA HIS A 82 13.73 7.45 12.61
C HIS A 82 12.63 6.42 12.40
N GLY A 83 11.56 6.85 11.74
CA GLY A 83 10.35 6.08 11.71
C GLY A 83 10.24 5.21 10.49
N THR A 84 9.19 4.40 10.47
CA THR A 84 8.94 3.45 9.39
C THR A 84 7.47 3.46 9.02
N ALA A 85 7.16 3.39 7.73
CA ALA A 85 5.79 3.28 7.28
C ALA A 85 5.63 2.04 6.44
N ASP A 86 4.58 1.27 6.71
CA ASP A 86 4.43 -0.03 6.07
C ASP A 86 3.34 0.03 5.02
N ILE A 87 3.69 -0.30 3.79
CA ILE A 87 2.79 -0.11 2.66
C ILE A 87 2.40 -1.43 2.01
N TYR A 88 1.24 -1.45 1.38
CA TYR A 88 0.70 -2.65 0.74
C TYR A 88 0.18 -2.34 -0.64
N LYS A 89 0.28 -3.33 -1.50
CA LYS A 89 -0.20 -3.23 -2.86
C LYS A 89 -1.38 -4.18 -3.05
N LYS A 90 -2.38 -3.74 -3.81
CA LYS A 90 -3.58 -4.54 -4.01
C LYS A 90 -3.27 -5.80 -4.83
N LYS A 91 -3.88 -6.91 -4.44
CA LYS A 91 -3.76 -8.14 -5.20
C LYS A 91 -4.72 -8.14 -6.38
N LEU A 92 -4.70 -9.21 -7.15
CA LEU A 92 -5.56 -9.30 -8.33
C LEU A 92 -6.90 -9.94 -7.99
N GLU A 93 -6.98 -10.46 -6.77
CA GLU A 93 -8.20 -11.08 -6.28
C GLU A 93 -8.64 -10.39 -4.99
N HIS A 94 -9.92 -10.56 -4.66
CA HIS A 94 -10.45 -10.06 -3.39
C HIS A 94 -11.75 -10.78 -3.05
N HIS A 95 -12.29 -10.49 -1.87
CA HIS A 95 -13.56 -11.06 -1.42
C HIS A 95 -14.68 -10.71 -2.38
N HIS A 96 -15.26 -11.74 -3.00
CA HIS A 96 -16.43 -11.59 -3.86
C HIS A 96 -16.20 -10.57 -4.98
N HIS A 97 -17.28 -10.05 -5.54
CA HIS A 97 -17.17 -8.97 -6.51
C HIS A 97 -18.17 -7.88 -6.18
N HIS A 98 -17.79 -7.02 -5.23
CA HIS A 98 -18.66 -5.94 -4.79
C HIS A 98 -17.82 -4.86 -4.09
N HIS A 99 -18.28 -3.62 -4.13
CA HIS A 99 -17.62 -2.54 -3.43
C HIS A 99 -18.67 -1.58 -2.88
N MET A 1 20.01 -21.17 -15.07
CA MET A 1 19.77 -22.21 -16.10
C MET A 1 18.39 -22.82 -15.92
N LYS A 2 17.49 -22.53 -16.86
CA LYS A 2 16.14 -23.09 -16.80
C LYS A 2 16.09 -24.47 -17.46
N THR A 3 16.76 -25.43 -16.85
CA THR A 3 16.80 -26.79 -17.34
C THR A 3 15.50 -27.51 -17.02
N GLY A 4 14.65 -27.66 -18.02
CA GLY A 4 13.37 -28.30 -17.81
C GLY A 4 12.23 -27.39 -18.22
N TYR A 5 11.82 -27.50 -19.47
CA TYR A 5 10.77 -26.64 -20.01
C TYR A 5 9.90 -27.42 -20.99
N LYS A 6 8.64 -27.61 -20.65
CA LYS A 6 7.73 -28.33 -21.53
C LYS A 6 7.29 -27.43 -22.67
N VAL A 7 7.64 -27.82 -23.89
CA VAL A 7 7.30 -27.04 -25.06
C VAL A 7 5.94 -27.45 -25.60
N MET A 8 4.94 -26.65 -25.31
CA MET A 8 3.58 -26.93 -25.74
C MET A 8 2.88 -25.65 -26.17
N LEU A 9 2.36 -25.66 -27.40
CA LEU A 9 1.66 -24.51 -27.94
C LEU A 9 0.44 -24.11 -27.09
N GLY A 10 0.10 -22.84 -27.15
CA GLY A 10 -1.04 -22.34 -26.40
C GLY A 10 -0.65 -21.22 -25.47
N ALA A 11 0.52 -20.63 -25.70
CA ALA A 11 1.02 -19.56 -24.86
C ALA A 11 0.36 -18.23 -25.21
N LEU A 12 -0.88 -18.08 -24.76
CA LEU A 12 -1.64 -16.85 -24.95
C LEU A 12 -2.41 -16.53 -23.68
N ALA A 13 -1.89 -15.57 -22.92
CA ALA A 13 -2.52 -15.12 -21.68
C ALA A 13 -1.88 -13.84 -21.19
N PHE A 14 -2.65 -12.77 -21.15
CA PHE A 14 -2.12 -11.48 -20.74
C PHE A 14 -2.96 -10.87 -19.63
N VAL A 15 -2.31 -10.52 -18.54
CA VAL A 15 -2.97 -9.87 -17.42
C VAL A 15 -2.01 -8.91 -16.72
N VAL A 16 -2.24 -7.62 -16.90
CA VAL A 16 -1.36 -6.61 -16.32
C VAL A 16 -2.02 -5.95 -15.09
N THR A 17 -1.24 -5.82 -14.03
CA THR A 17 -1.73 -5.22 -12.80
C THR A 17 -0.91 -3.98 -12.45
N ASN A 18 -1.58 -2.95 -11.94
CA ASN A 18 -0.92 -1.73 -11.48
C ASN A 18 -1.84 -0.97 -10.54
N VAL A 19 -1.26 -0.29 -9.57
CA VAL A 19 -2.05 0.49 -8.62
C VAL A 19 -1.25 1.69 -8.11
N TYR A 20 -1.87 2.86 -8.17
CA TYR A 20 -1.26 4.08 -7.65
C TYR A 20 -2.30 4.92 -6.94
N ALA A 21 -2.59 4.57 -5.69
CA ALA A 21 -3.59 5.26 -4.89
C ALA A 21 -3.43 4.91 -3.43
N ALA A 22 -2.27 5.25 -2.88
CA ALA A 22 -1.97 4.96 -1.48
C ALA A 22 -2.94 5.67 -0.54
N GLU A 23 -3.67 4.89 0.23
CA GLU A 23 -4.65 5.43 1.16
C GLU A 23 -4.44 4.84 2.55
N ILE A 24 -4.81 5.59 3.58
CA ILE A 24 -4.70 5.12 4.96
C ILE A 24 -5.93 4.29 5.32
N MET A 25 -5.70 3.10 5.86
CA MET A 25 -6.81 2.24 6.27
C MET A 25 -6.91 2.14 7.78
N LYS A 26 -8.12 1.90 8.27
CA LYS A 26 -8.34 1.63 9.67
C LYS A 26 -7.83 0.23 10.02
N LYS A 27 -7.78 -0.10 11.30
CA LYS A 27 -7.23 -1.37 11.74
C LYS A 27 -8.11 -2.53 11.29
N THR A 28 -9.42 -2.36 11.39
CA THR A 28 -10.35 -3.39 10.97
C THR A 28 -10.37 -3.54 9.46
N ASP A 29 -10.43 -2.40 8.76
CA ASP A 29 -10.40 -2.39 7.30
C ASP A 29 -9.09 -2.97 6.78
N PHE A 30 -7.98 -2.60 7.41
CA PHE A 30 -6.68 -3.08 7.00
C PHE A 30 -6.61 -4.60 7.14
N ASP A 31 -7.14 -5.13 8.23
CA ASP A 31 -7.13 -6.57 8.47
C ASP A 31 -7.96 -7.31 7.43
N LYS A 32 -9.00 -6.64 6.95
CA LYS A 32 -9.88 -7.21 5.96
C LYS A 32 -9.28 -7.09 4.56
N VAL A 33 -8.63 -5.97 4.28
CA VAL A 33 -8.04 -5.77 2.96
C VAL A 33 -6.70 -6.46 2.85
N ALA A 34 -6.02 -6.68 3.97
CA ALA A 34 -4.69 -7.31 3.96
C ALA A 34 -4.75 -8.69 3.31
N SER A 35 -5.93 -9.29 3.36
CA SER A 35 -6.16 -10.59 2.76
C SER A 35 -5.93 -10.54 1.24
N GLU A 36 -6.40 -9.46 0.60
CA GLU A 36 -6.23 -9.29 -0.84
C GLU A 36 -5.03 -8.40 -1.16
N TYR A 37 -4.05 -8.35 -0.27
CA TYR A 37 -2.94 -7.40 -0.43
C TYR A 37 -1.59 -8.09 -0.40
N THR A 38 -0.55 -7.34 -0.71
CA THR A 38 0.81 -7.86 -0.75
C THR A 38 1.81 -6.81 -0.26
N LYS A 39 2.60 -7.18 0.74
CA LYS A 39 3.65 -6.31 1.26
C LYS A 39 4.77 -6.16 0.24
N ILE A 40 5.14 -4.94 -0.07
CA ILE A 40 6.18 -4.67 -1.06
C ILE A 40 7.40 -4.02 -0.44
N GLY A 41 7.39 -3.86 0.87
CA GLY A 41 8.55 -3.34 1.56
C GLY A 41 8.25 -2.10 2.38
N THR A 42 9.16 -1.76 3.27
CA THR A 42 8.98 -0.63 4.16
C THR A 42 9.85 0.55 3.72
N ILE A 43 9.41 1.74 4.06
CA ILE A 43 10.18 2.95 3.79
C ILE A 43 10.60 3.57 5.11
N SER A 44 11.55 4.49 5.09
CA SER A 44 12.12 5.04 6.32
C SER A 44 12.50 6.51 6.14
N THR A 45 12.74 7.18 7.26
CA THR A 45 13.08 8.59 7.27
C THR A 45 14.22 8.89 8.23
N THR A 46 15.01 9.90 7.88
CA THR A 46 16.06 10.42 8.75
C THR A 46 16.78 11.57 8.06
N GLY A 47 17.38 12.46 8.85
CA GLY A 47 18.08 13.59 8.30
C GLY A 47 18.04 14.77 9.24
N GLU A 48 17.29 15.80 8.85
CA GLU A 48 17.10 16.97 9.69
C GLU A 48 15.97 17.82 9.13
N MET A 49 15.01 17.15 8.52
CA MET A 49 13.89 17.83 7.88
C MET A 49 12.74 17.98 8.87
N SER A 50 11.75 18.78 8.51
CA SER A 50 10.57 18.95 9.34
C SER A 50 9.79 17.63 9.38
N PRO A 51 9.19 17.29 10.53
CA PRO A 51 8.52 16.00 10.70
C PRO A 51 7.31 15.83 9.75
N LEU A 52 6.67 16.94 9.39
CA LEU A 52 5.60 16.91 8.39
C LEU A 52 6.20 16.76 6.99
N ASP A 53 7.27 17.50 6.75
CA ASP A 53 7.93 17.52 5.45
C ASP A 53 8.49 16.15 5.09
N ALA A 54 9.04 15.46 6.09
CA ALA A 54 9.57 14.11 5.87
C ALA A 54 8.43 13.12 5.67
N ARG A 55 7.29 13.37 6.30
CA ARG A 55 6.13 12.50 6.18
C ARG A 55 5.58 12.53 4.76
N GLU A 56 5.36 13.73 4.23
CA GLU A 56 4.80 13.86 2.89
C GLU A 56 5.77 13.32 1.84
N ASP A 57 7.06 13.35 2.17
CA ASP A 57 8.09 12.77 1.31
C ASP A 57 7.91 11.25 1.24
N LEU A 58 7.66 10.66 2.41
CA LEU A 58 7.35 9.24 2.49
C LEU A 58 6.04 8.93 1.78
N ILE A 59 5.01 9.70 2.11
CA ILE A 59 3.66 9.48 1.59
C ILE A 59 3.64 9.49 0.06
N LYS A 60 4.33 10.45 -0.54
CA LYS A 60 4.34 10.53 -2.00
C LYS A 60 5.19 9.42 -2.60
N LYS A 61 6.25 9.04 -1.89
CA LYS A 61 7.17 8.03 -2.37
C LYS A 61 6.58 6.64 -2.33
N ALA A 62 5.85 6.38 -1.27
CA ALA A 62 5.09 5.14 -1.14
C ALA A 62 4.14 5.00 -2.33
N ASP A 63 3.46 6.09 -2.66
CA ASP A 63 2.52 6.12 -3.78
C ASP A 63 3.28 6.06 -5.11
N GLU A 64 4.48 6.66 -5.13
CA GLU A 64 5.32 6.67 -6.33
C GLU A 64 5.71 5.26 -6.76
N LYS A 65 6.07 4.41 -5.80
CA LYS A 65 6.48 3.05 -6.13
C LYS A 65 5.27 2.17 -6.39
N GLY A 66 4.10 2.65 -6.00
CA GLY A 66 2.87 1.92 -6.28
C GLY A 66 2.33 1.19 -5.06
N ALA A 67 1.66 1.94 -4.21
CA ALA A 67 1.03 1.36 -3.02
C ALA A 67 -0.47 1.57 -3.07
N ASP A 68 -1.20 0.62 -2.53
CA ASP A 68 -2.64 0.72 -2.44
C ASP A 68 -3.01 1.28 -1.07
N VAL A 69 -2.45 0.65 -0.04
CA VAL A 69 -2.67 1.09 1.34
C VAL A 69 -1.33 1.27 2.04
N VAL A 70 -1.23 2.31 2.86
CA VAL A 70 0.01 2.56 3.57
C VAL A 70 -0.23 2.52 5.08
N VAL A 71 0.73 1.99 5.81
CA VAL A 71 0.64 1.92 7.26
C VAL A 71 1.78 2.71 7.88
N LEU A 72 1.45 3.88 8.41
CA LEU A 72 2.45 4.74 9.00
C LEU A 72 2.84 4.27 10.39
N THR A 73 3.88 3.46 10.47
CA THR A 73 4.43 3.07 11.75
C THR A 73 5.06 4.29 12.41
N SER A 74 5.60 5.17 11.56
CA SER A 74 6.14 6.47 11.94
C SER A 74 7.30 6.37 12.93
N GLY A 75 8.07 7.43 13.03
CA GLY A 75 9.15 7.48 13.98
C GLY A 75 8.71 7.99 15.32
N GLN A 76 7.81 8.98 15.33
CA GLN A 76 7.38 9.64 16.56
C GLN A 76 8.58 10.29 17.23
N THR A 77 9.51 10.73 16.39
CA THR A 77 10.77 11.27 16.84
C THR A 77 10.66 12.78 17.09
N GLU A 78 9.80 13.43 16.30
CA GLU A 78 9.56 14.88 16.39
C GLU A 78 10.75 15.72 15.90
N ASN A 79 11.93 15.44 16.44
CA ASN A 79 13.16 16.16 16.11
C ASN A 79 13.41 16.19 14.61
N LYS A 80 13.79 15.05 14.05
CA LYS A 80 14.09 14.95 12.63
C LYS A 80 13.54 13.65 12.05
N ILE A 81 12.83 12.93 12.91
CA ILE A 81 12.28 11.60 12.60
C ILE A 81 13.39 10.58 12.31
N HIS A 82 13.06 9.32 12.54
CA HIS A 82 13.97 8.22 12.26
C HIS A 82 13.12 6.96 12.12
N GLY A 83 11.87 7.16 11.71
CA GLY A 83 10.92 6.07 11.70
C GLY A 83 10.68 5.52 10.32
N THR A 84 9.58 4.79 10.20
CA THR A 84 9.30 4.04 8.98
C THR A 84 7.83 4.16 8.57
N ALA A 85 7.51 3.51 7.46
CA ALA A 85 6.14 3.31 7.04
C ALA A 85 6.08 2.08 6.15
N ASP A 86 5.12 1.20 6.39
CA ASP A 86 5.08 -0.07 5.67
C ASP A 86 3.88 -0.08 4.75
N ILE A 87 4.11 -0.38 3.50
CA ILE A 87 3.08 -0.23 2.49
C ILE A 87 2.71 -1.57 1.85
N TYR A 88 1.47 -1.64 1.38
CA TYR A 88 0.95 -2.84 0.74
C TYR A 88 0.28 -2.48 -0.57
N LYS A 89 0.39 -3.36 -1.54
CA LYS A 89 -0.35 -3.20 -2.78
C LYS A 89 -1.44 -4.24 -2.83
N LYS A 90 -2.39 -4.07 -3.73
CA LYS A 90 -3.45 -5.04 -3.90
C LYS A 90 -2.94 -6.25 -4.69
N LYS A 91 -3.40 -7.44 -4.31
CA LYS A 91 -3.00 -8.68 -5.00
C LYS A 91 -3.52 -8.70 -6.43
N LEU A 92 -3.18 -9.74 -7.17
CA LEU A 92 -3.68 -9.89 -8.52
C LEU A 92 -5.03 -10.57 -8.49
N GLU A 93 -5.26 -11.32 -7.43
CA GLU A 93 -6.57 -11.92 -7.16
C GLU A 93 -7.45 -10.90 -6.47
N HIS A 94 -8.35 -10.29 -7.21
CA HIS A 94 -9.11 -9.16 -6.69
C HIS A 94 -10.52 -9.15 -7.26
N HIS A 95 -11.28 -8.10 -6.92
CA HIS A 95 -12.60 -7.87 -7.49
C HIS A 95 -13.57 -8.97 -7.04
N HIS A 96 -13.91 -8.95 -5.76
CA HIS A 96 -14.76 -10.01 -5.18
C HIS A 96 -16.18 -9.48 -4.93
N HIS A 97 -16.55 -8.46 -5.71
CA HIS A 97 -17.85 -7.79 -5.59
C HIS A 97 -17.87 -6.84 -4.40
N HIS A 98 -18.45 -5.66 -4.61
CA HIS A 98 -18.73 -4.71 -3.54
C HIS A 98 -19.58 -3.57 -4.08
N HIS A 99 -20.18 -2.80 -3.20
CA HIS A 99 -20.98 -1.66 -3.62
C HIS A 99 -20.86 -0.54 -2.60
N MET A 1 -18.89 -49.09 -14.03
CA MET A 1 -19.52 -47.76 -13.92
C MET A 1 -19.38 -47.21 -12.51
N LYS A 2 -18.25 -46.55 -12.26
CA LYS A 2 -17.99 -45.88 -10.99
C LYS A 2 -16.69 -45.09 -11.05
N THR A 3 -16.82 -43.77 -10.97
CA THR A 3 -15.65 -42.89 -10.98
C THR A 3 -15.98 -41.59 -10.26
N GLY A 4 -15.10 -41.18 -9.36
CA GLY A 4 -15.30 -39.94 -8.64
C GLY A 4 -14.36 -39.78 -7.47
N TYR A 5 -13.61 -38.69 -7.47
CA TYR A 5 -12.75 -38.34 -6.36
C TYR A 5 -13.48 -37.44 -5.37
N LYS A 6 -12.98 -37.36 -4.16
CA LYS A 6 -13.61 -36.57 -3.11
C LYS A 6 -12.94 -35.20 -3.02
N VAL A 7 -13.58 -34.20 -3.58
CA VAL A 7 -13.04 -32.86 -3.61
C VAL A 7 -13.87 -31.92 -2.74
N MET A 8 -13.19 -31.14 -1.90
CA MET A 8 -13.85 -30.14 -1.08
C MET A 8 -12.87 -29.01 -0.75
N LEU A 9 -12.84 -28.01 -1.61
CA LEU A 9 -11.94 -26.87 -1.43
C LEU A 9 -12.73 -25.58 -1.48
N GLY A 10 -13.41 -25.27 -0.39
CA GLY A 10 -14.19 -24.05 -0.33
C GLY A 10 -13.49 -22.96 0.44
N ALA A 11 -13.62 -21.73 -0.04
CA ALA A 11 -13.02 -20.59 0.62
C ALA A 11 -13.76 -19.31 0.27
N LEU A 12 -14.53 -18.80 1.21
CA LEU A 12 -15.23 -17.55 1.01
C LEU A 12 -14.35 -16.38 1.42
N ALA A 13 -13.53 -15.93 0.49
CA ALA A 13 -12.66 -14.80 0.70
C ALA A 13 -12.63 -13.94 -0.54
N PHE A 14 -13.39 -12.86 -0.51
CA PHE A 14 -13.50 -11.96 -1.65
C PHE A 14 -13.90 -10.57 -1.18
N VAL A 15 -12.93 -9.68 -1.12
CA VAL A 15 -13.19 -8.30 -0.67
C VAL A 15 -13.06 -7.32 -1.83
N VAL A 16 -13.97 -6.36 -1.88
CA VAL A 16 -13.93 -5.33 -2.91
C VAL A 16 -13.84 -3.96 -2.26
N THR A 17 -12.66 -3.38 -2.28
CA THR A 17 -12.44 -2.07 -1.70
C THR A 17 -11.65 -1.18 -2.65
N ASN A 18 -11.75 0.12 -2.47
CA ASN A 18 -10.99 1.06 -3.27
C ASN A 18 -10.43 2.17 -2.40
N VAL A 19 -9.15 2.07 -2.09
CA VAL A 19 -8.46 3.07 -1.29
C VAL A 19 -7.85 4.13 -2.20
N TYR A 20 -7.69 5.34 -1.67
CA TYR A 20 -7.05 6.42 -2.42
C TYR A 20 -5.57 6.11 -2.66
N ALA A 21 -4.93 6.90 -3.51
CA ALA A 21 -3.54 6.65 -3.88
C ALA A 21 -2.60 6.91 -2.71
N ALA A 22 -2.27 5.83 -1.99
CA ALA A 22 -1.32 5.86 -0.89
C ALA A 22 -1.80 6.73 0.26
N GLU A 23 -2.66 6.16 1.10
CA GLU A 23 -3.11 6.82 2.33
C GLU A 23 -3.35 5.81 3.44
N ILE A 24 -3.75 6.30 4.60
CA ILE A 24 -4.01 5.45 5.76
C ILE A 24 -5.44 4.90 5.70
N MET A 25 -5.63 3.68 6.18
CA MET A 25 -6.96 3.09 6.25
C MET A 25 -7.25 2.56 7.65
N LYS A 26 -8.52 2.30 7.93
CA LYS A 26 -8.93 1.71 9.19
C LYS A 26 -8.30 0.34 9.35
N LYS A 27 -7.86 0.02 10.55
CA LYS A 27 -7.09 -1.21 10.79
C LYS A 27 -7.98 -2.44 10.70
N THR A 28 -9.26 -2.28 10.95
CA THR A 28 -10.21 -3.38 10.80
C THR A 28 -10.31 -3.79 9.34
N ASP A 29 -10.52 -2.82 8.47
CA ASP A 29 -10.55 -3.07 7.04
C ASP A 29 -9.18 -3.49 6.57
N PHE A 30 -8.14 -2.83 7.10
CA PHE A 30 -6.77 -3.14 6.74
C PHE A 30 -6.45 -4.62 6.95
N ASP A 31 -6.84 -5.15 8.08
CA ASP A 31 -6.57 -6.56 8.39
C ASP A 31 -7.34 -7.48 7.45
N LYS A 32 -8.52 -7.05 7.05
CA LYS A 32 -9.38 -7.84 6.19
C LYS A 32 -9.01 -7.70 4.72
N VAL A 33 -8.47 -6.55 4.34
CA VAL A 33 -8.03 -6.35 2.96
C VAL A 33 -6.60 -6.86 2.76
N ALA A 34 -5.86 -7.02 3.87
CA ALA A 34 -4.50 -7.56 3.81
C ALA A 34 -4.49 -8.92 3.14
N SER A 35 -5.63 -9.59 3.23
CA SER A 35 -5.83 -10.89 2.60
C SER A 35 -5.65 -10.80 1.08
N GLU A 36 -6.19 -9.74 0.46
CA GLU A 36 -6.15 -9.60 -0.98
C GLU A 36 -5.42 -8.33 -1.39
N TYR A 37 -4.38 -8.05 -0.64
CA TYR A 37 -3.46 -6.95 -0.94
C TYR A 37 -2.03 -7.51 -0.96
N THR A 38 -1.03 -6.67 -1.14
CA THR A 38 0.34 -7.16 -1.28
C THR A 38 1.33 -6.32 -0.47
N LYS A 39 2.22 -7.01 0.22
CA LYS A 39 3.32 -6.36 0.90
C LYS A 39 4.40 -6.00 -0.11
N ILE A 40 4.74 -4.72 -0.18
CA ILE A 40 5.77 -4.27 -1.11
C ILE A 40 6.97 -3.70 -0.37
N GLY A 41 6.94 -3.81 0.95
CA GLY A 41 8.09 -3.46 1.74
C GLY A 41 7.85 -2.27 2.65
N THR A 42 8.83 -1.97 3.48
CA THR A 42 8.76 -0.83 4.38
C THR A 42 9.63 0.30 3.86
N ILE A 43 9.25 1.52 4.19
CA ILE A 43 10.03 2.70 3.83
C ILE A 43 10.34 3.50 5.08
N SER A 44 11.29 4.41 4.98
CA SER A 44 11.69 5.18 6.13
C SER A 44 11.99 6.63 5.76
N THR A 45 12.37 7.41 6.76
CA THR A 45 12.75 8.79 6.54
C THR A 45 14.12 9.08 7.14
N THR A 46 14.98 9.71 6.36
CA THR A 46 16.32 10.04 6.81
C THR A 46 16.57 11.53 6.66
N GLY A 47 17.58 12.03 7.35
CA GLY A 47 17.90 13.44 7.28
C GLY A 47 17.25 14.26 8.36
N GLU A 48 16.13 13.73 8.86
CA GLU A 48 15.37 14.35 9.93
C GLU A 48 14.83 15.72 9.53
N MET A 49 13.60 15.72 9.03
CA MET A 49 12.95 16.95 8.59
C MET A 49 11.68 17.17 9.39
N SER A 50 10.94 18.22 9.07
CA SER A 50 9.66 18.49 9.71
C SER A 50 8.71 17.31 9.45
N PRO A 51 7.82 17.00 10.41
CA PRO A 51 6.98 15.82 10.36
C PRO A 51 6.08 15.77 9.12
N LEU A 52 5.52 16.93 8.77
CA LEU A 52 4.66 17.02 7.61
C LEU A 52 5.48 16.79 6.33
N ASP A 53 6.67 17.37 6.28
CA ASP A 53 7.56 17.19 5.14
C ASP A 53 7.97 15.72 5.01
N ALA A 54 8.28 15.11 6.14
CA ALA A 54 8.64 13.70 6.17
C ALA A 54 7.46 12.82 5.75
N ARG A 55 6.25 13.24 6.13
CA ARG A 55 5.05 12.55 5.72
C ARG A 55 4.94 12.53 4.21
N GLU A 56 5.11 13.69 3.59
CA GLU A 56 5.00 13.80 2.15
C GLU A 56 6.05 12.95 1.45
N ASP A 57 7.22 12.85 2.06
CA ASP A 57 8.29 12.01 1.53
C ASP A 57 7.87 10.56 1.58
N LEU A 58 7.31 10.15 2.70
CA LEU A 58 6.82 8.79 2.88
C LEU A 58 5.68 8.49 1.91
N ILE A 59 4.70 9.38 1.90
CA ILE A 59 3.50 9.22 1.09
C ILE A 59 3.85 9.15 -0.40
N LYS A 60 4.65 10.10 -0.86
CA LYS A 60 4.99 10.17 -2.28
C LYS A 60 5.96 9.07 -2.67
N LYS A 61 6.84 8.67 -1.77
CA LYS A 61 7.76 7.57 -2.03
C LYS A 61 6.99 6.25 -2.15
N ALA A 62 6.04 6.07 -1.25
CA ALA A 62 5.13 4.93 -1.33
C ALA A 62 4.34 4.97 -2.63
N ASP A 63 3.74 6.13 -2.91
CA ASP A 63 2.99 6.36 -4.14
C ASP A 63 3.85 6.11 -5.37
N GLU A 64 5.08 6.59 -5.32
CA GLU A 64 6.03 6.40 -6.41
C GLU A 64 6.40 4.93 -6.60
N LYS A 65 6.31 4.15 -5.53
CA LYS A 65 6.58 2.73 -5.62
C LYS A 65 5.28 1.95 -5.83
N GLY A 66 4.20 2.70 -6.00
CA GLY A 66 2.94 2.10 -6.40
C GLY A 66 2.06 1.69 -5.23
N ALA A 67 2.40 2.11 -4.02
CA ALA A 67 1.66 1.70 -2.83
C ALA A 67 0.25 2.28 -2.82
N ASP A 68 -0.66 1.51 -2.25
CA ASP A 68 -2.06 1.91 -2.13
C ASP A 68 -2.36 2.33 -0.70
N VAL A 69 -1.89 1.54 0.24
CA VAL A 69 -2.14 1.82 1.65
C VAL A 69 -0.82 2.02 2.38
N VAL A 70 -0.77 3.01 3.26
CA VAL A 70 0.43 3.24 4.06
C VAL A 70 0.11 3.04 5.53
N VAL A 71 1.06 2.50 6.30
CA VAL A 71 0.83 2.25 7.71
C VAL A 71 2.04 2.72 8.54
N LEU A 72 1.77 3.57 9.52
CA LEU A 72 2.83 4.03 10.41
C LEU A 72 2.99 3.05 11.58
N THR A 73 3.92 2.13 11.42
CA THR A 73 4.18 1.11 12.43
C THR A 73 5.14 1.61 13.49
N SER A 74 6.03 2.51 13.10
CA SER A 74 6.97 3.11 14.04
C SER A 74 6.32 4.30 14.73
N GLY A 75 7.13 5.26 15.10
CA GLY A 75 6.62 6.43 15.77
C GLY A 75 6.96 7.69 15.02
N GLN A 76 7.07 8.77 15.77
CA GLN A 76 7.34 10.09 15.22
C GLN A 76 7.44 11.11 16.34
N THR A 77 8.66 11.53 16.64
CA THR A 77 8.89 12.56 17.63
C THR A 77 8.21 13.87 17.18
N GLU A 78 8.87 14.59 16.27
CA GLU A 78 8.30 15.80 15.68
C GLU A 78 9.32 16.50 14.79
N ASN A 79 10.18 17.31 15.41
CA ASN A 79 11.10 18.17 14.68
C ASN A 79 12.12 17.34 13.91
N LYS A 80 12.47 16.19 14.47
CA LYS A 80 13.37 15.26 13.81
C LYS A 80 12.84 13.86 14.01
N ILE A 81 12.92 13.06 12.97
CA ILE A 81 12.40 11.70 12.99
C ILE A 81 13.15 10.80 12.03
N HIS A 82 13.20 9.52 12.36
CA HIS A 82 13.68 8.49 11.46
C HIS A 82 12.59 7.45 11.27
N GLY A 83 11.34 7.92 11.32
CA GLY A 83 10.19 7.04 11.30
C GLY A 83 10.12 6.15 10.08
N THR A 84 9.49 5.01 10.24
CA THR A 84 9.37 4.03 9.16
C THR A 84 7.90 3.72 8.90
N ALA A 85 7.51 3.68 7.63
CA ALA A 85 6.14 3.36 7.28
C ALA A 85 6.10 2.11 6.44
N ASP A 86 5.21 1.20 6.78
CA ASP A 86 5.09 -0.06 6.05
C ASP A 86 3.91 0.05 5.10
N ILE A 87 4.14 -0.25 3.84
CA ILE A 87 3.13 0.03 2.84
C ILE A 87 2.58 -1.23 2.20
N TYR A 88 1.35 -1.14 1.74
CA TYR A 88 0.66 -2.23 1.10
C TYR A 88 0.15 -1.82 -0.26
N LYS A 89 0.08 -2.77 -1.15
CA LYS A 89 -0.33 -2.54 -2.52
C LYS A 89 -1.62 -3.29 -2.82
N LYS A 90 -2.51 -2.66 -3.56
CA LYS A 90 -3.75 -3.30 -3.98
C LYS A 90 -3.45 -4.37 -5.02
N LYS A 91 -4.04 -5.54 -4.85
CA LYS A 91 -3.84 -6.62 -5.79
C LYS A 91 -4.69 -6.43 -7.03
N LEU A 92 -4.46 -7.29 -8.00
CA LEU A 92 -5.30 -7.36 -9.19
C LEU A 92 -6.23 -8.55 -9.02
N GLU A 93 -6.11 -9.16 -7.85
CA GLU A 93 -6.84 -10.35 -7.50
C GLU A 93 -8.22 -9.98 -6.96
N HIS A 94 -9.12 -9.72 -7.89
CA HIS A 94 -10.51 -9.39 -7.59
C HIS A 94 -11.27 -9.20 -8.90
N HIS A 95 -12.58 -9.08 -8.83
CA HIS A 95 -13.39 -8.89 -10.02
C HIS A 95 -13.67 -7.41 -10.24
N HIS A 96 -13.49 -6.97 -11.48
CA HIS A 96 -13.63 -5.57 -11.89
C HIS A 96 -15.02 -5.04 -11.53
N HIS A 97 -15.06 -3.86 -10.92
CA HIS A 97 -16.32 -3.25 -10.48
C HIS A 97 -17.07 -2.70 -11.70
N HIS A 98 -18.38 -2.93 -11.72
CA HIS A 98 -19.22 -2.60 -12.89
C HIS A 98 -19.09 -1.13 -13.32
N HIS A 99 -18.60 -0.95 -14.55
CA HIS A 99 -18.59 0.35 -15.22
C HIS A 99 -17.74 0.26 -16.48
N MET A 1 -4.12 26.99 -64.23
CA MET A 1 -3.78 27.69 -62.97
C MET A 1 -4.72 27.24 -61.86
N LYS A 2 -4.32 27.52 -60.61
CA LYS A 2 -5.14 27.23 -59.44
C LYS A 2 -5.40 25.73 -59.31
N THR A 3 -4.46 25.02 -58.68
CA THR A 3 -4.59 23.58 -58.51
C THR A 3 -3.52 23.03 -57.56
N GLY A 4 -2.80 23.93 -56.88
CA GLY A 4 -1.71 23.51 -56.01
C GLY A 4 -2.20 23.08 -54.63
N TYR A 5 -3.00 22.03 -54.60
CA TYR A 5 -3.55 21.53 -53.34
C TYR A 5 -2.90 20.20 -52.98
N LYS A 6 -2.44 20.09 -51.75
CA LYS A 6 -1.82 18.87 -51.25
C LYS A 6 -2.61 18.31 -50.09
N VAL A 7 -2.95 17.04 -50.15
CA VAL A 7 -3.74 16.41 -49.10
C VAL A 7 -2.84 15.66 -48.11
N MET A 8 -3.06 15.91 -46.82
CA MET A 8 -2.31 15.26 -45.76
C MET A 8 -3.06 15.38 -44.44
N LEU A 9 -2.89 14.42 -43.55
CA LEU A 9 -3.53 14.46 -42.23
C LEU A 9 -2.52 14.11 -41.15
N GLY A 10 -1.94 12.91 -41.22
CA GLY A 10 -0.96 12.51 -40.24
C GLY A 10 -1.55 11.63 -39.15
N ALA A 11 -0.87 11.54 -38.02
CA ALA A 11 -1.35 10.74 -36.90
C ALA A 11 -0.96 11.40 -35.58
N LEU A 12 -1.79 11.23 -34.57
CA LEU A 12 -1.55 11.83 -33.27
C LEU A 12 -2.10 10.95 -32.16
N ALA A 13 -1.42 11.00 -31.00
CA ALA A 13 -1.86 10.26 -29.83
C ALA A 13 -1.10 10.76 -28.60
N PHE A 14 -1.76 11.58 -27.79
CA PHE A 14 -1.15 12.15 -26.60
C PHE A 14 -1.92 11.75 -25.36
N VAL A 15 -1.46 10.69 -24.70
CA VAL A 15 -2.09 10.20 -23.48
C VAL A 15 -1.31 8.99 -22.94
N VAL A 16 -0.97 9.03 -21.65
CA VAL A 16 -0.29 7.93 -21.01
C VAL A 16 -1.15 7.35 -19.88
N THR A 17 -1.75 8.24 -19.10
CA THR A 17 -2.58 7.85 -17.95
C THR A 17 -1.80 6.98 -16.96
N ASN A 18 -0.94 7.62 -16.18
CA ASN A 18 -0.23 6.92 -15.11
C ASN A 18 -0.99 7.09 -13.81
N VAL A 19 -1.11 6.02 -13.04
CA VAL A 19 -1.94 6.05 -11.86
C VAL A 19 -1.17 5.68 -10.60
N TYR A 20 -1.43 6.43 -9.54
CA TYR A 20 -0.91 6.16 -8.21
C TYR A 20 -1.79 6.88 -7.20
N ALA A 21 -2.18 6.20 -6.13
CA ALA A 21 -3.13 6.76 -5.19
C ALA A 21 -3.08 6.06 -3.84
N ALA A 22 -1.91 6.05 -3.23
CA ALA A 22 -1.73 5.47 -1.91
C ALA A 22 -2.58 6.19 -0.88
N GLU A 23 -3.37 5.43 -0.12
CA GLU A 23 -4.26 6.02 0.89
C GLU A 23 -4.13 5.27 2.23
N ILE A 24 -4.51 5.96 3.30
CA ILE A 24 -4.46 5.38 4.65
C ILE A 24 -5.73 4.58 4.93
N MET A 25 -5.60 3.47 5.67
CA MET A 25 -6.74 2.63 6.01
C MET A 25 -6.80 2.37 7.51
N LYS A 26 -7.99 2.07 8.03
CA LYS A 26 -8.18 1.82 9.45
C LYS A 26 -7.57 0.48 9.86
N LYS A 27 -7.21 0.37 11.13
CA LYS A 27 -6.57 -0.82 11.67
C LYS A 27 -7.35 -2.09 11.35
N THR A 28 -8.65 -2.09 11.68
CA THR A 28 -9.47 -3.28 11.52
C THR A 28 -9.60 -3.68 10.05
N ASP A 29 -9.94 -2.72 9.22
CA ASP A 29 -10.16 -2.99 7.80
C ASP A 29 -8.83 -3.30 7.12
N PHE A 30 -7.77 -2.63 7.55
CA PHE A 30 -6.43 -2.88 7.02
C PHE A 30 -6.00 -4.30 7.34
N ASP A 31 -6.28 -4.74 8.56
CA ASP A 31 -5.95 -6.10 8.98
C ASP A 31 -6.71 -7.13 8.15
N LYS A 32 -7.90 -6.74 7.71
CA LYS A 32 -8.73 -7.61 6.91
C LYS A 32 -8.30 -7.58 5.45
N VAL A 33 -7.93 -6.40 4.96
CA VAL A 33 -7.51 -6.27 3.57
C VAL A 33 -6.03 -6.62 3.39
N ALA A 34 -5.31 -6.77 4.50
CA ALA A 34 -3.91 -7.20 4.43
C ALA A 34 -3.84 -8.61 3.87
N SER A 35 -4.93 -9.34 4.05
CA SER A 35 -5.06 -10.69 3.50
C SER A 35 -5.35 -10.61 2.00
N GLU A 36 -5.98 -9.51 1.59
CA GLU A 36 -6.37 -9.30 0.20
C GLU A 36 -5.31 -8.50 -0.54
N TYR A 37 -4.26 -8.11 0.16
CA TYR A 37 -3.22 -7.25 -0.41
C TYR A 37 -1.86 -7.93 -0.37
N THR A 38 -0.83 -7.23 -0.84
CA THR A 38 0.52 -7.74 -0.86
C THR A 38 1.52 -6.63 -0.58
N LYS A 39 2.38 -6.84 0.41
CA LYS A 39 3.38 -5.83 0.78
C LYS A 39 4.56 -5.87 -0.18
N ILE A 40 4.92 -4.71 -0.72
CA ILE A 40 6.04 -4.60 -1.64
C ILE A 40 7.32 -4.20 -0.90
N GLY A 41 7.15 -3.76 0.34
CA GLY A 41 8.29 -3.38 1.15
C GLY A 41 7.93 -2.30 2.14
N THR A 42 8.77 -2.12 3.15
CA THR A 42 8.58 -1.09 4.14
C THR A 42 9.57 0.04 3.92
N ILE A 43 9.17 1.25 4.25
CA ILE A 43 10.03 2.41 4.09
C ILE A 43 10.32 3.02 5.45
N SER A 44 11.32 3.87 5.52
CA SER A 44 11.72 4.48 6.77
C SER A 44 12.38 5.83 6.55
N THR A 45 12.66 6.52 7.64
CA THR A 45 13.33 7.81 7.60
C THR A 45 14.42 7.90 8.66
N THR A 46 15.56 8.46 8.28
CA THR A 46 16.59 8.81 9.24
C THR A 46 17.27 10.10 8.81
N GLY A 47 16.85 11.18 9.40
CA GLY A 47 17.45 12.45 9.10
C GLY A 47 16.80 13.58 9.85
N GLU A 48 16.57 14.67 9.16
CA GLU A 48 16.02 15.87 9.78
C GLU A 48 15.32 16.77 8.75
N MET A 49 14.02 16.60 8.67
CA MET A 49 13.19 17.40 7.79
C MET A 49 11.98 17.89 8.57
N SER A 50 11.12 18.68 7.95
CA SER A 50 9.90 19.12 8.62
C SER A 50 8.99 17.90 8.86
N PRO A 51 8.28 17.87 10.00
CA PRO A 51 7.48 16.70 10.39
C PRO A 51 6.43 16.30 9.36
N LEU A 52 5.67 17.27 8.87
CA LEU A 52 4.65 17.00 7.86
C LEU A 52 5.30 16.77 6.51
N ASP A 53 6.36 17.53 6.24
CA ASP A 53 7.03 17.46 4.94
C ASP A 53 7.72 16.12 4.74
N ALA A 54 8.32 15.61 5.81
CA ALA A 54 8.99 14.32 5.76
C ALA A 54 7.98 13.20 5.67
N ARG A 55 6.82 13.39 6.31
CA ARG A 55 5.74 12.42 6.23
C ARG A 55 5.22 12.36 4.81
N GLU A 56 4.95 13.51 4.22
CA GLU A 56 4.51 13.59 2.84
C GLU A 56 5.56 13.01 1.90
N ASP A 57 6.82 13.21 2.24
CA ASP A 57 7.91 12.66 1.43
C ASP A 57 7.85 11.14 1.45
N LEU A 58 7.61 10.59 2.63
CA LEU A 58 7.46 9.14 2.80
C LEU A 58 6.22 8.64 2.05
N ILE A 59 5.09 9.29 2.32
CA ILE A 59 3.81 8.90 1.76
C ILE A 59 3.82 8.97 0.23
N LYS A 60 4.30 10.10 -0.29
CA LYS A 60 4.31 10.33 -1.73
C LYS A 60 5.31 9.42 -2.44
N LYS A 61 6.43 9.11 -1.78
CA LYS A 61 7.44 8.25 -2.37
C LYS A 61 6.95 6.81 -2.46
N ALA A 62 6.31 6.34 -1.40
CA ALA A 62 5.64 5.03 -1.43
C ALA A 62 4.53 5.03 -2.48
N ASP A 63 3.80 6.14 -2.52
CA ASP A 63 2.75 6.36 -3.53
C ASP A 63 3.35 6.29 -4.94
N GLU A 64 4.52 6.91 -5.08
CA GLU A 64 5.24 6.96 -6.34
C GLU A 64 5.76 5.59 -6.76
N LYS A 65 6.19 4.80 -5.78
CA LYS A 65 6.71 3.47 -6.03
C LYS A 65 5.59 2.55 -6.52
N GLY A 66 4.36 2.89 -6.15
CA GLY A 66 3.23 2.11 -6.59
C GLY A 66 2.55 1.37 -5.45
N ALA A 67 2.15 2.12 -4.44
CA ALA A 67 1.42 1.55 -3.32
C ALA A 67 -0.04 1.94 -3.38
N ASP A 68 -0.91 1.04 -2.99
CA ASP A 68 -2.34 1.31 -2.99
C ASP A 68 -2.79 1.74 -1.61
N VAL A 69 -2.26 1.05 -0.60
CA VAL A 69 -2.55 1.38 0.79
C VAL A 69 -1.25 1.63 1.55
N VAL A 70 -1.25 2.66 2.38
CA VAL A 70 -0.08 3.01 3.17
C VAL A 70 -0.45 3.13 4.65
N VAL A 71 0.46 2.72 5.51
CA VAL A 71 0.25 2.84 6.95
C VAL A 71 1.48 3.46 7.61
N LEU A 72 1.27 4.55 8.33
CA LEU A 72 2.35 5.24 9.01
C LEU A 72 2.69 4.55 10.33
N THR A 73 3.80 3.84 10.35
CA THR A 73 4.26 3.15 11.55
C THR A 73 5.23 4.00 12.34
N SER A 74 5.51 5.20 11.81
CA SER A 74 6.45 6.13 12.42
C SER A 74 6.00 6.56 13.81
N GLY A 75 6.96 6.62 14.74
CA GLY A 75 6.66 7.04 16.08
C GLY A 75 7.90 7.26 16.91
N GLN A 76 8.57 8.38 16.67
CA GLN A 76 9.77 8.74 17.42
C GLN A 76 9.65 10.14 18.00
N THR A 77 10.04 11.13 17.22
CA THR A 77 10.07 12.50 17.65
C THR A 77 10.64 13.37 16.54
N GLU A 78 9.85 14.34 16.14
CA GLU A 78 10.14 15.31 15.06
C GLU A 78 11.64 15.53 14.77
N ASN A 79 12.36 16.06 15.74
CA ASN A 79 13.73 16.54 15.53
C ASN A 79 14.66 15.47 14.95
N LYS A 80 14.44 14.23 15.35
CA LYS A 80 15.30 13.13 14.92
C LYS A 80 14.46 11.94 14.47
N ILE A 81 13.44 12.24 13.67
CA ILE A 81 12.53 11.22 13.17
C ILE A 81 13.25 10.02 12.56
N HIS A 82 13.03 8.88 13.18
CA HIS A 82 13.50 7.60 12.68
C HIS A 82 12.31 6.68 12.57
N GLY A 83 11.37 7.06 11.75
CA GLY A 83 10.11 6.34 11.66
C GLY A 83 10.06 5.42 10.46
N THR A 84 9.05 4.58 10.43
CA THR A 84 8.84 3.66 9.35
C THR A 84 7.43 3.83 8.78
N ALA A 85 7.20 3.30 7.59
CA ALA A 85 5.88 3.25 7.02
C ALA A 85 5.71 1.95 6.25
N ASP A 86 4.61 1.28 6.47
CA ASP A 86 4.41 -0.04 5.90
C ASP A 86 3.31 0.01 4.85
N ILE A 87 3.66 -0.33 3.63
CA ILE A 87 2.76 -0.15 2.50
C ILE A 87 2.38 -1.48 1.84
N TYR A 88 1.21 -1.48 1.21
CA TYR A 88 0.69 -2.68 0.52
C TYR A 88 0.13 -2.31 -0.84
N LYS A 89 0.23 -3.25 -1.77
CA LYS A 89 -0.38 -3.11 -3.08
C LYS A 89 -1.59 -4.02 -3.19
N LYS A 90 -2.54 -3.64 -4.02
CA LYS A 90 -3.73 -4.45 -4.21
C LYS A 90 -3.39 -5.69 -5.04
N LYS A 91 -4.05 -6.79 -4.77
CA LYS A 91 -3.82 -8.02 -5.52
C LYS A 91 -4.63 -8.01 -6.81
N LEU A 92 -4.69 -9.18 -7.46
CA LEU A 92 -5.43 -9.34 -8.70
C LEU A 92 -6.65 -10.21 -8.48
N GLU A 93 -6.91 -10.53 -7.21
CA GLU A 93 -8.05 -11.35 -6.85
C GLU A 93 -9.16 -10.45 -6.32
N HIS A 94 -10.32 -10.53 -6.95
CA HIS A 94 -11.47 -9.76 -6.49
C HIS A 94 -12.20 -10.51 -5.38
N HIS A 95 -12.14 -9.95 -4.18
CA HIS A 95 -12.72 -10.58 -2.98
C HIS A 95 -14.21 -10.22 -2.83
N HIS A 96 -14.85 -9.90 -3.96
CA HIS A 96 -16.27 -9.54 -3.97
C HIS A 96 -16.54 -8.24 -3.20
N HIS A 97 -16.80 -7.18 -3.92
CA HIS A 97 -17.19 -5.92 -3.32
C HIS A 97 -18.44 -5.41 -4.01
N HIS A 98 -18.23 -4.84 -5.19
CA HIS A 98 -19.30 -4.35 -6.06
C HIS A 98 -18.65 -3.51 -7.14
N HIS A 99 -17.98 -2.47 -6.70
CA HIS A 99 -17.10 -1.67 -7.54
C HIS A 99 -16.25 -0.79 -6.64
N MET A 1 -25.06 -5.94 -61.78
CA MET A 1 -24.42 -6.63 -60.64
C MET A 1 -22.92 -6.38 -60.64
N LYS A 2 -22.40 -5.96 -59.50
CA LYS A 2 -20.96 -5.74 -59.34
C LYS A 2 -20.49 -6.38 -58.05
N THR A 3 -19.48 -7.22 -58.15
CA THR A 3 -18.98 -7.97 -57.00
C THR A 3 -17.46 -7.87 -56.88
N GLY A 4 -16.93 -8.34 -55.76
CA GLY A 4 -15.49 -8.40 -55.59
C GLY A 4 -14.95 -7.26 -54.75
N TYR A 5 -15.79 -6.67 -53.93
CA TYR A 5 -15.36 -5.56 -53.07
C TYR A 5 -16.02 -5.64 -51.70
N LYS A 6 -15.20 -5.91 -50.69
CA LYS A 6 -15.65 -5.92 -49.30
C LYS A 6 -14.44 -6.07 -48.38
N VAL A 7 -13.87 -4.95 -47.98
CA VAL A 7 -12.67 -4.96 -47.15
C VAL A 7 -12.81 -4.05 -45.94
N MET A 8 -12.09 -4.38 -44.87
CA MET A 8 -12.10 -3.57 -43.66
C MET A 8 -10.69 -3.37 -43.15
N LEU A 9 -10.16 -2.18 -43.36
CA LEU A 9 -8.82 -1.86 -42.86
C LEU A 9 -8.92 -0.79 -41.79
N GLY A 10 -8.72 -1.19 -40.53
CA GLY A 10 -8.73 -0.23 -39.45
C GLY A 10 -9.01 -0.88 -38.12
N ALA A 11 -7.95 -1.22 -37.39
CA ALA A 11 -8.07 -1.80 -36.06
C ALA A 11 -6.86 -1.44 -35.21
N LEU A 12 -7.01 -0.44 -34.37
CA LEU A 12 -5.94 0.00 -33.48
C LEU A 12 -6.50 0.34 -32.11
N ALA A 13 -6.08 -0.42 -31.11
CA ALA A 13 -6.52 -0.20 -29.74
C ALA A 13 -5.39 -0.45 -28.76
N PHE A 14 -4.94 0.61 -28.10
CA PHE A 14 -3.90 0.50 -27.09
C PHE A 14 -4.43 1.02 -25.75
N VAL A 15 -4.54 0.13 -24.78
CA VAL A 15 -5.09 0.48 -23.48
C VAL A 15 -4.03 0.47 -22.40
N VAL A 16 -4.09 1.46 -21.52
CA VAL A 16 -3.17 1.56 -20.39
C VAL A 16 -3.94 1.99 -19.15
N THR A 17 -3.32 1.83 -17.99
CA THR A 17 -3.93 2.25 -16.73
C THR A 17 -3.04 3.26 -16.00
N ASN A 18 -1.97 2.74 -15.38
CA ASN A 18 -0.99 3.58 -14.67
C ASN A 18 -1.64 4.29 -13.49
N VAL A 19 -2.64 3.66 -12.89
CA VAL A 19 -3.35 4.26 -11.78
C VAL A 19 -2.72 3.89 -10.46
N TYR A 20 -2.39 4.90 -9.66
CA TYR A 20 -1.81 4.71 -8.34
C TYR A 20 -2.42 5.71 -7.37
N ALA A 21 -2.69 5.26 -6.16
CA ALA A 21 -3.26 6.11 -5.12
C ALA A 21 -2.96 5.54 -3.75
N ALA A 22 -2.10 6.22 -3.00
CA ALA A 22 -1.72 5.76 -1.67
C ALA A 22 -2.63 6.37 -0.60
N GLU A 23 -3.43 5.53 0.04
CA GLU A 23 -4.32 5.98 1.09
C GLU A 23 -3.90 5.45 2.46
N ILE A 24 -4.44 6.06 3.50
CA ILE A 24 -4.19 5.64 4.87
C ILE A 24 -5.31 4.71 5.34
N MET A 25 -4.96 3.65 6.05
CA MET A 25 -5.95 2.73 6.59
C MET A 25 -5.64 2.37 8.04
N LYS A 26 -6.68 1.96 8.77
CA LYS A 26 -6.52 1.46 10.13
C LYS A 26 -6.01 0.03 10.11
N LYS A 27 -5.91 -0.60 11.27
CA LYS A 27 -5.49 -1.99 11.34
C LYS A 27 -6.70 -2.89 11.06
N THR A 28 -7.87 -2.46 11.50
CA THR A 28 -9.10 -3.18 11.22
C THR A 28 -9.39 -3.15 9.73
N ASP A 29 -9.34 -1.96 9.15
CA ASP A 29 -9.48 -1.79 7.71
C ASP A 29 -8.35 -2.51 6.98
N PHE A 30 -7.15 -2.44 7.55
CA PHE A 30 -6.01 -3.17 6.99
C PHE A 30 -6.31 -4.65 6.87
N ASP A 31 -6.85 -5.24 7.93
CA ASP A 31 -7.16 -6.66 7.93
C ASP A 31 -8.20 -7.00 6.87
N LYS A 32 -9.08 -6.04 6.61
CA LYS A 32 -10.17 -6.22 5.67
C LYS A 32 -9.71 -5.95 4.24
N VAL A 33 -8.75 -5.06 4.07
CA VAL A 33 -8.21 -4.80 2.75
C VAL A 33 -7.05 -5.75 2.41
N ALA A 34 -6.39 -6.28 3.43
CA ALA A 34 -5.25 -7.19 3.24
C ALA A 34 -5.66 -8.43 2.47
N SER A 35 -6.96 -8.71 2.52
CA SER A 35 -7.55 -9.79 1.76
C SER A 35 -7.27 -9.62 0.25
N GLU A 36 -7.16 -8.37 -0.18
CA GLU A 36 -6.88 -8.05 -1.57
C GLU A 36 -5.59 -7.26 -1.69
N TYR A 37 -4.74 -7.33 -0.66
CA TYR A 37 -3.52 -6.53 -0.64
C TYR A 37 -2.28 -7.37 -0.36
N THR A 38 -1.12 -6.76 -0.57
CA THR A 38 0.17 -7.43 -0.40
C THR A 38 1.23 -6.47 0.14
N LYS A 39 1.95 -6.90 1.17
CA LYS A 39 3.04 -6.12 1.73
C LYS A 39 4.26 -6.22 0.82
N ILE A 40 4.62 -5.10 0.18
CA ILE A 40 5.74 -5.09 -0.73
C ILE A 40 7.03 -4.71 -0.02
N GLY A 41 6.91 -4.14 1.18
CA GLY A 41 8.08 -3.78 1.95
C GLY A 41 7.81 -2.62 2.88
N THR A 42 8.83 -2.23 3.60
CA THR A 42 8.76 -1.09 4.50
C THR A 42 9.53 0.09 3.91
N ILE A 43 9.14 1.29 4.29
CA ILE A 43 9.87 2.50 3.90
C ILE A 43 10.13 3.32 5.15
N SER A 44 11.05 4.26 5.05
CA SER A 44 11.41 5.08 6.19
C SER A 44 11.92 6.43 5.73
N THR A 45 12.18 7.31 6.67
CA THR A 45 12.69 8.64 6.37
C THR A 45 14.20 8.72 6.63
N THR A 46 14.90 9.41 5.76
CA THR A 46 16.34 9.54 5.88
C THR A 46 16.73 11.01 5.95
N GLY A 47 17.14 11.43 7.13
CA GLY A 47 17.56 12.79 7.33
C GLY A 47 17.04 13.33 8.65
N GLU A 48 16.13 14.28 8.56
CA GLU A 48 15.49 14.86 9.75
C GLU A 48 14.47 15.92 9.33
N MET A 49 13.20 15.56 9.37
CA MET A 49 12.12 16.47 9.00
C MET A 49 11.03 16.41 10.05
N SER A 50 10.16 17.40 10.04
CA SER A 50 9.03 17.44 10.96
C SER A 50 8.04 16.31 10.61
N PRO A 51 7.24 15.86 11.61
CA PRO A 51 6.37 14.68 11.47
C PRO A 51 5.53 14.67 10.19
N LEU A 52 4.75 15.72 9.97
CA LEU A 52 3.86 15.77 8.82
C LEU A 52 4.64 15.85 7.51
N ASP A 53 5.78 16.49 7.54
CA ASP A 53 6.64 16.61 6.36
C ASP A 53 7.27 15.27 6.05
N ALA A 54 7.68 14.56 7.10
CA ALA A 54 8.23 13.22 6.96
C ALA A 54 7.18 12.27 6.43
N ARG A 55 5.93 12.52 6.80
CA ARG A 55 4.81 11.74 6.29
C ARG A 55 4.72 11.89 4.78
N GLU A 56 4.80 13.13 4.32
CA GLU A 56 4.74 13.43 2.90
C GLU A 56 5.83 12.68 2.13
N ASP A 57 7.02 12.61 2.71
CA ASP A 57 8.15 11.91 2.08
C ASP A 57 7.81 10.44 1.94
N LEU A 58 7.24 9.88 3.00
CA LEU A 58 6.83 8.49 3.02
C LEU A 58 5.74 8.21 2.00
N ILE A 59 4.71 9.05 2.04
CA ILE A 59 3.53 8.89 1.20
C ILE A 59 3.90 8.97 -0.29
N LYS A 60 4.69 9.96 -0.65
CA LYS A 60 5.06 10.18 -2.04
C LYS A 60 6.06 9.12 -2.53
N LYS A 61 6.94 8.69 -1.64
CA LYS A 61 7.92 7.67 -1.98
C LYS A 61 7.23 6.33 -2.20
N ALA A 62 6.26 6.02 -1.36
CA ALA A 62 5.43 4.85 -1.55
C ALA A 62 4.58 4.98 -2.81
N ASP A 63 4.11 6.20 -3.05
CA ASP A 63 3.35 6.51 -4.26
C ASP A 63 4.19 6.25 -5.51
N GLU A 64 5.45 6.67 -5.46
CA GLU A 64 6.41 6.43 -6.53
C GLU A 64 6.57 4.94 -6.80
N LYS A 65 6.56 4.16 -5.73
CA LYS A 65 6.75 2.72 -5.83
C LYS A 65 5.45 2.04 -6.27
N GLY A 66 4.33 2.71 -6.02
CA GLY A 66 3.05 2.18 -6.42
C GLY A 66 2.35 1.43 -5.30
N ALA A 67 2.36 2.01 -4.11
CA ALA A 67 1.66 1.46 -2.98
C ALA A 67 0.24 1.99 -2.92
N ASP A 68 -0.71 1.10 -2.67
CA ASP A 68 -2.13 1.47 -2.60
C ASP A 68 -2.47 2.00 -1.21
N VAL A 69 -1.98 1.32 -0.20
CA VAL A 69 -2.20 1.72 1.18
C VAL A 69 -0.87 1.84 1.91
N VAL A 70 -0.75 2.87 2.73
CA VAL A 70 0.45 3.06 3.52
C VAL A 70 0.09 3.11 5.00
N VAL A 71 0.94 2.55 5.84
CA VAL A 71 0.72 2.56 7.28
C VAL A 71 1.88 3.22 7.98
N LEU A 72 1.64 4.42 8.52
CA LEU A 72 2.68 5.18 9.17
C LEU A 72 2.96 4.64 10.57
N THR A 73 3.80 3.62 10.63
CA THR A 73 4.18 3.01 11.89
C THR A 73 5.16 3.90 12.66
N SER A 74 6.09 4.51 11.91
CA SER A 74 7.14 5.34 12.48
C SER A 74 7.97 4.54 13.47
N GLY A 75 8.75 5.23 14.29
CA GLY A 75 9.49 4.55 15.34
C GLY A 75 8.57 3.97 16.40
N GLN A 76 8.49 4.63 17.54
CA GLN A 76 7.57 4.22 18.59
C GLN A 76 6.78 5.41 19.10
N THR A 77 7.10 6.59 18.57
CA THR A 77 6.51 7.82 19.00
C THR A 77 7.12 8.98 18.22
N GLU A 78 6.25 9.77 17.63
CA GLU A 78 6.64 11.00 16.92
C GLU A 78 7.27 12.04 17.85
N ASN A 79 7.43 11.69 19.12
CA ASN A 79 8.16 12.51 20.08
C ASN A 79 9.51 12.94 19.52
N LYS A 80 10.29 11.99 19.01
CA LYS A 80 11.58 12.30 18.41
C LYS A 80 11.47 12.18 16.89
N ILE A 81 10.24 12.07 16.41
CA ILE A 81 9.95 11.89 14.99
C ILE A 81 10.55 10.59 14.48
N HIS A 82 11.17 10.68 13.32
CA HIS A 82 11.65 9.51 12.56
C HIS A 82 10.47 8.69 12.08
N GLY A 83 10.02 9.01 10.89
CA GLY A 83 8.85 8.35 10.35
C GLY A 83 9.18 7.13 9.54
N THR A 84 8.43 6.08 9.79
CA THR A 84 8.56 4.83 9.08
C THR A 84 7.17 4.43 8.59
N ALA A 85 7.10 3.66 7.53
CA ALA A 85 5.81 3.26 7.01
C ALA A 85 5.86 1.89 6.37
N ASP A 86 4.89 1.06 6.70
CA ASP A 86 4.73 -0.23 6.07
C ASP A 86 3.68 -0.11 4.98
N ILE A 87 4.05 -0.39 3.75
CA ILE A 87 3.16 -0.13 2.64
C ILE A 87 2.66 -1.41 1.99
N TYR A 88 1.48 -1.32 1.38
CA TYR A 88 0.82 -2.47 0.81
C TYR A 88 0.21 -2.12 -0.55
N LYS A 89 0.29 -3.04 -1.49
CA LYS A 89 -0.30 -2.84 -2.80
C LYS A 89 -1.50 -3.73 -3.00
N LYS A 90 -2.33 -3.40 -3.97
CA LYS A 90 -3.49 -4.20 -4.30
C LYS A 90 -3.05 -5.44 -5.09
N LYS A 91 -3.72 -6.55 -4.87
CA LYS A 91 -3.37 -7.80 -5.54
C LYS A 91 -4.03 -7.92 -6.90
N LEU A 92 -3.89 -9.09 -7.48
CA LEU A 92 -4.54 -9.41 -8.74
C LEU A 92 -5.84 -10.15 -8.43
N GLU A 93 -5.91 -10.71 -7.24
CA GLU A 93 -7.15 -11.25 -6.73
C GLU A 93 -7.88 -10.15 -5.97
N HIS A 94 -8.94 -9.63 -6.57
CA HIS A 94 -9.69 -8.55 -5.95
C HIS A 94 -11.19 -8.77 -6.15
N HIS A 95 -11.93 -8.76 -5.05
CA HIS A 95 -13.36 -9.00 -5.12
C HIS A 95 -14.13 -7.68 -5.17
N HIS A 96 -13.38 -6.58 -5.00
CA HIS A 96 -13.94 -5.23 -5.10
C HIS A 96 -15.01 -5.02 -4.04
N HIS A 97 -14.58 -4.55 -2.87
CA HIS A 97 -15.48 -4.43 -1.72
C HIS A 97 -16.62 -3.44 -1.99
N HIS A 98 -17.83 -3.97 -2.10
CA HIS A 98 -19.02 -3.14 -2.17
C HIS A 98 -19.63 -3.06 -0.77
N HIS A 99 -19.06 -2.20 0.06
CA HIS A 99 -19.47 -2.09 1.45
C HIS A 99 -18.99 -0.76 2.02
N MET A 1 10.72 -41.09 -3.25
CA MET A 1 11.41 -41.37 -4.53
C MET A 1 11.56 -40.08 -5.33
N LYS A 2 12.61 -40.00 -6.13
CA LYS A 2 12.86 -38.83 -6.96
C LYS A 2 11.76 -38.64 -8.01
N THR A 3 10.98 -37.58 -7.83
CA THR A 3 9.95 -37.22 -8.80
C THR A 3 9.52 -35.78 -8.54
N GLY A 4 9.28 -35.04 -9.62
CA GLY A 4 8.87 -33.66 -9.50
C GLY A 4 8.23 -33.15 -10.77
N TYR A 5 6.92 -32.99 -10.74
CA TYR A 5 6.18 -32.51 -11.88
C TYR A 5 5.57 -31.15 -11.58
N LYS A 6 5.37 -30.34 -12.61
CA LYS A 6 4.83 -29.02 -12.44
C LYS A 6 4.09 -28.56 -13.71
N VAL A 7 2.78 -28.50 -13.61
CA VAL A 7 1.96 -28.06 -14.72
C VAL A 7 0.89 -27.07 -14.24
N MET A 8 1.27 -25.81 -14.17
CA MET A 8 0.35 -24.74 -13.81
C MET A 8 0.55 -23.55 -14.74
N LEU A 9 -0.12 -23.57 -15.88
CA LEU A 9 0.02 -22.52 -16.88
C LEU A 9 -1.34 -22.17 -17.47
N GLY A 10 -1.35 -21.29 -18.46
CA GLY A 10 -2.59 -20.87 -19.07
C GLY A 10 -3.00 -19.49 -18.62
N ALA A 11 -2.12 -18.82 -17.88
CA ALA A 11 -2.41 -17.49 -17.38
C ALA A 11 -1.45 -16.48 -17.99
N LEU A 12 -1.95 -15.65 -18.89
CA LEU A 12 -1.14 -14.64 -19.54
C LEU A 12 -1.64 -13.25 -19.16
N ALA A 13 -0.74 -12.42 -18.63
CA ALA A 13 -1.10 -11.07 -18.27
C ALA A 13 -0.99 -10.14 -19.48
N PHE A 14 -2.07 -10.02 -20.22
CA PHE A 14 -2.10 -9.20 -21.42
C PHE A 14 -2.47 -7.76 -21.07
N VAL A 15 -3.03 -7.58 -19.88
CA VAL A 15 -3.48 -6.28 -19.45
C VAL A 15 -2.90 -5.90 -18.08
N VAL A 16 -2.55 -4.62 -17.94
CA VAL A 16 -2.04 -4.11 -16.68
C VAL A 16 -2.83 -2.85 -16.30
N THR A 17 -3.10 -2.67 -15.02
CA THR A 17 -3.90 -1.53 -14.57
C THR A 17 -3.05 -0.54 -13.78
N ASN A 18 -3.07 0.72 -14.21
CA ASN A 18 -2.35 1.78 -13.54
C ASN A 18 -3.17 2.36 -12.39
N VAL A 19 -2.66 2.24 -11.17
CA VAL A 19 -3.34 2.80 -10.01
C VAL A 19 -2.32 3.28 -8.97
N TYR A 20 -2.38 4.57 -8.69
CA TYR A 20 -1.54 5.20 -7.67
C TYR A 20 -2.43 5.96 -6.70
N ALA A 21 -2.09 5.95 -5.41
CA ALA A 21 -2.92 6.60 -4.41
C ALA A 21 -2.17 6.75 -3.09
N ALA A 22 -1.87 5.61 -2.46
CA ALA A 22 -1.22 5.56 -1.16
C ALA A 22 -2.05 6.28 -0.09
N GLU A 23 -2.93 5.54 0.56
CA GLU A 23 -3.83 6.12 1.55
C GLU A 23 -3.77 5.31 2.85
N ILE A 24 -4.24 5.92 3.95
CA ILE A 24 -4.23 5.28 5.25
C ILE A 24 -5.45 4.38 5.42
N MET A 25 -5.27 3.25 6.10
CA MET A 25 -6.38 2.33 6.35
C MET A 25 -6.55 2.10 7.84
N LYS A 26 -7.79 2.10 8.31
CA LYS A 26 -8.11 1.75 9.69
C LYS A 26 -7.63 0.34 9.99
N LYS A 27 -7.22 0.07 11.22
CA LYS A 27 -6.66 -1.24 11.58
C LYS A 27 -7.60 -2.39 11.22
N THR A 28 -8.87 -2.24 11.56
CA THR A 28 -9.86 -3.28 11.30
C THR A 28 -10.07 -3.50 9.80
N ASP A 29 -10.08 -2.41 9.04
CA ASP A 29 -10.19 -2.50 7.59
C ASP A 29 -8.90 -3.01 6.99
N PHE A 30 -7.78 -2.54 7.51
CA PHE A 30 -6.47 -2.98 7.06
C PHE A 30 -6.32 -4.49 7.16
N ASP A 31 -6.68 -5.05 8.31
CA ASP A 31 -6.59 -6.49 8.51
C ASP A 31 -7.46 -7.24 7.51
N LYS A 32 -8.57 -6.63 7.14
CA LYS A 32 -9.53 -7.24 6.24
C LYS A 32 -9.11 -7.04 4.77
N VAL A 33 -8.48 -5.91 4.48
CA VAL A 33 -8.00 -5.67 3.12
C VAL A 33 -6.64 -6.30 2.90
N ALA A 34 -5.97 -6.70 3.97
CA ALA A 34 -4.69 -7.42 3.86
C ALA A 34 -4.88 -8.69 3.05
N SER A 35 -6.09 -9.22 3.09
CA SER A 35 -6.46 -10.39 2.31
C SER A 35 -6.43 -10.05 0.81
N GLU A 36 -6.86 -8.85 0.48
CA GLU A 36 -6.95 -8.42 -0.91
C GLU A 36 -5.78 -7.51 -1.29
N TYR A 37 -4.71 -7.56 -0.51
CA TYR A 37 -3.55 -6.69 -0.75
C TYR A 37 -2.24 -7.48 -0.69
N THR A 38 -1.18 -6.84 -1.15
CA THR A 38 0.11 -7.48 -1.32
C THR A 38 1.21 -6.65 -0.66
N LYS A 39 2.28 -7.30 -0.24
CA LYS A 39 3.40 -6.63 0.40
C LYS A 39 4.46 -6.25 -0.63
N ILE A 40 4.78 -4.98 -0.71
CA ILE A 40 5.82 -4.52 -1.63
C ILE A 40 7.04 -4.02 -0.85
N GLY A 41 6.93 -4.02 0.47
CA GLY A 41 8.07 -3.67 1.30
C GLY A 41 7.75 -2.56 2.28
N THR A 42 8.67 -2.32 3.19
CA THR A 42 8.52 -1.24 4.16
C THR A 42 9.46 -0.09 3.79
N ILE A 43 9.09 1.13 4.14
CA ILE A 43 9.90 2.30 3.82
C ILE A 43 10.25 3.06 5.10
N SER A 44 11.24 3.95 5.02
CA SER A 44 11.67 4.72 6.16
C SER A 44 12.40 6.00 5.73
N THR A 45 12.75 6.81 6.71
CA THR A 45 13.55 8.00 6.49
C THR A 45 14.17 8.47 7.79
N THR A 46 15.18 9.31 7.67
CA THR A 46 15.92 9.79 8.82
C THR A 46 16.48 11.19 8.54
N GLY A 47 16.51 12.03 9.57
CA GLY A 47 17.13 13.33 9.42
C GLY A 47 16.73 14.28 10.52
N GLU A 48 16.17 15.40 10.12
CA GLU A 48 15.82 16.48 11.04
C GLU A 48 14.70 17.31 10.45
N MET A 49 13.75 16.62 9.84
CA MET A 49 12.71 17.27 9.05
C MET A 49 11.52 17.64 9.93
N SER A 50 10.43 18.03 9.29
CA SER A 50 9.20 18.33 9.98
C SER A 50 8.26 17.12 9.89
N PRO A 51 7.41 16.91 10.91
CA PRO A 51 6.51 15.75 10.96
C PRO A 51 5.64 15.59 9.71
N LEU A 52 5.04 16.67 9.26
CA LEU A 52 4.19 16.64 8.07
C LEU A 52 5.05 16.54 6.81
N ASP A 53 6.21 17.18 6.85
CA ASP A 53 7.13 17.19 5.72
C ASP A 53 7.66 15.79 5.45
N ALA A 54 8.07 15.11 6.51
CA ALA A 54 8.57 13.75 6.41
C ALA A 54 7.47 12.80 5.97
N ARG A 55 6.23 13.11 6.37
CA ARG A 55 5.09 12.32 5.94
C ARG A 55 4.91 12.42 4.45
N GLU A 56 4.95 13.64 3.90
CA GLU A 56 4.79 13.82 2.46
C GLU A 56 5.90 13.13 1.69
N ASP A 57 7.09 13.14 2.27
CA ASP A 57 8.24 12.49 1.65
C ASP A 57 8.01 10.99 1.58
N LEU A 58 7.54 10.44 2.69
CA LEU A 58 7.28 9.00 2.78
C LEU A 58 6.07 8.60 1.94
N ILE A 59 4.98 9.33 2.09
CA ILE A 59 3.73 9.03 1.40
C ILE A 59 3.90 9.12 -0.11
N LYS A 60 4.62 10.13 -0.58
CA LYS A 60 4.84 10.28 -2.02
C LYS A 60 5.81 9.25 -2.54
N LYS A 61 6.74 8.83 -1.69
CA LYS A 61 7.70 7.79 -2.06
C LYS A 61 7.06 6.42 -2.07
N ALA A 62 6.19 6.19 -1.10
CA ALA A 62 5.31 5.03 -1.10
C ALA A 62 4.48 4.99 -2.38
N ASP A 63 3.93 6.15 -2.75
CA ASP A 63 3.18 6.29 -4.00
C ASP A 63 4.11 6.10 -5.20
N GLU A 64 5.36 6.55 -5.07
CA GLU A 64 6.38 6.32 -6.08
C GLU A 64 6.69 4.83 -6.23
N LYS A 65 6.40 4.06 -5.20
CA LYS A 65 6.57 2.62 -5.23
C LYS A 65 5.30 1.98 -5.79
N GLY A 66 4.24 2.75 -5.89
CA GLY A 66 3.00 2.28 -6.44
C GLY A 66 2.03 1.78 -5.39
N ALA A 67 2.37 2.02 -4.12
CA ALA A 67 1.57 1.52 -2.99
C ALA A 67 0.16 2.08 -3.01
N ASP A 68 -0.76 1.25 -2.55
CA ASP A 68 -2.17 1.63 -2.47
C ASP A 68 -2.52 2.05 -1.06
N VAL A 69 -2.07 1.26 -0.10
CA VAL A 69 -2.35 1.54 1.31
C VAL A 69 -1.04 1.67 2.07
N VAL A 70 -0.97 2.64 2.97
CA VAL A 70 0.22 2.84 3.77
C VAL A 70 -0.09 2.75 5.25
N VAL A 71 0.84 2.19 6.01
CA VAL A 71 0.68 2.07 7.46
C VAL A 71 1.83 2.81 8.14
N LEU A 72 1.52 3.98 8.69
CA LEU A 72 2.53 4.82 9.29
C LEU A 72 2.86 4.36 10.71
N THR A 73 3.91 3.57 10.85
CA THR A 73 4.44 3.26 12.17
C THR A 73 5.15 4.49 12.71
N SER A 74 5.93 5.12 11.83
CA SER A 74 6.56 6.43 12.05
C SER A 74 7.40 6.49 13.33
N GLY A 75 7.85 7.70 13.64
CA GLY A 75 8.59 7.96 14.84
C GLY A 75 8.05 9.18 15.55
N GLN A 76 7.36 8.95 16.65
CA GLN A 76 6.63 9.98 17.34
C GLN A 76 7.59 10.80 18.18
N THR A 77 8.12 11.80 17.55
CA THR A 77 8.87 12.85 18.23
C THR A 77 8.46 14.23 17.71
N GLU A 78 9.21 14.77 16.75
CA GLU A 78 8.90 16.08 16.18
C GLU A 78 9.93 16.43 15.09
N ASN A 79 11.17 16.72 15.51
CA ASN A 79 12.23 17.06 14.58
C ASN A 79 13.15 15.86 14.33
N LYS A 80 13.62 15.25 15.41
CA LYS A 80 14.51 14.09 15.35
C LYS A 80 13.71 12.82 15.02
N ILE A 81 12.84 12.93 14.06
CA ILE A 81 11.96 11.84 13.67
C ILE A 81 12.61 10.86 12.69
N HIS A 82 12.62 9.59 13.05
CA HIS A 82 12.95 8.53 12.11
C HIS A 82 11.66 7.96 11.55
N GLY A 83 11.26 8.46 10.39
CA GLY A 83 10.03 8.04 9.78
C GLY A 83 10.08 6.60 9.32
N THR A 84 8.97 5.91 9.48
CA THR A 84 8.84 4.53 9.02
C THR A 84 7.40 4.28 8.59
N ALA A 85 7.22 3.52 7.52
CA ALA A 85 5.89 3.18 7.05
C ALA A 85 5.90 1.86 6.33
N ASP A 86 4.95 1.01 6.66
CA ASP A 86 4.82 -0.28 6.01
C ASP A 86 3.68 -0.22 5.01
N ILE A 87 3.98 -0.48 3.75
CA ILE A 87 3.01 -0.20 2.70
C ILE A 87 2.54 -1.47 2.00
N TYR A 88 1.33 -1.38 1.46
CA TYR A 88 0.69 -2.49 0.78
C TYR A 88 0.16 -2.07 -0.58
N LYS A 89 0.10 -3.03 -1.48
CA LYS A 89 -0.31 -2.79 -2.84
C LYS A 89 -1.56 -3.62 -3.14
N LYS A 90 -2.49 -3.07 -3.90
CA LYS A 90 -3.73 -3.76 -4.21
C LYS A 90 -3.45 -5.01 -5.05
N LYS A 91 -4.17 -6.08 -4.77
CA LYS A 91 -4.04 -7.31 -5.54
C LYS A 91 -4.77 -7.19 -6.87
N LEU A 92 -4.69 -8.24 -7.67
CA LEU A 92 -5.35 -8.27 -8.96
C LEU A 92 -6.84 -8.58 -8.78
N GLU A 93 -7.22 -8.86 -7.55
CA GLU A 93 -8.61 -9.13 -7.23
C GLU A 93 -9.36 -7.82 -7.05
N HIS A 94 -9.74 -7.22 -8.17
CA HIS A 94 -10.55 -6.01 -8.14
C HIS A 94 -11.92 -6.30 -8.74
N HIS A 95 -12.84 -6.66 -7.88
CA HIS A 95 -14.21 -6.97 -8.28
C HIS A 95 -15.17 -5.94 -7.72
N HIS A 96 -15.85 -5.22 -8.61
CA HIS A 96 -16.74 -4.13 -8.24
C HIS A 96 -15.93 -2.97 -7.68
N HIS A 97 -16.60 -1.88 -7.35
CA HIS A 97 -15.94 -0.71 -6.76
C HIS A 97 -16.93 0.02 -5.87
N HIS A 98 -17.73 -0.77 -5.14
CA HIS A 98 -18.85 -0.26 -4.34
C HIS A 98 -19.88 0.36 -5.29
N HIS A 99 -19.75 1.66 -5.51
CA HIS A 99 -20.59 2.39 -6.46
C HIS A 99 -20.16 3.85 -6.48
N MET A 1 -2.66 -0.98 -64.98
CA MET A 1 -4.03 -0.82 -64.44
C MET A 1 -4.07 0.30 -63.40
N LYS A 2 -5.26 0.60 -62.92
CA LYS A 2 -5.46 1.75 -62.03
C LYS A 2 -5.61 1.30 -60.58
N THR A 3 -5.47 0.01 -60.35
CA THR A 3 -5.65 -0.59 -59.04
C THR A 3 -4.49 -0.24 -58.10
N GLY A 4 -4.80 0.51 -57.04
CA GLY A 4 -3.80 0.87 -56.07
C GLY A 4 -4.42 1.24 -54.72
N TYR A 5 -3.81 0.74 -53.65
CA TYR A 5 -4.30 0.99 -52.29
C TYR A 5 -3.22 0.68 -51.26
N LYS A 6 -3.35 1.26 -50.07
CA LYS A 6 -2.43 0.99 -48.99
C LYS A 6 -3.20 0.64 -47.72
N VAL A 7 -2.67 -0.29 -46.94
CA VAL A 7 -3.32 -0.72 -45.72
C VAL A 7 -2.51 -0.33 -44.49
N MET A 8 -3.04 0.62 -43.73
CA MET A 8 -2.38 1.09 -42.52
C MET A 8 -3.24 0.76 -41.30
N LEU A 9 -4.12 -0.24 -41.48
CA LEU A 9 -5.07 -0.65 -40.44
C LEU A 9 -4.34 -1.05 -39.16
N GLY A 10 -4.45 -0.21 -38.15
CA GLY A 10 -3.84 -0.49 -36.87
C GLY A 10 -4.49 0.29 -35.76
N ALA A 11 -4.39 -0.20 -34.54
CA ALA A 11 -5.01 0.40 -33.37
C ALA A 11 -4.66 -0.36 -32.11
N LEU A 12 -4.48 0.34 -31.01
CA LEU A 12 -4.16 -0.29 -29.74
C LEU A 12 -4.70 0.52 -28.57
N ALA A 13 -5.22 -0.18 -27.57
CA ALA A 13 -5.72 0.43 -26.34
C ALA A 13 -5.99 -0.68 -25.33
N PHE A 14 -5.06 -0.89 -24.42
CA PHE A 14 -5.11 -2.05 -23.55
C PHE A 14 -4.95 -1.69 -22.06
N VAL A 15 -5.97 -2.06 -21.30
CA VAL A 15 -5.96 -2.01 -19.83
C VAL A 15 -5.50 -0.64 -19.28
N VAL A 16 -6.43 0.28 -19.16
CA VAL A 16 -6.16 1.54 -18.50
C VAL A 16 -6.96 1.63 -17.20
N THR A 17 -6.33 2.16 -16.16
CA THR A 17 -6.99 2.29 -14.87
C THR A 17 -6.38 3.45 -14.06
N ASN A 18 -7.15 4.51 -13.91
CA ASN A 18 -6.69 5.70 -13.22
C ASN A 18 -7.26 5.76 -11.81
N VAL A 19 -6.72 4.96 -10.92
CA VAL A 19 -7.14 4.94 -9.53
C VAL A 19 -6.31 5.94 -8.72
N TYR A 20 -6.94 6.56 -7.73
CA TYR A 20 -6.26 7.52 -6.88
C TYR A 20 -5.17 6.81 -6.06
N ALA A 21 -5.60 5.81 -5.30
CA ALA A 21 -4.70 4.91 -4.57
C ALA A 21 -3.94 5.63 -3.46
N ALA A 22 -3.04 4.88 -2.81
CA ALA A 22 -2.20 5.37 -1.71
C ALA A 22 -3.05 5.96 -0.59
N GLU A 23 -3.93 5.15 -0.03
CA GLU A 23 -4.79 5.58 1.05
C GLU A 23 -4.32 5.03 2.39
N ILE A 24 -4.77 5.65 3.47
CA ILE A 24 -4.48 5.18 4.83
C ILE A 24 -5.60 4.25 5.28
N MET A 25 -5.25 3.10 5.85
CA MET A 25 -6.23 2.16 6.33
C MET A 25 -6.18 2.02 7.85
N LYS A 26 -7.37 2.01 8.46
CA LYS A 26 -7.49 1.78 9.89
C LYS A 26 -7.15 0.32 10.20
N LYS A 27 -6.79 0.03 11.44
CA LYS A 27 -6.30 -1.31 11.78
C LYS A 27 -7.35 -2.39 11.55
N THR A 28 -8.59 -2.12 11.94
CA THR A 28 -9.66 -3.11 11.80
C THR A 28 -9.93 -3.40 10.32
N ASP A 29 -9.84 -2.37 9.50
CA ASP A 29 -9.99 -2.53 8.06
C ASP A 29 -8.71 -3.09 7.48
N PHE A 30 -7.59 -2.72 8.07
CA PHE A 30 -6.28 -3.22 7.66
C PHE A 30 -6.19 -4.73 7.77
N ASP A 31 -6.57 -5.28 8.91
CA ASP A 31 -6.53 -6.73 9.11
C ASP A 31 -7.42 -7.44 8.10
N LYS A 32 -8.48 -6.75 7.71
CA LYS A 32 -9.42 -7.30 6.75
C LYS A 32 -8.92 -7.14 5.31
N VAL A 33 -8.28 -6.01 5.02
CA VAL A 33 -7.76 -5.78 3.67
C VAL A 33 -6.38 -6.40 3.49
N ALA A 34 -5.75 -6.84 4.58
CA ALA A 34 -4.48 -7.54 4.49
C ALA A 34 -4.66 -8.87 3.75
N SER A 35 -5.91 -9.27 3.63
CA SER A 35 -6.26 -10.49 2.92
C SER A 35 -6.47 -10.20 1.43
N GLU A 36 -6.55 -8.92 1.09
CA GLU A 36 -6.85 -8.51 -0.29
C GLU A 36 -5.77 -7.59 -0.85
N TYR A 37 -4.75 -7.31 -0.06
CA TYR A 37 -3.65 -6.45 -0.47
C TYR A 37 -2.31 -7.12 -0.17
N THR A 38 -1.25 -6.63 -0.81
CA THR A 38 0.06 -7.25 -0.70
C THR A 38 1.15 -6.23 -0.40
N LYS A 39 1.97 -6.51 0.61
CA LYS A 39 3.06 -5.63 1.00
C LYS A 39 4.19 -5.71 -0.02
N ILE A 40 4.65 -4.55 -0.47
CA ILE A 40 5.76 -4.50 -1.40
C ILE A 40 7.05 -4.08 -0.70
N GLY A 41 6.92 -3.76 0.58
CA GLY A 41 8.09 -3.43 1.37
C GLY A 41 7.81 -2.32 2.35
N THR A 42 8.80 -2.03 3.19
CA THR A 42 8.70 -0.96 4.15
C THR A 42 9.54 0.23 3.70
N ILE A 43 9.14 1.42 4.10
CA ILE A 43 9.88 2.64 3.80
C ILE A 43 10.14 3.39 5.09
N SER A 44 11.05 4.35 5.05
CA SER A 44 11.39 5.12 6.23
C SER A 44 12.00 6.47 5.89
N THR A 45 12.16 7.29 6.90
CA THR A 45 12.82 8.57 6.77
C THR A 45 13.39 9.00 8.12
N THR A 46 14.47 9.76 8.06
CA THR A 46 15.19 10.18 9.24
C THR A 46 16.31 11.15 8.86
N GLY A 47 16.56 12.12 9.71
CA GLY A 47 17.61 13.08 9.42
C GLY A 47 17.34 14.41 10.07
N GLU A 48 16.79 15.32 9.28
CA GLU A 48 16.46 16.64 9.75
C GLU A 48 15.36 17.27 8.89
N MET A 49 14.12 17.02 9.27
CA MET A 49 12.96 17.52 8.57
C MET A 49 11.86 17.81 9.59
N SER A 50 10.68 18.15 9.13
CA SER A 50 9.51 18.20 10.00
C SER A 50 8.79 16.86 9.90
N PRO A 51 8.05 16.45 10.95
CA PRO A 51 7.33 15.17 10.93
C PRO A 51 6.36 15.08 9.76
N LEU A 52 5.81 16.22 9.36
CA LEU A 52 4.92 16.28 8.21
C LEU A 52 5.71 16.08 6.91
N ASP A 53 6.89 16.69 6.84
CA ASP A 53 7.76 16.54 5.68
C ASP A 53 8.18 15.09 5.54
N ALA A 54 8.47 14.47 6.66
CA ALA A 54 8.82 13.06 6.71
C ALA A 54 7.65 12.20 6.23
N ARG A 55 6.45 12.56 6.69
CA ARG A 55 5.25 11.85 6.28
C ARG A 55 5.03 12.01 4.78
N GLU A 56 5.15 13.23 4.29
CA GLU A 56 5.01 13.49 2.86
C GLU A 56 6.05 12.71 2.07
N ASP A 57 7.25 12.60 2.63
CA ASP A 57 8.33 11.85 1.99
C ASP A 57 7.92 10.40 1.86
N LEU A 58 7.38 9.86 2.94
CA LEU A 58 6.91 8.48 2.96
C LEU A 58 5.77 8.27 1.98
N ILE A 59 4.76 9.12 2.09
CA ILE A 59 3.54 9.00 1.30
C ILE A 59 3.84 9.15 -0.20
N LYS A 60 4.65 10.14 -0.55
CA LYS A 60 4.97 10.40 -1.94
C LYS A 60 5.92 9.36 -2.50
N LYS A 61 6.84 8.88 -1.67
CA LYS A 61 7.79 7.83 -2.06
C LYS A 61 7.07 6.52 -2.32
N ALA A 62 6.08 6.22 -1.49
CA ALA A 62 5.20 5.07 -1.73
C ALA A 62 4.53 5.18 -3.09
N ASP A 63 4.11 6.39 -3.46
CA ASP A 63 3.53 6.64 -4.78
C ASP A 63 4.58 6.50 -5.87
N GLU A 64 5.82 6.90 -5.55
CA GLU A 64 6.94 6.79 -6.47
C GLU A 64 7.14 5.34 -6.94
N LYS A 65 6.92 4.38 -6.05
CA LYS A 65 7.01 2.99 -6.42
C LYS A 65 5.63 2.47 -6.86
N GLY A 66 4.58 3.09 -6.36
CA GLY A 66 3.23 2.76 -6.79
C GLY A 66 2.51 1.85 -5.81
N ALA A 67 2.33 2.32 -4.58
CA ALA A 67 1.55 1.60 -3.59
C ALA A 67 0.09 2.03 -3.64
N ASP A 68 -0.77 1.24 -3.03
CA ASP A 68 -2.21 1.51 -3.02
C ASP A 68 -2.67 1.78 -1.59
N VAL A 69 -2.01 1.14 -0.65
CA VAL A 69 -2.29 1.33 0.76
C VAL A 69 -1.01 1.73 1.47
N VAL A 70 -1.09 2.70 2.37
CA VAL A 70 0.08 3.10 3.14
C VAL A 70 -0.25 3.13 4.62
N VAL A 71 0.71 2.72 5.44
CA VAL A 71 0.53 2.76 6.89
C VAL A 71 1.72 3.45 7.50
N LEU A 72 1.53 4.68 7.95
CA LEU A 72 2.59 5.44 8.57
C LEU A 72 2.88 4.89 9.96
N THR A 73 3.76 3.91 10.01
CA THR A 73 4.12 3.26 11.25
C THR A 73 4.72 4.27 12.23
N SER A 74 5.62 5.10 11.70
CA SER A 74 6.25 6.18 12.46
C SER A 74 7.18 5.63 13.54
N GLY A 75 7.82 6.55 14.25
CA GLY A 75 8.70 6.19 15.34
C GLY A 75 8.61 7.23 16.42
N GLN A 76 8.87 6.81 17.64
CA GLN A 76 8.80 7.68 18.82
C GLN A 76 10.04 8.55 18.88
N THR A 77 10.17 9.40 17.90
CA THR A 77 11.28 10.32 17.82
C THR A 77 10.78 11.74 17.59
N GLU A 78 10.30 11.99 16.36
CA GLU A 78 9.76 13.29 15.94
C GLU A 78 10.86 14.34 15.81
N ASN A 79 11.69 14.48 16.84
CA ASN A 79 12.76 15.48 16.89
C ASN A 79 13.59 15.47 15.60
N LYS A 80 14.38 14.41 15.40
CA LYS A 80 15.18 14.26 14.20
C LYS A 80 14.55 13.20 13.30
N ILE A 81 13.39 12.73 13.75
CA ILE A 81 12.56 11.75 13.04
C ILE A 81 13.26 10.40 12.90
N HIS A 82 12.45 9.35 12.89
CA HIS A 82 12.88 7.99 12.71
C HIS A 82 11.70 7.18 12.18
N GLY A 83 10.83 7.88 11.46
CA GLY A 83 9.55 7.33 11.10
C GLY A 83 9.63 6.32 9.98
N THR A 84 8.87 5.27 10.13
CA THR A 84 8.77 4.23 9.10
C THR A 84 7.35 4.17 8.57
N ALA A 85 7.16 3.48 7.46
CA ALA A 85 5.83 3.26 6.92
C ALA A 85 5.78 1.95 6.16
N ASP A 86 4.76 1.17 6.40
CA ASP A 86 4.58 -0.08 5.70
C ASP A 86 3.51 0.08 4.64
N ILE A 87 3.87 -0.22 3.40
CA ILE A 87 2.98 0.04 2.28
C ILE A 87 2.54 -1.26 1.59
N TYR A 88 1.36 -1.21 0.99
CA TYR A 88 0.74 -2.38 0.41
C TYR A 88 0.13 -2.01 -0.94
N LYS A 89 -0.02 -3.00 -1.81
CA LYS A 89 -0.62 -2.79 -3.11
C LYS A 89 -1.90 -3.59 -3.25
N LYS A 90 -2.72 -3.16 -4.18
CA LYS A 90 -4.01 -3.77 -4.40
C LYS A 90 -3.87 -4.99 -5.29
N LYS A 91 -4.56 -6.05 -4.94
CA LYS A 91 -4.52 -7.30 -5.69
C LYS A 91 -5.71 -7.39 -6.62
N LEU A 92 -5.94 -8.60 -7.10
CA LEU A 92 -7.12 -8.93 -7.88
C LEU A 92 -7.92 -9.95 -7.11
N GLU A 93 -7.61 -10.01 -5.82
CA GLU A 93 -8.12 -11.03 -4.93
C GLU A 93 -8.81 -10.36 -3.74
N HIS A 94 -10.09 -10.63 -3.57
CA HIS A 94 -10.86 -10.06 -2.46
C HIS A 94 -11.83 -11.10 -1.93
N HIS A 95 -12.59 -10.72 -0.90
CA HIS A 95 -13.68 -11.53 -0.40
C HIS A 95 -14.86 -11.45 -1.36
N HIS A 96 -15.98 -12.07 -1.01
CA HIS A 96 -17.15 -12.04 -1.87
C HIS A 96 -17.81 -10.66 -1.80
N HIS A 97 -17.74 -10.05 -0.62
CA HIS A 97 -18.23 -8.68 -0.43
C HIS A 97 -17.27 -7.69 -1.09
N HIS A 98 -17.72 -7.02 -2.14
CA HIS A 98 -16.86 -6.11 -2.88
C HIS A 98 -17.22 -4.65 -2.58
N HIS A 99 -16.95 -4.22 -1.35
CA HIS A 99 -17.10 -2.83 -0.94
C HIS A 99 -16.74 -2.69 0.53
N MET A 1 2.04 -25.90 -18.98
CA MET A 1 3.02 -26.04 -17.87
C MET A 1 2.55 -25.26 -16.65
N LYS A 2 2.52 -23.94 -16.73
CA LYS A 2 2.13 -23.11 -15.60
C LYS A 2 0.63 -22.81 -15.64
N THR A 3 -0.16 -23.81 -15.29
CA THR A 3 -1.60 -23.69 -15.30
C THR A 3 -2.22 -24.66 -14.29
N GLY A 4 -2.88 -24.12 -13.27
CA GLY A 4 -3.47 -24.97 -12.26
C GLY A 4 -3.69 -24.24 -10.96
N TYR A 5 -4.62 -23.29 -10.96
CA TYR A 5 -5.04 -22.61 -9.75
C TYR A 5 -6.48 -22.98 -9.43
N LYS A 6 -6.69 -23.79 -8.41
CA LYS A 6 -8.03 -24.15 -8.01
C LYS A 6 -8.31 -23.70 -6.57
N VAL A 7 -9.26 -22.77 -6.46
CA VAL A 7 -9.72 -22.29 -5.17
C VAL A 7 -10.96 -21.42 -5.37
N MET A 8 -12.12 -22.01 -5.11
CA MET A 8 -13.38 -21.34 -5.37
C MET A 8 -14.14 -21.07 -4.09
N LEU A 9 -13.60 -21.54 -2.97
CA LEU A 9 -14.21 -21.32 -1.67
C LEU A 9 -13.18 -20.84 -0.68
N GLY A 10 -13.57 -19.92 0.19
CA GLY A 10 -12.67 -19.43 1.23
C GLY A 10 -12.09 -18.07 0.90
N ALA A 11 -11.70 -17.88 -0.35
CA ALA A 11 -11.11 -16.61 -0.78
C ALA A 11 -12.19 -15.63 -1.22
N LEU A 12 -11.76 -14.46 -1.71
CA LEU A 12 -12.65 -13.42 -2.21
C LEU A 12 -13.44 -12.77 -1.08
N ALA A 13 -13.03 -11.57 -0.69
CA ALA A 13 -13.77 -10.80 0.31
C ALA A 13 -14.77 -9.90 -0.40
N PHE A 14 -14.28 -9.14 -1.39
CA PHE A 14 -15.14 -8.34 -2.24
C PHE A 14 -14.40 -7.96 -3.52
N VAL A 15 -15.09 -8.01 -4.65
CA VAL A 15 -14.47 -7.74 -5.94
C VAL A 15 -14.11 -6.27 -6.08
N VAL A 16 -12.87 -5.95 -5.78
CA VAL A 16 -12.37 -4.58 -5.92
C VAL A 16 -12.06 -4.27 -7.38
N THR A 17 -12.93 -3.51 -8.02
CA THR A 17 -12.70 -3.09 -9.39
C THR A 17 -11.94 -1.77 -9.40
N ASN A 18 -10.66 -1.86 -9.10
CA ASN A 18 -9.76 -0.71 -9.05
C ASN A 18 -8.39 -1.17 -8.57
N VAL A 19 -7.33 -0.59 -9.12
CA VAL A 19 -5.99 -0.88 -8.63
C VAL A 19 -5.78 -0.19 -7.29
N TYR A 20 -6.66 0.78 -7.00
CA TYR A 20 -6.74 1.46 -5.72
C TYR A 20 -5.59 2.44 -5.53
N ALA A 21 -5.92 3.71 -5.46
CA ALA A 21 -4.93 4.73 -5.20
C ALA A 21 -4.64 4.80 -3.71
N ALA A 22 -3.43 5.23 -3.36
CA ALA A 22 -2.95 5.24 -1.98
C ALA A 22 -3.94 5.87 -1.02
N GLU A 23 -4.42 5.06 -0.09
CA GLU A 23 -5.36 5.50 0.93
C GLU A 23 -4.98 4.90 2.28
N ILE A 24 -5.37 5.56 3.36
CA ILE A 24 -5.12 5.05 4.70
C ILE A 24 -6.32 4.22 5.18
N MET A 25 -6.06 2.99 5.59
CA MET A 25 -7.11 2.10 6.09
C MET A 25 -7.12 2.09 7.61
N LYS A 26 -8.28 1.75 8.18
CA LYS A 26 -8.38 1.56 9.62
C LYS A 26 -7.56 0.36 10.02
N LYS A 27 -7.14 0.28 11.27
CA LYS A 27 -6.28 -0.80 11.74
C LYS A 27 -7.00 -2.15 11.63
N THR A 28 -8.31 -2.12 11.84
CA THR A 28 -9.13 -3.31 11.73
C THR A 28 -9.37 -3.67 10.27
N ASP A 29 -9.81 -2.69 9.49
CA ASP A 29 -10.00 -2.86 8.05
C ASP A 29 -8.70 -3.32 7.39
N PHE A 30 -7.59 -2.76 7.84
CA PHE A 30 -6.28 -3.13 7.33
C PHE A 30 -6.03 -4.63 7.48
N ASP A 31 -6.38 -5.18 8.64
CA ASP A 31 -6.19 -6.60 8.90
C ASP A 31 -7.10 -7.43 8.00
N LYS A 32 -8.25 -6.88 7.68
CA LYS A 32 -9.24 -7.57 6.87
C LYS A 32 -8.95 -7.43 5.38
N VAL A 33 -8.37 -6.30 4.99
CA VAL A 33 -8.02 -6.10 3.59
C VAL A 33 -6.65 -6.68 3.28
N ALA A 34 -5.82 -6.86 4.32
CA ALA A 34 -4.49 -7.44 4.13
C ALA A 34 -4.57 -8.82 3.49
N SER A 35 -5.72 -9.46 3.66
CA SER A 35 -5.99 -10.74 3.04
C SER A 35 -5.85 -10.65 1.52
N GLU A 36 -6.34 -9.56 0.94
CA GLU A 36 -6.31 -9.37 -0.52
C GLU A 36 -5.14 -8.48 -0.92
N TYR A 37 -4.08 -8.46 -0.12
CA TYR A 37 -3.00 -7.50 -0.30
C TYR A 37 -1.65 -8.16 -0.51
N THR A 38 -0.67 -7.35 -0.89
CA THR A 38 0.70 -7.80 -1.07
C THR A 38 1.66 -6.65 -0.72
N LYS A 39 2.64 -6.94 0.11
CA LYS A 39 3.57 -5.92 0.58
C LYS A 39 4.75 -5.77 -0.37
N ILE A 40 4.95 -4.57 -0.87
CA ILE A 40 6.00 -4.29 -1.84
C ILE A 40 7.27 -3.76 -1.17
N GLY A 41 7.19 -3.54 0.14
CA GLY A 41 8.37 -3.09 0.86
C GLY A 41 8.02 -2.08 1.94
N THR A 42 8.95 -1.84 2.85
CA THR A 42 8.77 -0.85 3.90
C THR A 42 9.63 0.38 3.62
N ILE A 43 9.24 1.52 4.15
CA ILE A 43 10.03 2.74 4.02
C ILE A 43 10.29 3.33 5.40
N SER A 44 11.25 4.23 5.51
CA SER A 44 11.62 4.78 6.80
C SER A 44 12.41 6.09 6.66
N THR A 45 12.57 6.78 7.78
CA THR A 45 13.33 8.02 7.85
C THR A 45 14.05 8.12 9.20
N THR A 46 15.26 8.66 9.20
CA THR A 46 16.01 8.82 10.44
C THR A 46 17.00 9.98 10.33
N GLY A 47 16.96 10.89 11.30
CA GLY A 47 17.90 11.99 11.34
C GLY A 47 17.25 13.26 11.84
N GLU A 48 17.13 14.22 10.95
CA GLU A 48 16.49 15.49 11.27
C GLU A 48 15.57 15.90 10.14
N MET A 49 14.29 15.99 10.42
CA MET A 49 13.29 16.30 9.40
C MET A 49 12.21 17.17 10.00
N SER A 50 11.30 17.64 9.15
CA SER A 50 10.08 18.27 9.62
C SER A 50 8.97 17.21 9.56
N PRO A 51 8.02 17.23 10.51
CA PRO A 51 7.02 16.16 10.64
C PRO A 51 6.20 15.94 9.37
N LEU A 52 5.60 16.99 8.85
CA LEU A 52 4.76 16.88 7.66
C LEU A 52 5.61 16.70 6.43
N ASP A 53 6.79 17.31 6.43
CA ASP A 53 7.70 17.24 5.29
C ASP A 53 8.28 15.84 5.15
N ALA A 54 8.50 15.17 6.27
CA ALA A 54 8.96 13.79 6.26
C ALA A 54 7.83 12.88 5.80
N ARG A 55 6.61 13.22 6.19
CA ARG A 55 5.43 12.51 5.73
C ARG A 55 5.33 12.62 4.23
N GLU A 56 5.59 13.80 3.70
CA GLU A 56 5.62 14.03 2.27
C GLU A 56 6.61 13.10 1.58
N ASP A 57 7.79 12.95 2.15
CA ASP A 57 8.83 12.11 1.55
C ASP A 57 8.39 10.67 1.54
N LEU A 58 7.78 10.26 2.63
CA LEU A 58 7.31 8.90 2.78
C LEU A 58 6.11 8.62 1.86
N ILE A 59 5.12 9.49 1.94
CA ILE A 59 3.87 9.30 1.22
C ILE A 59 4.06 9.46 -0.29
N LYS A 60 4.86 10.45 -0.69
CA LYS A 60 5.08 10.68 -2.12
C LYS A 60 5.90 9.56 -2.73
N LYS A 61 6.85 9.04 -1.96
CA LYS A 61 7.70 7.94 -2.40
C LYS A 61 6.90 6.64 -2.47
N ALA A 62 6.06 6.43 -1.48
CA ALA A 62 5.10 5.33 -1.50
C ALA A 62 4.22 5.39 -2.75
N ASP A 63 3.72 6.60 -3.04
CA ASP A 63 2.94 6.83 -4.26
C ASP A 63 3.78 6.55 -5.50
N GLU A 64 5.02 7.01 -5.47
CA GLU A 64 5.95 6.81 -6.56
C GLU A 64 6.23 5.33 -6.82
N LYS A 65 6.38 4.57 -5.73
CA LYS A 65 6.63 3.14 -5.84
C LYS A 65 5.35 2.40 -6.21
N GLY A 66 4.23 3.00 -5.85
CA GLY A 66 2.93 2.45 -6.22
C GLY A 66 2.35 1.57 -5.15
N ALA A 67 1.62 2.16 -4.22
CA ALA A 67 0.94 1.42 -3.16
C ALA A 67 -0.52 1.81 -3.11
N ASP A 68 -1.38 0.88 -2.70
CA ASP A 68 -2.80 1.15 -2.61
C ASP A 68 -3.14 1.61 -1.20
N VAL A 69 -2.51 0.99 -0.23
CA VAL A 69 -2.66 1.38 1.16
C VAL A 69 -1.31 1.65 1.82
N VAL A 70 -1.27 2.67 2.66
CA VAL A 70 -0.06 3.01 3.40
C VAL A 70 -0.33 2.90 4.90
N VAL A 71 0.63 2.43 5.66
CA VAL A 71 0.49 2.37 7.11
C VAL A 71 1.63 3.14 7.75
N LEU A 72 1.30 4.24 8.42
CA LEU A 72 2.30 5.08 9.04
C LEU A 72 2.66 4.54 10.42
N THR A 73 3.72 3.75 10.48
CA THR A 73 4.20 3.21 11.74
C THR A 73 5.22 4.14 12.40
N SER A 74 5.46 5.27 11.75
CA SER A 74 6.42 6.27 12.19
C SER A 74 6.18 6.75 13.62
N GLY A 75 7.27 7.01 14.33
CA GLY A 75 7.19 7.69 15.60
C GLY A 75 7.31 9.18 15.40
N GLN A 76 6.18 9.81 15.16
CA GLN A 76 6.14 11.20 14.74
C GLN A 76 6.24 12.14 15.93
N THR A 77 7.45 12.30 16.39
CA THR A 77 7.76 13.29 17.38
C THR A 77 7.62 14.69 16.78
N GLU A 78 8.61 15.12 16.00
CA GLU A 78 8.55 16.38 15.26
C GLU A 78 9.80 16.58 14.41
N ASN A 79 10.86 17.11 15.04
CA ASN A 79 12.11 17.37 14.34
C ASN A 79 12.95 16.11 14.29
N LYS A 80 13.10 15.46 15.45
CA LYS A 80 13.73 14.16 15.50
C LYS A 80 12.64 13.12 15.44
N ILE A 81 12.81 12.15 14.58
CA ILE A 81 11.79 11.15 14.32
C ILE A 81 12.40 9.85 13.83
N HIS A 82 11.94 8.74 14.38
CA HIS A 82 12.21 7.45 13.80
C HIS A 82 11.06 7.07 12.90
N GLY A 83 11.13 7.51 11.66
CA GLY A 83 10.03 7.31 10.75
C GLY A 83 10.06 5.95 10.11
N THR A 84 8.88 5.39 9.93
CA THR A 84 8.71 4.13 9.23
C THR A 84 7.30 4.08 8.66
N ALA A 85 7.13 3.36 7.58
CA ALA A 85 5.82 3.18 6.99
C ALA A 85 5.81 1.91 6.17
N ASP A 86 4.78 1.11 6.38
CA ASP A 86 4.63 -0.13 5.65
C ASP A 86 3.50 -0.01 4.64
N ILE A 87 3.85 -0.11 3.37
CA ILE A 87 2.89 0.07 2.31
C ILE A 87 2.50 -1.27 1.69
N TYR A 88 1.30 -1.32 1.15
CA TYR A 88 0.75 -2.55 0.60
C TYR A 88 0.05 -2.29 -0.72
N LYS A 89 -0.13 -3.34 -1.48
CA LYS A 89 -0.84 -3.27 -2.75
C LYS A 89 -1.92 -4.31 -2.83
N LYS A 90 -2.89 -4.10 -3.69
CA LYS A 90 -3.87 -5.13 -3.98
C LYS A 90 -3.19 -6.32 -4.64
N LYS A 91 -3.75 -7.49 -4.42
CA LYS A 91 -3.25 -8.69 -5.07
C LYS A 91 -3.66 -8.70 -6.54
N LEU A 92 -3.19 -9.70 -7.27
CA LEU A 92 -3.50 -9.83 -8.68
C LEU A 92 -4.84 -10.52 -8.85
N GLU A 93 -5.21 -11.27 -7.83
CA GLU A 93 -6.46 -11.99 -7.80
C GLU A 93 -7.59 -11.07 -7.34
N HIS A 94 -8.49 -10.77 -8.25
CA HIS A 94 -9.69 -10.03 -7.90
C HIS A 94 -10.90 -10.92 -8.12
N HIS A 95 -10.84 -11.70 -9.21
CA HIS A 95 -11.81 -12.76 -9.50
C HIS A 95 -13.23 -12.23 -9.45
N HIS A 96 -13.68 -11.66 -10.57
CA HIS A 96 -14.99 -11.01 -10.62
C HIS A 96 -16.10 -12.02 -10.41
N HIS A 97 -16.75 -11.94 -9.26
CA HIS A 97 -17.85 -12.83 -8.92
C HIS A 97 -19.15 -12.29 -9.51
N HIS A 98 -19.74 -13.05 -10.40
CA HIS A 98 -21.02 -12.68 -10.97
C HIS A 98 -22.04 -13.77 -10.66
N HIS A 99 -23.31 -13.43 -10.74
CA HIS A 99 -24.38 -14.40 -10.52
C HIS A 99 -25.08 -14.71 -11.85
N MET A 1 15.50 -42.06 -11.46
CA MET A 1 16.21 -41.27 -12.49
C MET A 1 15.37 -41.17 -13.77
N LYS A 2 15.02 -39.96 -14.14
CA LYS A 2 14.24 -39.73 -15.35
C LYS A 2 14.50 -38.30 -15.86
N THR A 3 15.28 -38.20 -16.91
CA THR A 3 15.54 -36.90 -17.51
C THR A 3 14.76 -36.75 -18.82
N GLY A 4 13.69 -35.96 -18.75
CA GLY A 4 12.86 -35.75 -19.91
C GLY A 4 11.54 -35.08 -19.53
N TYR A 5 11.52 -34.45 -18.37
CA TYR A 5 10.34 -33.72 -17.90
C TYR A 5 10.10 -32.51 -18.81
N LYS A 6 9.20 -32.67 -19.75
CA LYS A 6 8.98 -31.68 -20.79
C LYS A 6 7.65 -30.95 -20.58
N VAL A 7 7.74 -29.64 -20.39
CA VAL A 7 6.55 -28.81 -20.27
C VAL A 7 6.89 -27.35 -20.53
N MET A 8 6.27 -26.77 -21.54
CA MET A 8 6.46 -25.38 -21.87
C MET A 8 5.12 -24.66 -22.00
N LEU A 9 4.69 -24.03 -20.92
CA LEU A 9 3.44 -23.28 -20.93
C LEU A 9 3.64 -21.92 -20.26
N GLY A 10 2.79 -20.98 -20.60
CA GLY A 10 2.88 -19.65 -20.03
C GLY A 10 2.20 -18.63 -20.90
N ALA A 11 0.97 -18.27 -20.56
CA ALA A 11 0.21 -17.33 -21.35
C ALA A 11 -0.69 -16.48 -20.46
N LEU A 12 -0.34 -15.22 -20.31
CA LEU A 12 -1.12 -14.30 -19.50
C LEU A 12 -0.84 -12.86 -19.92
N ALA A 13 -1.92 -12.11 -20.12
CA ALA A 13 -1.81 -10.70 -20.46
C ALA A 13 -3.04 -9.95 -19.95
N PHE A 14 -3.02 -9.62 -18.68
CA PHE A 14 -4.14 -8.93 -18.05
C PHE A 14 -3.66 -7.69 -17.32
N VAL A 15 -3.94 -6.54 -17.90
CA VAL A 15 -3.58 -5.27 -17.29
C VAL A 15 -4.81 -4.65 -16.65
N VAL A 16 -4.99 -4.90 -15.36
CA VAL A 16 -6.17 -4.43 -14.65
C VAL A 16 -5.77 -3.57 -13.46
N THR A 17 -5.97 -2.28 -13.58
CA THR A 17 -5.73 -1.34 -12.50
C THR A 17 -6.70 -0.18 -12.61
N ASN A 18 -7.84 -0.32 -11.93
CA ASN A 18 -8.93 0.64 -12.05
C ASN A 18 -8.63 1.92 -11.26
N VAL A 19 -8.22 1.77 -10.02
CA VAL A 19 -7.92 2.92 -9.18
C VAL A 19 -6.53 2.79 -8.57
N TYR A 20 -5.78 3.87 -8.62
CA TYR A 20 -4.42 3.91 -8.09
C TYR A 20 -4.26 5.14 -7.20
N ALA A 21 -4.37 4.94 -5.90
CA ALA A 21 -4.33 6.04 -4.95
C ALA A 21 -3.92 5.56 -3.56
N ALA A 22 -2.82 6.11 -3.05
CA ALA A 22 -2.31 5.72 -1.73
C ALA A 22 -3.31 6.06 -0.63
N GLU A 23 -4.04 5.05 -0.20
CA GLU A 23 -5.08 5.19 0.79
C GLU A 23 -4.53 4.94 2.19
N ILE A 24 -5.17 5.53 3.19
CA ILE A 24 -4.82 5.28 4.57
C ILE A 24 -5.75 4.19 5.14
N MET A 25 -5.30 3.46 6.15
CA MET A 25 -6.12 2.39 6.71
C MET A 25 -6.22 2.46 8.22
N LYS A 26 -7.40 2.08 8.72
CA LYS A 26 -7.57 1.75 10.12
C LYS A 26 -7.11 0.31 10.32
N LYS A 27 -6.66 -0.06 11.51
CA LYS A 27 -6.13 -1.41 11.72
C LYS A 27 -7.17 -2.46 11.38
N THR A 28 -8.41 -2.20 11.74
CA THR A 28 -9.51 -3.12 11.47
C THR A 28 -9.66 -3.37 9.98
N ASP A 29 -9.64 -2.30 9.19
CA ASP A 29 -9.68 -2.44 7.73
C ASP A 29 -8.38 -3.04 7.24
N PHE A 30 -7.28 -2.61 7.85
CA PHE A 30 -5.95 -3.07 7.48
C PHE A 30 -5.83 -4.59 7.55
N ASP A 31 -6.32 -5.19 8.63
CA ASP A 31 -6.24 -6.64 8.80
C ASP A 31 -7.11 -7.35 7.77
N LYS A 32 -8.20 -6.71 7.41
CA LYS A 32 -9.13 -7.25 6.43
C LYS A 32 -8.58 -7.10 5.01
N VAL A 33 -8.00 -5.95 4.73
CA VAL A 33 -7.50 -5.67 3.39
C VAL A 33 -6.13 -6.31 3.18
N ALA A 34 -5.51 -6.77 4.26
CA ALA A 34 -4.27 -7.52 4.15
C ALA A 34 -4.50 -8.80 3.35
N SER A 35 -5.76 -9.22 3.29
CA SER A 35 -6.14 -10.41 2.55
C SER A 35 -6.45 -10.06 1.09
N GLU A 36 -6.66 -8.77 0.83
CA GLU A 36 -7.02 -8.31 -0.51
C GLU A 36 -5.89 -7.46 -1.11
N TYR A 37 -4.78 -7.43 -0.41
CA TYR A 37 -3.63 -6.61 -0.79
C TYR A 37 -2.34 -7.43 -0.74
N THR A 38 -1.22 -6.80 -1.06
CA THR A 38 0.06 -7.48 -1.03
C THR A 38 1.16 -6.56 -0.53
N LYS A 39 1.92 -7.05 0.45
CA LYS A 39 3.06 -6.32 0.99
C LYS A 39 4.12 -6.14 -0.09
N ILE A 40 4.60 -4.92 -0.25
CA ILE A 40 5.66 -4.66 -1.22
C ILE A 40 6.94 -4.17 -0.53
N GLY A 41 6.84 -3.94 0.77
CA GLY A 41 8.00 -3.53 1.53
C GLY A 41 7.70 -2.39 2.48
N THR A 42 8.63 -2.12 3.38
CA THR A 42 8.49 -1.01 4.31
C THR A 42 9.41 0.15 3.91
N ILE A 43 9.03 1.35 4.28
CA ILE A 43 9.83 2.54 4.01
C ILE A 43 10.07 3.29 5.30
N SER A 44 11.05 4.19 5.30
CA SER A 44 11.33 5.01 6.45
C SER A 44 12.06 6.29 6.07
N THR A 45 12.00 7.25 6.96
CA THR A 45 12.73 8.50 6.81
C THR A 45 13.81 8.61 7.86
N THR A 46 15.02 8.93 7.45
CA THR A 46 16.12 9.07 8.37
C THR A 46 17.16 10.03 7.81
N GLY A 47 17.38 11.14 8.51
CA GLY A 47 18.38 12.10 8.11
C GLY A 47 18.15 13.43 8.77
N GLU A 48 17.92 14.46 7.96
CA GLU A 48 17.63 15.79 8.47
C GLU A 48 16.45 16.40 7.71
N MET A 49 15.27 16.33 8.29
CA MET A 49 14.05 16.87 7.69
C MET A 49 13.08 17.30 8.78
N SER A 50 11.92 17.78 8.38
CA SER A 50 10.83 18.04 9.32
C SER A 50 9.86 16.84 9.29
N PRO A 51 9.28 16.48 10.45
CA PRO A 51 8.46 15.26 10.59
C PRO A 51 7.31 15.18 9.59
N LEU A 52 6.52 16.24 9.55
CA LEU A 52 5.37 16.29 8.63
C LEU A 52 5.83 16.23 7.18
N ASP A 53 6.95 16.87 6.87
CA ASP A 53 7.51 16.83 5.53
C ASP A 53 8.04 15.45 5.21
N ALA A 54 8.58 14.79 6.23
CA ALA A 54 9.04 13.41 6.10
C ALA A 54 7.86 12.49 5.84
N ARG A 55 6.74 12.76 6.50
CA ARG A 55 5.51 12.04 6.27
C ARG A 55 5.10 12.20 4.81
N GLU A 56 5.03 13.45 4.37
CA GLU A 56 4.67 13.78 3.00
C GLU A 56 5.60 13.09 2.01
N ASP A 57 6.90 13.10 2.31
CA ASP A 57 7.90 12.50 1.44
C ASP A 57 7.75 10.99 1.41
N LEU A 58 7.41 10.42 2.56
CA LEU A 58 7.19 8.98 2.66
C LEU A 58 5.96 8.56 1.86
N ILE A 59 4.87 9.27 2.09
CA ILE A 59 3.60 8.98 1.43
C ILE A 59 3.73 9.17 -0.07
N LYS A 60 4.50 10.19 -0.45
CA LYS A 60 4.77 10.47 -1.86
C LYS A 60 5.64 9.38 -2.46
N LYS A 61 6.73 9.05 -1.76
CA LYS A 61 7.70 8.09 -2.28
C LYS A 61 7.11 6.69 -2.34
N ALA A 62 6.27 6.37 -1.37
CA ALA A 62 5.48 5.15 -1.40
C ALA A 62 4.64 5.08 -2.68
N ASP A 63 3.96 6.19 -2.98
CA ASP A 63 3.14 6.29 -4.19
C ASP A 63 4.03 6.18 -5.42
N GLU A 64 5.23 6.73 -5.33
CA GLU A 64 6.22 6.65 -6.39
C GLU A 64 6.74 5.23 -6.56
N LYS A 65 6.89 4.54 -5.44
CA LYS A 65 7.43 3.18 -5.41
C LYS A 65 6.40 2.20 -5.98
N GLY A 66 5.12 2.58 -5.89
CA GLY A 66 4.08 1.75 -6.43
C GLY A 66 3.16 1.18 -5.36
N ALA A 67 2.97 1.94 -4.29
CA ALA A 67 2.07 1.52 -3.22
C ALA A 67 0.66 2.06 -3.43
N ASP A 68 -0.32 1.32 -2.96
CA ASP A 68 -1.71 1.73 -3.08
C ASP A 68 -2.28 2.08 -1.72
N VAL A 69 -1.82 1.38 -0.71
CA VAL A 69 -2.19 1.69 0.66
C VAL A 69 -0.96 1.87 1.53
N VAL A 70 -1.01 2.83 2.44
CA VAL A 70 0.13 3.08 3.31
C VAL A 70 -0.31 2.95 4.77
N VAL A 71 0.57 2.40 5.59
CA VAL A 71 0.31 2.27 7.01
C VAL A 71 1.34 3.08 7.78
N LEU A 72 0.93 4.24 8.26
CA LEU A 72 1.81 5.13 8.98
C LEU A 72 2.00 4.66 10.41
N THR A 73 2.96 3.76 10.61
CA THR A 73 3.34 3.33 11.94
C THR A 73 4.22 4.39 12.58
N SER A 74 4.76 5.26 11.72
CA SER A 74 5.59 6.37 12.13
C SER A 74 4.96 7.19 13.24
N GLY A 75 5.70 7.35 14.32
CA GLY A 75 5.24 8.21 15.39
C GLY A 75 5.31 9.67 15.01
N GLN A 76 6.48 10.25 15.22
CA GLN A 76 6.72 11.63 14.86
C GLN A 76 8.22 11.87 14.74
N THR A 77 8.92 11.65 15.85
CA THR A 77 10.38 11.70 15.90
C THR A 77 10.92 13.01 15.33
N GLU A 78 11.01 14.02 16.18
CA GLU A 78 11.35 15.36 15.74
C GLU A 78 12.85 15.60 15.79
N ASN A 79 13.54 14.80 16.60
CA ASN A 79 14.99 14.87 16.75
C ASN A 79 15.68 14.99 15.38
N LYS A 80 15.71 13.89 14.65
CA LYS A 80 16.23 13.90 13.28
C LYS A 80 15.40 12.95 12.43
N ILE A 81 14.25 12.58 12.98
CA ILE A 81 13.28 11.69 12.35
C ILE A 81 13.81 10.27 12.17
N HIS A 82 12.88 9.34 12.23
CA HIS A 82 13.16 7.93 12.02
C HIS A 82 11.82 7.24 11.77
N GLY A 83 10.90 7.98 11.16
CA GLY A 83 9.55 7.50 10.98
C GLY A 83 9.49 6.37 9.98
N THR A 84 8.64 5.41 10.27
CA THR A 84 8.51 4.25 9.41
C THR A 84 7.10 4.14 8.85
N ALA A 85 6.99 3.61 7.65
CA ALA A 85 5.68 3.39 7.04
C ALA A 85 5.68 2.09 6.29
N ASP A 86 4.65 1.29 6.50
CA ASP A 86 4.56 -0.02 5.87
C ASP A 86 3.49 0.00 4.80
N ILE A 87 3.88 -0.32 3.57
CA ILE A 87 3.01 -0.09 2.43
C ILE A 87 2.58 -1.39 1.73
N TYR A 88 1.43 -1.32 1.09
CA TYR A 88 0.87 -2.45 0.37
C TYR A 88 0.43 -2.04 -1.03
N LYS A 89 0.42 -2.99 -1.94
CA LYS A 89 -0.21 -2.78 -3.23
C LYS A 89 -1.48 -3.63 -3.29
N LYS A 90 -2.48 -3.16 -4.01
CA LYS A 90 -3.73 -3.88 -4.09
C LYS A 90 -3.57 -5.12 -4.96
N LYS A 91 -4.44 -6.09 -4.75
CA LYS A 91 -4.43 -7.31 -5.57
C LYS A 91 -5.39 -7.15 -6.73
N LEU A 92 -5.41 -8.17 -7.58
CA LEU A 92 -6.33 -8.22 -8.71
C LEU A 92 -7.41 -9.25 -8.40
N GLU A 93 -7.35 -9.75 -7.19
CA GLU A 93 -8.22 -10.81 -6.74
C GLU A 93 -9.33 -10.24 -5.86
N HIS A 94 -9.38 -10.71 -4.63
CA HIS A 94 -10.35 -10.23 -3.66
C HIS A 94 -10.20 -8.73 -3.42
N HIS A 95 -11.35 -8.08 -3.24
CA HIS A 95 -11.43 -6.67 -2.89
C HIS A 95 -12.89 -6.34 -2.56
N HIS A 96 -13.15 -6.03 -1.30
CA HIS A 96 -14.50 -5.78 -0.80
C HIS A 96 -15.28 -4.82 -1.70
N HIS A 97 -14.68 -3.67 -1.98
CA HIS A 97 -15.31 -2.61 -2.76
C HIS A 97 -14.31 -1.47 -2.95
N HIS A 98 -13.45 -1.31 -1.94
CA HIS A 98 -12.42 -0.29 -1.92
C HIS A 98 -11.51 -0.65 -0.75
N HIS A 99 -12.16 -0.91 0.37
CA HIS A 99 -11.55 -1.54 1.53
C HIS A 99 -12.66 -1.96 2.47
N MET A 1 16.62 -14.62 -1.71
CA MET A 1 17.52 -15.73 -1.29
C MET A 1 16.95 -16.47 -0.08
N LYS A 2 16.82 -15.74 1.02
CA LYS A 2 16.44 -16.34 2.30
C LYS A 2 14.94 -16.25 2.53
N THR A 3 14.46 -16.94 3.58
CA THR A 3 13.06 -16.91 3.99
C THR A 3 12.18 -17.77 3.09
N GLY A 4 11.34 -18.60 3.71
CA GLY A 4 10.40 -19.42 2.97
C GLY A 4 9.13 -18.67 2.67
N TYR A 5 8.41 -19.08 1.64
CA TYR A 5 7.23 -18.36 1.21
C TYR A 5 6.01 -19.28 1.06
N LYS A 6 5.04 -19.09 1.96
CA LYS A 6 3.73 -19.72 1.81
C LYS A 6 2.67 -18.65 1.59
N VAL A 7 2.25 -18.49 0.35
CA VAL A 7 1.24 -17.49 0.01
C VAL A 7 -0.16 -17.98 0.31
N MET A 8 -0.93 -17.17 1.03
CA MET A 8 -2.29 -17.52 1.40
C MET A 8 -3.19 -16.30 1.35
N LEU A 9 -4.17 -16.32 0.45
CA LEU A 9 -5.15 -15.25 0.36
C LEU A 9 -6.56 -15.81 0.46
N GLY A 10 -7.50 -15.00 0.90
CA GLY A 10 -8.87 -15.44 1.02
C GLY A 10 -9.84 -14.34 0.67
N ALA A 11 -9.41 -13.45 -0.22
CA ALA A 11 -10.22 -12.32 -0.63
C ALA A 11 -10.89 -12.60 -1.96
N LEU A 12 -11.82 -11.73 -2.34
CA LEU A 12 -12.54 -11.87 -3.59
C LEU A 12 -13.17 -10.53 -3.98
N ALA A 13 -13.64 -9.80 -2.99
CA ALA A 13 -14.29 -8.52 -3.20
C ALA A 13 -13.25 -7.40 -3.34
N PHE A 14 -13.56 -6.23 -2.82
CA PHE A 14 -12.64 -5.11 -2.82
C PHE A 14 -13.13 -4.04 -1.86
N VAL A 15 -12.22 -3.43 -1.13
CA VAL A 15 -12.56 -2.34 -0.23
C VAL A 15 -12.72 -1.02 -0.98
N VAL A 16 -11.81 -0.76 -1.93
CA VAL A 16 -11.84 0.48 -2.69
C VAL A 16 -10.74 0.46 -3.76
N THR A 17 -10.98 1.12 -4.89
CA THR A 17 -9.97 1.22 -5.93
C THR A 17 -9.04 2.40 -5.67
N ASN A 18 -9.61 3.48 -5.09
CA ASN A 18 -8.88 4.70 -4.76
C ASN A 18 -8.49 5.48 -6.03
N VAL A 19 -8.74 6.80 -6.00
CA VAL A 19 -8.41 7.65 -7.14
C VAL A 19 -6.90 7.93 -7.19
N TYR A 20 -6.26 7.85 -6.03
CA TYR A 20 -4.81 7.94 -5.96
C TYR A 20 -4.24 6.53 -6.08
N ALA A 21 -2.96 6.38 -5.84
CA ALA A 21 -2.38 5.07 -5.77
C ALA A 21 -2.46 4.55 -4.34
N ALA A 22 -1.85 5.30 -3.42
CA ALA A 22 -1.80 4.91 -2.03
C ALA A 22 -2.89 5.59 -1.21
N GLU A 23 -3.34 4.92 -0.15
CA GLU A 23 -4.32 5.47 0.77
C GLU A 23 -4.12 4.87 2.17
N ILE A 24 -4.52 5.62 3.19
CA ILE A 24 -4.41 5.19 4.58
C ILE A 24 -5.59 4.29 4.94
N MET A 25 -5.34 3.26 5.73
CA MET A 25 -6.41 2.37 6.17
C MET A 25 -6.39 2.17 7.68
N LYS A 26 -7.58 2.15 8.27
CA LYS A 26 -7.77 1.81 9.66
C LYS A 26 -7.27 0.39 9.92
N LYS A 27 -6.92 0.08 11.17
CA LYS A 27 -6.32 -1.20 11.49
C LYS A 27 -7.34 -2.34 11.41
N THR A 28 -8.62 -2.01 11.53
CA THR A 28 -9.68 -3.00 11.36
C THR A 28 -9.76 -3.42 9.91
N ASP A 29 -9.81 -2.43 9.04
CA ASP A 29 -9.89 -2.67 7.62
C ASP A 29 -8.54 -3.18 7.13
N PHE A 30 -7.48 -2.76 7.80
CA PHE A 30 -6.13 -3.23 7.50
C PHE A 30 -6.04 -4.75 7.60
N ASP A 31 -6.57 -5.30 8.69
CA ASP A 31 -6.55 -6.74 8.91
C ASP A 31 -7.35 -7.46 7.83
N LYS A 32 -8.41 -6.81 7.39
CA LYS A 32 -9.27 -7.36 6.34
C LYS A 32 -8.65 -7.20 4.96
N VAL A 33 -7.98 -6.08 4.71
CA VAL A 33 -7.36 -5.84 3.42
C VAL A 33 -6.01 -6.52 3.34
N ALA A 34 -5.52 -7.03 4.47
CA ALA A 34 -4.30 -7.83 4.47
C ALA A 34 -4.51 -9.11 3.65
N SER A 35 -5.77 -9.39 3.37
CA SER A 35 -6.13 -10.55 2.57
C SER A 35 -6.27 -10.16 1.09
N GLU A 36 -6.57 -8.88 0.83
CA GLU A 36 -6.79 -8.39 -0.52
C GLU A 36 -5.54 -7.69 -1.08
N TYR A 37 -4.54 -7.50 -0.22
CA TYR A 37 -3.35 -6.74 -0.59
C TYR A 37 -2.08 -7.50 -0.25
N THR A 38 -0.96 -7.08 -0.82
CA THR A 38 0.31 -7.76 -0.65
C THR A 38 1.40 -6.79 -0.18
N LYS A 39 2.39 -7.31 0.53
CA LYS A 39 3.50 -6.52 1.05
C LYS A 39 4.52 -6.23 -0.04
N ILE A 40 4.95 -4.98 -0.14
CA ILE A 40 5.99 -4.61 -1.09
C ILE A 40 7.16 -3.92 -0.42
N GLY A 41 7.21 -4.04 0.89
CA GLY A 41 8.32 -3.50 1.65
C GLY A 41 7.94 -2.32 2.50
N THR A 42 8.83 -1.93 3.38
CA THR A 42 8.60 -0.80 4.27
C THR A 42 9.45 0.39 3.83
N ILE A 43 9.05 1.59 4.23
CA ILE A 43 9.86 2.77 4.02
C ILE A 43 10.18 3.39 5.38
N SER A 44 11.15 4.29 5.42
CA SER A 44 11.58 4.87 6.68
C SER A 44 12.10 6.29 6.47
N THR A 45 12.49 6.95 7.56
CA THR A 45 13.03 8.29 7.49
C THR A 45 14.36 8.36 8.23
N THR A 46 15.36 8.95 7.58
CA THR A 46 16.67 9.12 8.18
C THR A 46 17.39 10.30 7.52
N GLY A 47 17.96 11.18 8.34
CA GLY A 47 18.60 12.36 7.82
C GLY A 47 18.33 13.60 8.66
N GLU A 48 17.45 13.44 9.65
CA GLU A 48 17.08 14.51 10.57
C GLU A 48 16.45 15.69 9.83
N MET A 49 15.12 15.67 9.74
CA MET A 49 14.36 16.65 8.98
C MET A 49 13.15 17.12 9.79
N SER A 50 12.23 17.82 9.14
CA SER A 50 10.97 18.19 9.77
C SER A 50 10.00 17.00 9.69
N PRO A 51 9.17 16.79 10.73
CA PRO A 51 8.25 15.65 10.78
C PRO A 51 7.22 15.67 9.65
N LEU A 52 6.65 16.83 9.38
CA LEU A 52 5.69 16.98 8.28
C LEU A 52 6.40 16.81 6.94
N ASP A 53 7.59 17.37 6.84
CA ASP A 53 8.38 17.30 5.62
C ASP A 53 8.75 15.84 5.32
N ALA A 54 9.07 15.10 6.38
CA ALA A 54 9.34 13.68 6.27
C ALA A 54 8.09 12.92 5.81
N ARG A 55 6.96 13.30 6.39
CA ARG A 55 5.69 12.70 6.13
C ARG A 55 5.36 12.79 4.65
N GLU A 56 5.44 14.00 4.11
CA GLU A 56 5.11 14.27 2.72
C GLU A 56 6.01 13.46 1.79
N ASP A 57 7.27 13.32 2.17
CA ASP A 57 8.22 12.54 1.38
C ASP A 57 7.85 11.08 1.40
N LEU A 58 7.50 10.60 2.58
CA LEU A 58 7.10 9.21 2.76
C LEU A 58 5.83 8.89 1.99
N ILE A 59 4.84 9.75 2.17
CA ILE A 59 3.52 9.55 1.59
C ILE A 59 3.58 9.57 0.06
N LYS A 60 4.28 10.56 -0.49
CA LYS A 60 4.35 10.68 -1.94
C LYS A 60 5.18 9.55 -2.53
N LYS A 61 6.29 9.19 -1.87
CA LYS A 61 7.20 8.19 -2.39
C LYS A 61 6.57 6.81 -2.39
N ALA A 62 5.86 6.48 -1.31
CA ALA A 62 5.13 5.22 -1.24
C ALA A 62 4.09 5.13 -2.36
N ASP A 63 3.34 6.22 -2.53
CA ASP A 63 2.36 6.34 -3.60
C ASP A 63 3.03 6.26 -4.97
N GLU A 64 4.20 6.89 -5.07
CA GLU A 64 4.95 6.95 -6.31
C GLU A 64 5.62 5.63 -6.64
N LYS A 65 5.91 4.80 -5.63
CA LYS A 65 6.45 3.48 -5.90
C LYS A 65 5.35 2.58 -6.45
N GLY A 66 4.11 2.97 -6.18
CA GLY A 66 2.98 2.29 -6.77
C GLY A 66 2.06 1.66 -5.74
N ALA A 67 2.41 1.78 -4.46
CA ALA A 67 1.64 1.14 -3.38
C ALA A 67 0.19 1.57 -3.41
N ASP A 68 -0.70 0.68 -3.00
CA ASP A 68 -2.14 0.94 -2.99
C ASP A 68 -2.60 1.36 -1.61
N VAL A 69 -2.02 0.74 -0.60
CA VAL A 69 -2.36 1.06 0.78
C VAL A 69 -1.10 1.41 1.56
N VAL A 70 -1.19 2.43 2.40
CA VAL A 70 -0.04 2.82 3.20
C VAL A 70 -0.41 2.80 4.68
N VAL A 71 0.53 2.36 5.50
CA VAL A 71 0.33 2.32 6.94
C VAL A 71 1.43 3.09 7.64
N LEU A 72 1.07 4.23 8.21
CA LEU A 72 2.03 5.05 8.91
C LEU A 72 2.26 4.53 10.33
N THR A 73 3.04 3.46 10.44
CA THR A 73 3.37 2.88 11.72
C THR A 73 4.14 3.87 12.58
N SER A 74 5.05 4.59 11.92
CA SER A 74 5.80 5.67 12.53
C SER A 74 6.62 5.20 13.73
N GLY A 75 7.22 6.16 14.42
CA GLY A 75 7.90 5.88 15.65
C GLY A 75 7.67 7.00 16.63
N GLN A 76 8.60 7.20 17.53
CA GLN A 76 8.46 8.24 18.55
C GLN A 76 9.80 8.84 18.90
N THR A 77 10.52 9.22 17.88
CA THR A 77 11.78 9.92 18.03
C THR A 77 11.79 11.14 17.11
N GLU A 78 11.12 12.20 17.55
CA GLU A 78 10.91 13.38 16.69
C GLU A 78 12.20 14.19 16.52
N ASN A 79 13.17 13.94 17.38
CA ASN A 79 14.44 14.64 17.35
C ASN A 79 15.11 14.51 15.99
N LYS A 80 15.46 13.29 15.62
CA LYS A 80 16.11 13.04 14.33
C LYS A 80 15.15 12.40 13.35
N ILE A 81 14.00 12.02 13.89
CA ILE A 81 12.99 11.23 13.20
C ILE A 81 13.53 9.84 12.84
N HIS A 82 12.64 8.87 12.83
CA HIS A 82 12.98 7.50 12.48
C HIS A 82 11.70 6.74 12.23
N GLY A 83 10.68 7.47 11.79
CA GLY A 83 9.39 6.88 11.57
C GLY A 83 9.34 6.04 10.33
N THR A 84 8.64 4.93 10.42
CA THR A 84 8.51 4.01 9.30
C THR A 84 7.09 3.99 8.77
N ALA A 85 6.94 3.60 7.53
CA ALA A 85 5.62 3.37 6.97
C ALA A 85 5.64 2.09 6.16
N ASP A 86 4.66 1.25 6.39
CA ASP A 86 4.62 -0.06 5.74
C ASP A 86 3.52 -0.05 4.70
N ILE A 87 3.88 -0.39 3.47
CA ILE A 87 2.97 -0.21 2.36
C ILE A 87 2.57 -1.53 1.72
N TYR A 88 1.38 -1.52 1.11
CA TYR A 88 0.81 -2.71 0.49
C TYR A 88 0.30 -2.40 -0.92
N LYS A 89 0.35 -3.41 -1.76
CA LYS A 89 -0.16 -3.31 -3.13
C LYS A 89 -1.42 -4.14 -3.27
N LYS A 90 -2.22 -3.84 -4.29
CA LYS A 90 -3.37 -4.68 -4.62
C LYS A 90 -2.91 -6.05 -5.04
N LYS A 91 -3.81 -7.00 -4.92
CA LYS A 91 -3.52 -8.35 -5.35
C LYS A 91 -4.05 -8.58 -6.75
N LEU A 92 -3.73 -9.74 -7.29
CA LEU A 92 -4.10 -10.07 -8.66
C LEU A 92 -5.42 -10.82 -8.66
N GLU A 93 -5.93 -11.11 -7.46
CA GLU A 93 -7.24 -11.70 -7.31
C GLU A 93 -8.28 -10.60 -7.38
N HIS A 94 -9.13 -10.67 -8.39
CA HIS A 94 -10.15 -9.67 -8.60
C HIS A 94 -11.39 -10.34 -9.16
N HIS A 95 -12.42 -10.48 -8.33
CA HIS A 95 -13.63 -11.19 -8.73
C HIS A 95 -14.17 -10.62 -10.03
N HIS A 96 -14.39 -11.51 -10.98
CA HIS A 96 -14.96 -11.13 -12.25
C HIS A 96 -16.47 -11.17 -12.11
N HIS A 97 -17.20 -10.65 -13.09
CA HIS A 97 -18.65 -10.49 -12.99
C HIS A 97 -18.96 -9.45 -11.91
N HIS A 98 -19.16 -8.21 -12.33
CA HIS A 98 -19.20 -7.07 -11.42
C HIS A 98 -20.36 -7.15 -10.41
N HIS A 99 -21.41 -7.85 -10.78
CA HIS A 99 -22.53 -8.06 -9.87
C HIS A 99 -22.94 -9.52 -9.86
N MET A 1 -42.32 -31.16 -33.69
CA MET A 1 -42.05 -29.72 -33.55
C MET A 1 -40.83 -29.33 -34.37
N LYS A 2 -41.04 -28.61 -35.45
CA LYS A 2 -39.94 -28.18 -36.31
C LYS A 2 -39.14 -27.07 -35.64
N THR A 3 -37.95 -27.43 -35.17
CA THR A 3 -37.08 -26.48 -34.50
C THR A 3 -36.28 -25.67 -35.53
N GLY A 4 -36.31 -24.35 -35.39
CA GLY A 4 -35.63 -23.50 -36.33
C GLY A 4 -34.96 -22.31 -35.67
N TYR A 5 -33.69 -22.48 -35.31
CA TYR A 5 -32.88 -21.41 -34.75
C TYR A 5 -31.41 -21.82 -34.75
N LYS A 6 -30.61 -21.09 -35.50
CA LYS A 6 -29.18 -21.41 -35.62
C LYS A 6 -28.36 -20.14 -35.86
N VAL A 7 -28.08 -19.43 -34.78
CA VAL A 7 -27.31 -18.19 -34.85
C VAL A 7 -27.11 -17.60 -33.45
N MET A 8 -25.87 -17.28 -33.12
CA MET A 8 -25.55 -16.66 -31.85
C MET A 8 -24.33 -15.76 -31.99
N LEU A 9 -24.56 -14.47 -31.87
CA LEU A 9 -23.50 -13.49 -31.98
C LEU A 9 -23.47 -12.62 -30.72
N GLY A 10 -22.56 -11.67 -30.67
CA GLY A 10 -22.47 -10.79 -29.53
C GLY A 10 -21.66 -11.39 -28.40
N ALA A 11 -20.48 -11.88 -28.73
CA ALA A 11 -19.60 -12.46 -27.74
C ALA A 11 -18.52 -11.47 -27.34
N LEU A 12 -18.66 -10.90 -26.16
CA LEU A 12 -17.72 -9.90 -25.68
C LEU A 12 -17.67 -9.91 -24.15
N ALA A 13 -16.52 -9.55 -23.60
CA ALA A 13 -16.36 -9.47 -22.16
C ALA A 13 -15.34 -8.40 -21.80
N PHE A 14 -15.71 -7.52 -20.90
CA PHE A 14 -14.80 -6.49 -20.43
C PHE A 14 -15.01 -6.27 -18.93
N VAL A 15 -13.95 -6.50 -18.17
CA VAL A 15 -14.03 -6.41 -16.72
C VAL A 15 -12.63 -6.59 -16.12
N VAL A 16 -12.49 -6.26 -14.84
CA VAL A 16 -11.24 -6.39 -14.10
C VAL A 16 -10.28 -5.26 -14.47
N THR A 17 -10.42 -4.16 -13.75
CA THR A 17 -9.56 -3.00 -13.90
C THR A 17 -8.90 -2.69 -12.57
N ASN A 18 -7.58 -2.71 -12.56
CA ASN A 18 -6.83 -2.56 -11.31
C ASN A 18 -6.47 -1.10 -11.07
N VAL A 19 -7.41 -0.35 -10.50
CA VAL A 19 -7.16 1.02 -10.14
C VAL A 19 -6.57 1.09 -8.73
N TYR A 20 -5.49 1.85 -8.58
CA TYR A 20 -4.84 1.97 -7.28
C TYR A 20 -4.77 3.43 -6.84
N ALA A 21 -4.85 3.63 -5.54
CA ALA A 21 -4.76 4.94 -4.93
C ALA A 21 -4.31 4.82 -3.49
N ALA A 22 -3.11 5.35 -3.20
CA ALA A 22 -2.53 5.25 -1.86
C ALA A 22 -3.43 5.87 -0.81
N GLU A 23 -4.09 5.01 -0.05
CA GLU A 23 -5.03 5.43 0.97
C GLU A 23 -4.57 4.95 2.34
N ILE A 24 -4.80 5.77 3.35
CA ILE A 24 -4.53 5.39 4.73
C ILE A 24 -5.70 4.58 5.27
N MET A 25 -5.41 3.42 5.85
CA MET A 25 -6.47 2.54 6.33
C MET A 25 -6.44 2.41 7.85
N LYS A 26 -7.57 2.03 8.42
CA LYS A 26 -7.67 1.76 9.83
C LYS A 26 -7.13 0.37 10.12
N LYS A 27 -6.59 0.16 11.31
CA LYS A 27 -5.96 -1.12 11.64
C LYS A 27 -6.95 -2.28 11.52
N THR A 28 -8.23 -1.99 11.59
CA THR A 28 -9.26 -2.99 11.40
C THR A 28 -9.47 -3.31 9.92
N ASP A 29 -9.72 -2.30 9.09
CA ASP A 29 -10.00 -2.56 7.68
C ASP A 29 -8.71 -2.88 6.95
N PHE A 30 -7.59 -2.33 7.43
CA PHE A 30 -6.28 -2.65 6.89
C PHE A 30 -5.99 -4.13 7.08
N ASP A 31 -6.32 -4.64 8.25
CA ASP A 31 -6.11 -6.05 8.56
C ASP A 31 -7.01 -6.93 7.68
N LYS A 32 -8.16 -6.41 7.31
CA LYS A 32 -9.08 -7.12 6.44
C LYS A 32 -8.58 -7.10 5.00
N VAL A 33 -8.12 -5.95 4.54
CA VAL A 33 -7.66 -5.82 3.16
C VAL A 33 -6.29 -6.48 2.98
N ALA A 34 -5.54 -6.59 4.08
CA ALA A 34 -4.21 -7.22 4.03
C ALA A 34 -4.30 -8.67 3.55
N SER A 35 -5.50 -9.22 3.62
CA SER A 35 -5.76 -10.57 3.17
C SER A 35 -5.67 -10.65 1.63
N GLU A 36 -6.02 -9.56 0.96
CA GLU A 36 -6.02 -9.54 -0.50
C GLU A 36 -4.96 -8.58 -1.01
N TYR A 37 -4.07 -8.16 -0.12
CA TYR A 37 -2.98 -7.26 -0.48
C TYR A 37 -1.63 -7.95 -0.25
N THR A 38 -0.57 -7.34 -0.74
CA THR A 38 0.76 -7.90 -0.58
C THR A 38 1.77 -6.81 -0.25
N LYS A 39 2.63 -7.09 0.70
CA LYS A 39 3.66 -6.17 1.12
C LYS A 39 4.81 -6.13 0.12
N ILE A 40 5.08 -4.95 -0.41
CA ILE A 40 6.21 -4.76 -1.29
C ILE A 40 7.44 -4.32 -0.51
N GLY A 41 7.20 -3.86 0.71
CA GLY A 41 8.27 -3.43 1.57
C GLY A 41 7.87 -2.30 2.48
N THR A 42 8.70 -2.01 3.46
CA THR A 42 8.46 -0.90 4.36
C THR A 42 9.40 0.25 4.01
N ILE A 43 8.99 1.47 4.29
CA ILE A 43 9.83 2.64 4.01
C ILE A 43 10.16 3.33 5.33
N SER A 44 11.17 4.19 5.31
CA SER A 44 11.61 4.87 6.51
C SER A 44 12.31 6.17 6.15
N THR A 45 12.52 7.00 7.16
CA THR A 45 13.20 8.26 7.00
C THR A 45 14.59 8.19 7.63
N THR A 46 15.47 9.10 7.23
CA THR A 46 16.80 9.20 7.80
C THR A 46 17.29 10.64 7.73
N GLY A 47 17.59 11.22 8.88
CA GLY A 47 18.03 12.59 8.93
C GLY A 47 16.99 13.48 9.57
N GLU A 48 17.44 14.38 10.42
CA GLU A 48 16.56 15.32 11.10
C GLU A 48 15.76 16.14 10.08
N MET A 49 14.46 15.96 10.09
CA MET A 49 13.57 16.62 9.16
C MET A 49 12.29 17.02 9.86
N SER A 50 11.47 17.83 9.20
CA SER A 50 10.19 18.22 9.76
C SER A 50 9.27 17.00 9.78
N PRO A 51 8.46 16.84 10.83
CA PRO A 51 7.66 15.63 11.05
C PRO A 51 6.67 15.34 9.93
N LEU A 52 5.80 16.30 9.63
CA LEU A 52 4.75 16.08 8.64
C LEU A 52 5.35 16.05 7.25
N ASP A 53 6.41 16.83 7.05
CA ASP A 53 7.06 16.91 5.75
C ASP A 53 7.80 15.62 5.42
N ALA A 54 8.42 15.01 6.43
CA ALA A 54 9.10 13.75 6.23
C ALA A 54 8.10 12.63 6.00
N ARG A 55 6.94 12.75 6.64
CA ARG A 55 5.84 11.82 6.44
C ARG A 55 5.32 11.96 5.01
N GLU A 56 5.17 13.22 4.60
CA GLU A 56 4.73 13.56 3.25
C GLU A 56 5.64 12.93 2.20
N ASP A 57 6.95 12.98 2.44
CA ASP A 57 7.91 12.45 1.47
C ASP A 57 7.82 10.93 1.42
N LEU A 58 7.53 10.33 2.55
CA LEU A 58 7.30 8.90 2.62
C LEU A 58 6.04 8.54 1.83
N ILE A 59 5.00 9.36 2.00
CA ILE A 59 3.74 9.18 1.30
C ILE A 59 3.96 9.32 -0.19
N LYS A 60 4.76 10.32 -0.55
CA LYS A 60 5.18 10.52 -1.93
C LYS A 60 5.83 9.27 -2.49
N LYS A 61 6.83 8.76 -1.78
CA LYS A 61 7.59 7.61 -2.24
C LYS A 61 6.70 6.37 -2.38
N ALA A 62 5.77 6.20 -1.46
CA ALA A 62 4.78 5.12 -1.55
C ALA A 62 3.99 5.24 -2.85
N ASP A 63 3.55 6.46 -3.16
CA ASP A 63 2.83 6.74 -4.40
C ASP A 63 3.72 6.52 -5.61
N GLU A 64 4.96 6.97 -5.49
CA GLU A 64 5.97 6.82 -6.53
C GLU A 64 6.23 5.35 -6.82
N LYS A 65 6.18 4.53 -5.78
CA LYS A 65 6.35 3.09 -5.93
C LYS A 65 5.06 2.49 -6.49
N GLY A 66 3.93 3.07 -6.11
CA GLY A 66 2.65 2.63 -6.62
C GLY A 66 1.83 1.84 -5.63
N ALA A 67 2.16 1.97 -4.34
CA ALA A 67 1.44 1.27 -3.28
C ALA A 67 0.01 1.77 -3.19
N ASP A 68 -0.91 0.87 -2.87
CA ASP A 68 -2.32 1.20 -2.81
C ASP A 68 -2.74 1.53 -1.39
N VAL A 69 -2.21 0.77 -0.46
CA VAL A 69 -2.49 1.03 0.96
C VAL A 69 -1.23 1.46 1.67
N VAL A 70 -1.34 2.49 2.49
CA VAL A 70 -0.20 2.97 3.24
C VAL A 70 -0.56 3.05 4.72
N VAL A 71 0.39 2.71 5.58
CA VAL A 71 0.18 2.76 7.01
C VAL A 71 1.32 3.49 7.69
N LEU A 72 0.99 4.47 8.51
CA LEU A 72 2.00 5.22 9.25
C LEU A 72 2.33 4.50 10.55
N THR A 73 3.44 3.77 10.52
CA THR A 73 3.91 3.05 11.69
C THR A 73 4.81 3.91 12.56
N SER A 74 5.19 5.05 12.01
CA SER A 74 6.05 6.02 12.68
C SER A 74 5.62 6.29 14.12
N GLY A 75 6.56 6.11 15.05
CA GLY A 75 6.29 6.36 16.45
C GLY A 75 6.28 7.84 16.78
N GLN A 76 6.91 8.63 15.91
CA GLN A 76 6.91 10.08 15.99
C GLN A 76 7.64 10.62 17.22
N THR A 77 8.82 11.16 16.99
CA THR A 77 9.48 12.00 17.97
C THR A 77 9.15 13.46 17.68
N GLU A 78 9.80 14.00 16.65
CA GLU A 78 9.51 15.33 16.15
C GLU A 78 10.40 15.65 14.97
N ASN A 79 11.68 15.90 15.25
CA ASN A 79 12.64 16.31 14.25
C ASN A 79 13.57 15.16 13.91
N LYS A 80 14.09 14.51 14.94
CA LYS A 80 15.02 13.40 14.79
C LYS A 80 14.28 12.09 14.53
N ILE A 81 13.29 12.15 13.64
CA ILE A 81 12.42 11.03 13.39
C ILE A 81 13.05 9.97 12.51
N HIS A 82 12.98 8.73 12.96
CA HIS A 82 13.30 7.58 12.13
C HIS A 82 12.02 6.79 11.92
N GLY A 83 10.93 7.53 11.75
CA GLY A 83 9.63 6.92 11.61
C GLY A 83 9.48 6.19 10.30
N THR A 84 8.80 5.06 10.35
CA THR A 84 8.60 4.23 9.17
C THR A 84 7.18 4.34 8.66
N ALA A 85 6.97 3.79 7.48
CA ALA A 85 5.63 3.63 6.94
C ALA A 85 5.56 2.31 6.21
N ASP A 86 4.50 1.55 6.46
CA ASP A 86 4.38 0.22 5.91
C ASP A 86 3.30 0.18 4.85
N ILE A 87 3.68 -0.19 3.65
CA ILE A 87 2.79 -0.07 2.51
C ILE A 87 2.44 -1.43 1.89
N TYR A 88 1.27 -1.49 1.26
CA TYR A 88 0.79 -2.72 0.64
C TYR A 88 0.25 -2.45 -0.76
N LYS A 89 0.34 -3.45 -1.62
CA LYS A 89 -0.16 -3.37 -2.98
C LYS A 89 -1.33 -4.32 -3.16
N LYS A 90 -2.16 -4.04 -4.16
CA LYS A 90 -3.29 -4.90 -4.47
C LYS A 90 -2.84 -6.17 -5.17
N LYS A 91 -3.55 -7.26 -4.90
CA LYS A 91 -3.29 -8.53 -5.56
C LYS A 91 -4.14 -8.66 -6.81
N LEU A 92 -4.05 -9.83 -7.42
CA LEU A 92 -4.85 -10.13 -8.60
C LEU A 92 -6.10 -10.88 -8.19
N GLU A 93 -6.00 -11.53 -7.05
CA GLU A 93 -7.12 -12.23 -6.46
C GLU A 93 -7.70 -11.41 -5.32
N HIS A 94 -8.62 -10.54 -5.67
CA HIS A 94 -9.27 -9.69 -4.69
C HIS A 94 -10.78 -9.81 -4.83
N HIS A 95 -11.44 -10.24 -3.77
CA HIS A 95 -12.87 -10.44 -3.80
C HIS A 95 -13.60 -9.12 -3.55
N HIS A 96 -12.87 -8.15 -3.00
CA HIS A 96 -13.39 -6.80 -2.87
C HIS A 96 -13.37 -6.13 -4.24
N HIS A 97 -14.55 -5.90 -4.80
CA HIS A 97 -14.65 -5.36 -6.14
C HIS A 97 -15.23 -3.95 -6.12
N HIS A 98 -16.17 -3.69 -5.21
CA HIS A 98 -16.77 -2.38 -5.10
C HIS A 98 -16.13 -1.57 -3.99
N HIS A 99 -16.14 -0.27 -4.14
CA HIS A 99 -15.55 0.63 -3.15
C HIS A 99 -16.65 1.46 -2.50
N MET A 1 4.02 -42.11 -8.70
CA MET A 1 2.84 -42.43 -7.88
C MET A 1 2.02 -41.19 -7.57
N LYS A 2 2.28 -40.10 -8.29
CA LYS A 2 1.55 -38.87 -8.06
C LYS A 2 0.71 -38.51 -9.30
N THR A 3 -0.60 -38.63 -9.17
CA THR A 3 -1.50 -38.35 -10.26
C THR A 3 -2.90 -38.08 -9.72
N GLY A 4 -3.78 -37.57 -10.58
CA GLY A 4 -5.14 -37.29 -10.17
C GLY A 4 -5.38 -35.84 -9.93
N TYR A 5 -6.35 -35.54 -9.07
CA TYR A 5 -6.72 -34.16 -8.71
C TYR A 5 -7.41 -33.45 -9.88
N LYS A 6 -8.22 -32.47 -9.55
CA LYS A 6 -8.86 -31.63 -10.55
C LYS A 6 -8.94 -30.20 -10.07
N VAL A 7 -9.91 -29.90 -9.22
CA VAL A 7 -10.08 -28.56 -8.72
C VAL A 7 -10.73 -28.57 -7.34
N MET A 8 -9.98 -28.11 -6.35
CA MET A 8 -10.49 -27.91 -5.01
C MET A 8 -9.80 -26.71 -4.39
N LEU A 9 -10.36 -26.18 -3.30
CA LEU A 9 -9.82 -25.01 -2.62
C LEU A 9 -10.07 -23.76 -3.45
N GLY A 10 -11.34 -23.44 -3.64
CA GLY A 10 -11.71 -22.22 -4.33
C GLY A 10 -11.40 -21.01 -3.49
N ALA A 11 -12.06 -20.92 -2.34
CA ALA A 11 -11.85 -19.84 -1.37
C ALA A 11 -11.86 -18.45 -2.02
N LEU A 12 -13.04 -17.96 -2.32
CA LEU A 12 -13.18 -16.63 -2.91
C LEU A 12 -14.52 -16.03 -2.52
N ALA A 13 -14.47 -14.88 -1.88
CA ALA A 13 -15.69 -14.18 -1.46
C ALA A 13 -15.49 -12.68 -1.60
N PHE A 14 -16.06 -12.12 -2.66
CA PHE A 14 -15.99 -10.69 -2.94
C PHE A 14 -14.57 -10.22 -3.27
N VAL A 15 -14.52 -9.00 -3.77
CA VAL A 15 -13.28 -8.27 -3.99
C VAL A 15 -13.65 -6.79 -4.05
N VAL A 16 -13.81 -6.20 -2.88
CA VAL A 16 -14.50 -4.92 -2.77
C VAL A 16 -13.58 -3.76 -2.45
N THR A 17 -12.55 -4.00 -1.66
CA THR A 17 -11.69 -2.92 -1.22
C THR A 17 -10.66 -2.58 -2.29
N ASN A 18 -11.13 -1.92 -3.34
CA ASN A 18 -10.30 -1.49 -4.45
C ASN A 18 -9.74 -0.11 -4.18
N VAL A 19 -8.46 -0.06 -3.86
CA VAL A 19 -7.78 1.22 -3.65
C VAL A 19 -7.36 1.83 -4.97
N TYR A 20 -7.92 3.00 -5.25
CA TYR A 20 -7.66 3.72 -6.49
C TYR A 20 -6.28 4.36 -6.47
N ALA A 21 -5.78 4.65 -5.28
CA ALA A 21 -4.47 5.27 -5.13
C ALA A 21 -4.05 5.24 -3.68
N ALA A 22 -2.78 5.58 -3.42
CA ALA A 22 -2.21 5.55 -2.07
C ALA A 22 -3.01 6.41 -1.10
N GLU A 23 -3.70 5.74 -0.17
CA GLU A 23 -4.48 6.43 0.85
C GLU A 23 -4.27 5.76 2.20
N ILE A 24 -4.48 6.51 3.28
CA ILE A 24 -4.31 6.00 4.63
C ILE A 24 -5.57 5.27 5.09
N MET A 25 -5.39 4.09 5.68
CA MET A 25 -6.52 3.35 6.25
C MET A 25 -6.31 3.12 7.74
N LYS A 26 -7.22 2.38 8.35
CA LYS A 26 -7.13 2.03 9.75
C LYS A 26 -6.22 0.83 9.95
N LYS A 27 -6.30 0.20 11.11
CA LYS A 27 -5.48 -0.96 11.42
C LYS A 27 -6.31 -2.25 11.31
N THR A 28 -7.52 -2.22 11.88
CA THR A 28 -8.35 -3.42 11.91
C THR A 28 -8.87 -3.78 10.52
N ASP A 29 -9.41 -2.79 9.80
CA ASP A 29 -9.86 -3.04 8.44
C ASP A 29 -8.67 -3.29 7.53
N PHE A 30 -7.56 -2.63 7.82
CA PHE A 30 -6.33 -2.86 7.06
C PHE A 30 -5.88 -4.32 7.16
N ASP A 31 -6.03 -4.89 8.34
CA ASP A 31 -5.68 -6.30 8.57
C ASP A 31 -6.62 -7.21 7.78
N LYS A 32 -7.86 -6.80 7.63
CA LYS A 32 -8.87 -7.59 6.94
C LYS A 32 -8.79 -7.37 5.43
N VAL A 33 -8.39 -6.19 5.00
CA VAL A 33 -8.24 -5.92 3.58
C VAL A 33 -6.86 -6.32 3.10
N ALA A 34 -5.94 -6.60 4.04
CA ALA A 34 -4.62 -7.11 3.68
C ALA A 34 -4.75 -8.44 2.95
N SER A 35 -5.87 -9.10 3.19
CA SER A 35 -6.21 -10.32 2.48
C SER A 35 -6.34 -10.05 0.97
N GLU A 36 -6.98 -8.93 0.63
CA GLU A 36 -7.15 -8.52 -0.76
C GLU A 36 -5.91 -7.78 -1.27
N TYR A 37 -4.87 -7.72 -0.45
CA TYR A 37 -3.70 -6.89 -0.72
C TYR A 37 -2.41 -7.69 -0.64
N THR A 38 -1.29 -7.03 -0.90
CA THR A 38 0.02 -7.65 -0.88
C THR A 38 1.03 -6.61 -0.41
N LYS A 39 2.21 -7.04 0.03
CA LYS A 39 3.17 -6.11 0.60
C LYS A 39 4.43 -6.07 -0.24
N ILE A 40 4.73 -4.90 -0.78
CA ILE A 40 5.90 -4.71 -1.63
C ILE A 40 7.15 -4.44 -0.79
N GLY A 41 6.97 -3.89 0.41
CA GLY A 41 8.09 -3.64 1.27
C GLY A 41 7.81 -2.52 2.24
N THR A 42 8.74 -2.24 3.14
CA THR A 42 8.59 -1.17 4.09
C THR A 42 9.49 0.00 3.70
N ILE A 43 9.08 1.21 4.06
CA ILE A 43 9.87 2.40 3.78
C ILE A 43 10.11 3.15 5.07
N SER A 44 11.06 4.07 5.06
CA SER A 44 11.43 4.77 6.28
C SER A 44 11.82 6.23 6.03
N THR A 45 12.09 6.94 7.12
CA THR A 45 12.59 8.29 7.07
C THR A 45 13.89 8.38 7.85
N THR A 46 14.87 9.11 7.32
CA THR A 46 16.14 9.24 7.99
C THR A 46 16.72 10.63 7.80
N GLY A 47 16.71 11.41 8.87
CA GLY A 47 17.31 12.72 8.83
C GLY A 47 16.78 13.61 9.92
N GLU A 48 16.17 14.71 9.51
CA GLU A 48 15.67 15.70 10.44
C GLU A 48 14.78 16.70 9.72
N MET A 49 13.50 16.37 9.61
CA MET A 49 12.53 17.21 8.93
C MET A 49 11.26 17.30 9.73
N SER A 50 10.38 18.21 9.36
CA SER A 50 9.12 18.40 10.08
C SER A 50 8.21 17.18 9.91
N PRO A 51 7.39 16.88 10.92
CA PRO A 51 6.59 15.65 10.99
C PRO A 51 5.70 15.41 9.77
N LEU A 52 5.01 16.46 9.32
CA LEU A 52 4.08 16.32 8.20
C LEU A 52 4.86 16.14 6.91
N ASP A 53 6.01 16.79 6.81
CA ASP A 53 6.88 16.64 5.65
C ASP A 53 7.42 15.22 5.58
N ALA A 54 7.73 14.67 6.75
CA ALA A 54 8.16 13.29 6.85
C ALA A 54 7.07 12.35 6.35
N ARG A 55 5.83 12.65 6.72
CA ARG A 55 4.68 11.87 6.30
C ARG A 55 4.61 11.85 4.78
N GLU A 56 4.55 13.05 4.20
CA GLU A 56 4.33 13.20 2.78
C GLU A 56 5.54 12.74 1.97
N ASP A 57 6.73 12.79 2.58
CA ASP A 57 7.92 12.19 1.98
C ASP A 57 7.71 10.69 1.84
N LEU A 58 7.23 10.09 2.93
CA LEU A 58 6.89 8.68 2.96
C LEU A 58 5.76 8.37 1.98
N ILE A 59 4.71 9.17 2.03
CA ILE A 59 3.55 8.98 1.19
C ILE A 59 3.90 9.04 -0.30
N LYS A 60 4.69 10.03 -0.69
CA LYS A 60 5.06 10.19 -2.09
C LYS A 60 6.07 9.13 -2.51
N LYS A 61 6.89 8.69 -1.57
CA LYS A 61 7.89 7.66 -1.82
C LYS A 61 7.23 6.32 -2.06
N ALA A 62 6.23 6.01 -1.24
CA ALA A 62 5.41 4.83 -1.44
C ALA A 62 4.73 4.89 -2.80
N ASP A 63 4.26 6.08 -3.15
CA ASP A 63 3.64 6.32 -4.45
C ASP A 63 4.67 6.16 -5.57
N GLU A 64 5.90 6.56 -5.28
CA GLU A 64 7.01 6.44 -6.20
C GLU A 64 7.39 4.98 -6.44
N LYS A 65 7.40 4.19 -5.37
CA LYS A 65 7.70 2.77 -5.49
C LYS A 65 6.50 2.03 -6.10
N GLY A 66 5.30 2.49 -5.78
CA GLY A 66 4.12 1.89 -6.36
C GLY A 66 3.29 1.15 -5.34
N ALA A 67 2.82 1.89 -4.34
CA ALA A 67 1.95 1.34 -3.32
C ALA A 67 0.55 1.92 -3.44
N ASP A 68 -0.45 1.16 -3.02
CA ASP A 68 -1.84 1.59 -3.11
C ASP A 68 -2.37 2.00 -1.74
N VAL A 69 -1.86 1.37 -0.71
CA VAL A 69 -2.28 1.68 0.66
C VAL A 69 -1.06 2.02 1.49
N VAL A 70 -1.18 3.03 2.34
CA VAL A 70 -0.06 3.43 3.17
C VAL A 70 -0.49 3.52 4.63
N VAL A 71 0.39 3.12 5.54
CA VAL A 71 0.13 3.23 6.96
C VAL A 71 1.32 3.87 7.65
N LEU A 72 1.10 5.06 8.20
CA LEU A 72 2.14 5.79 8.89
C LEU A 72 2.25 5.32 10.33
N THR A 73 3.01 4.25 10.51
CA THR A 73 3.26 3.68 11.82
C THR A 73 4.50 4.32 12.45
N SER A 74 5.08 5.23 11.71
CA SER A 74 6.29 5.94 12.09
C SER A 74 6.20 6.53 13.50
N GLY A 75 7.26 6.30 14.28
CA GLY A 75 7.40 6.94 15.56
C GLY A 75 7.61 8.42 15.39
N GLN A 76 6.52 9.15 15.53
CA GLN A 76 6.52 10.59 15.33
C GLN A 76 7.26 11.30 16.45
N THR A 77 8.57 11.20 16.38
CA THR A 77 9.46 11.93 17.27
C THR A 77 9.63 13.38 16.81
N GLU A 78 9.19 13.64 15.57
CA GLU A 78 9.16 14.98 14.99
C GLU A 78 10.55 15.50 14.62
N ASN A 79 11.33 15.81 15.64
CA ASN A 79 12.64 16.44 15.46
C ASN A 79 13.59 15.56 14.66
N LYS A 80 13.86 14.37 15.19
CA LYS A 80 14.83 13.46 14.58
C LYS A 80 14.12 12.24 14.02
N ILE A 81 13.24 12.50 13.07
CA ILE A 81 12.46 11.47 12.40
C ILE A 81 13.32 10.30 11.90
N HIS A 82 12.97 9.12 12.36
CA HIS A 82 13.59 7.89 11.87
C HIS A 82 12.56 6.76 11.95
N GLY A 83 11.38 7.05 11.43
CA GLY A 83 10.28 6.11 11.51
C GLY A 83 10.03 5.40 10.20
N THR A 84 9.24 4.33 10.27
CA THR A 84 8.93 3.53 9.10
C THR A 84 7.45 3.65 8.73
N ALA A 85 7.14 3.45 7.47
CA ALA A 85 5.76 3.42 7.00
C ALA A 85 5.49 2.08 6.35
N ASP A 86 4.36 1.48 6.68
CA ASP A 86 4.03 0.15 6.19
C ASP A 86 3.05 0.27 5.05
N ILE A 87 3.49 -0.13 3.88
CA ILE A 87 2.70 0.11 2.68
C ILE A 87 2.27 -1.20 2.03
N TYR A 88 1.15 -1.15 1.32
CA TYR A 88 0.57 -2.32 0.68
C TYR A 88 0.12 -2.00 -0.74
N LYS A 89 0.13 -3.02 -1.56
CA LYS A 89 -0.31 -2.94 -2.93
C LYS A 89 -1.46 -3.90 -3.10
N LYS A 90 -2.52 -3.52 -3.81
CA LYS A 90 -3.66 -4.40 -3.95
C LYS A 90 -3.30 -5.60 -4.82
N LYS A 91 -4.13 -6.61 -4.76
CA LYS A 91 -3.87 -7.86 -5.47
C LYS A 91 -4.36 -7.76 -6.91
N LEU A 92 -4.14 -8.84 -7.66
CA LEU A 92 -4.49 -8.88 -9.08
C LEU A 92 -5.91 -9.37 -9.27
N GLU A 93 -6.59 -9.64 -8.16
CA GLU A 93 -8.00 -10.06 -8.17
C GLU A 93 -8.17 -11.47 -8.76
N HIS A 94 -9.33 -12.08 -8.48
CA HIS A 94 -9.71 -13.37 -9.07
C HIS A 94 -8.58 -14.39 -9.05
N HIS A 95 -8.35 -14.99 -7.89
CA HIS A 95 -7.29 -15.98 -7.74
C HIS A 95 -7.72 -17.09 -6.80
N HIS A 96 -7.25 -18.29 -7.07
CA HIS A 96 -7.58 -19.46 -6.26
C HIS A 96 -6.31 -20.30 -6.06
N HIS A 97 -6.26 -21.08 -5.00
CA HIS A 97 -5.13 -21.97 -4.76
C HIS A 97 -5.14 -23.12 -5.76
N HIS A 98 -6.31 -23.73 -5.95
CA HIS A 98 -6.51 -24.80 -6.91
C HIS A 98 -5.68 -26.03 -6.55
N HIS A 99 -6.28 -26.91 -5.77
CA HIS A 99 -5.66 -28.18 -5.42
C HIS A 99 -6.75 -29.24 -5.24
N MET A 1 -28.78 -43.77 22.82
CA MET A 1 -29.05 -42.47 22.18
C MET A 1 -29.28 -41.43 23.26
N LYS A 2 -28.25 -40.66 23.57
CA LYS A 2 -28.30 -39.71 24.66
C LYS A 2 -27.57 -38.43 24.29
N THR A 3 -26.28 -38.56 24.00
CA THR A 3 -25.46 -37.42 23.63
C THR A 3 -24.82 -37.66 22.27
N GLY A 4 -24.80 -36.63 21.43
CA GLY A 4 -24.17 -36.75 20.13
C GLY A 4 -24.55 -35.65 19.18
N TYR A 5 -24.10 -34.43 19.45
CA TYR A 5 -24.32 -33.31 18.54
C TYR A 5 -23.00 -32.68 18.14
N LYS A 6 -22.43 -33.17 17.05
CA LYS A 6 -21.21 -32.61 16.50
C LYS A 6 -21.39 -32.28 15.03
N VAL A 7 -21.95 -31.12 14.75
CA VAL A 7 -22.16 -30.69 13.38
C VAL A 7 -21.07 -29.73 12.94
N MET A 8 -20.70 -29.79 11.67
CA MET A 8 -19.64 -28.94 11.14
C MET A 8 -20.19 -27.93 10.17
N LEU A 9 -19.93 -26.65 10.46
CA LEU A 9 -20.33 -25.57 9.59
C LEU A 9 -19.12 -24.73 9.22
N GLY A 10 -18.96 -24.44 7.94
CA GLY A 10 -17.82 -23.67 7.50
C GLY A 10 -18.08 -22.99 6.18
N ALA A 11 -18.15 -21.67 6.20
CA ALA A 11 -18.36 -20.89 4.99
C ALA A 11 -17.42 -19.70 4.96
N LEU A 12 -16.95 -19.35 3.78
CA LEU A 12 -16.05 -18.22 3.61
C LEU A 12 -16.52 -17.31 2.47
N ALA A 13 -16.02 -16.08 2.47
CA ALA A 13 -16.31 -15.10 1.42
C ALA A 13 -17.79 -14.73 1.41
N PHE A 14 -18.14 -13.74 2.23
CA PHE A 14 -19.52 -13.26 2.30
C PHE A 14 -19.57 -11.76 2.04
N VAL A 15 -18.48 -11.07 2.31
CA VAL A 15 -18.45 -9.62 2.21
C VAL A 15 -17.95 -9.15 0.84
N VAL A 16 -18.21 -7.89 0.53
CA VAL A 16 -17.71 -7.27 -0.68
C VAL A 16 -16.47 -6.44 -0.35
N THR A 17 -15.45 -6.57 -1.16
CA THR A 17 -14.19 -5.87 -0.93
C THR A 17 -14.06 -4.62 -1.80
N ASN A 18 -13.45 -3.59 -1.24
CA ASN A 18 -13.27 -2.33 -1.94
C ASN A 18 -11.89 -2.26 -2.57
N VAL A 19 -11.63 -1.18 -3.31
CA VAL A 19 -10.32 -0.97 -3.94
C VAL A 19 -10.05 0.52 -4.12
N TYR A 20 -8.93 0.97 -3.60
CA TYR A 20 -8.52 2.37 -3.72
C TYR A 20 -7.00 2.48 -3.86
N ALA A 21 -6.52 3.71 -4.00
CA ALA A 21 -5.09 3.95 -4.14
C ALA A 21 -4.50 4.42 -2.82
N ALA A 22 -3.18 4.66 -2.83
CA ALA A 22 -2.39 4.92 -1.62
C ALA A 22 -3.06 5.85 -0.62
N GLU A 23 -3.55 5.28 0.47
CA GLU A 23 -4.08 6.03 1.58
C GLU A 23 -3.96 5.21 2.87
N ILE A 24 -4.09 5.87 4.00
CA ILE A 24 -4.03 5.20 5.30
C ILE A 24 -5.35 4.48 5.59
N MET A 25 -5.28 3.32 6.23
CA MET A 25 -6.49 2.57 6.56
C MET A 25 -6.63 2.39 8.07
N LYS A 26 -7.79 1.91 8.50
CA LYS A 26 -8.04 1.63 9.91
C LYS A 26 -7.49 0.25 10.26
N LYS A 27 -7.14 0.03 11.52
CA LYS A 27 -6.51 -1.22 11.94
C LYS A 27 -7.34 -2.44 11.55
N THR A 28 -8.61 -2.46 11.95
CA THR A 28 -9.47 -3.60 11.72
C THR A 28 -9.80 -3.75 10.23
N ASP A 29 -10.07 -2.63 9.57
CA ASP A 29 -10.43 -2.67 8.15
C ASP A 29 -9.23 -2.99 7.30
N PHE A 30 -8.06 -2.47 7.68
CA PHE A 30 -6.83 -2.75 6.97
C PHE A 30 -6.51 -4.23 7.04
N ASP A 31 -6.71 -4.81 8.21
CA ASP A 31 -6.45 -6.22 8.42
C ASP A 31 -7.37 -7.08 7.57
N LYS A 32 -8.56 -6.56 7.32
CA LYS A 32 -9.56 -7.28 6.56
C LYS A 32 -9.41 -7.04 5.06
N VAL A 33 -8.93 -5.87 4.67
CA VAL A 33 -8.67 -5.60 3.26
C VAL A 33 -7.31 -6.18 2.85
N ALA A 34 -6.43 -6.40 3.84
CA ALA A 34 -5.10 -6.96 3.58
C ALA A 34 -5.21 -8.37 2.99
N SER A 35 -6.39 -8.94 3.09
CA SER A 35 -6.67 -10.23 2.50
C SER A 35 -6.57 -10.16 0.97
N GLU A 36 -6.95 -9.02 0.40
CA GLU A 36 -6.82 -8.79 -1.04
C GLU A 36 -5.66 -7.84 -1.32
N TYR A 37 -4.71 -7.77 -0.41
CA TYR A 37 -3.54 -6.91 -0.58
C TYR A 37 -2.26 -7.70 -0.27
N THR A 38 -1.14 -7.14 -0.69
CA THR A 38 0.16 -7.79 -0.54
C THR A 38 1.18 -6.74 -0.14
N LYS A 39 2.37 -7.15 0.25
CA LYS A 39 3.40 -6.20 0.65
C LYS A 39 4.54 -6.20 -0.35
N ILE A 40 5.00 -5.00 -0.71
CA ILE A 40 6.10 -4.85 -1.65
C ILE A 40 7.37 -4.39 -0.93
N GLY A 41 7.23 -3.94 0.31
CA GLY A 41 8.38 -3.52 1.09
C GLY A 41 8.02 -2.46 2.10
N THR A 42 8.95 -2.16 3.00
CA THR A 42 8.75 -1.13 4.00
C THR A 42 9.57 0.12 3.64
N ILE A 43 9.16 1.26 4.15
CA ILE A 43 9.86 2.52 3.89
C ILE A 43 10.05 3.30 5.19
N SER A 44 10.91 4.30 5.16
CA SER A 44 11.14 5.14 6.32
C SER A 44 11.55 6.53 5.85
N THR A 45 11.42 7.52 6.73
CA THR A 45 11.76 8.88 6.40
C THR A 45 13.25 9.10 6.41
N THR A 46 13.71 9.94 5.50
CA THR A 46 15.11 10.32 5.45
C THR A 46 15.30 11.63 6.20
N GLY A 47 15.80 11.53 7.41
CA GLY A 47 16.01 12.71 8.21
C GLY A 47 14.92 12.89 9.25
N GLU A 48 15.33 13.20 10.47
CA GLU A 48 14.40 13.43 11.56
C GLU A 48 13.88 14.87 11.50
N MET A 49 12.78 15.05 10.77
CA MET A 49 12.28 16.38 10.48
C MET A 49 10.88 16.60 11.06
N SER A 50 10.26 17.70 10.65
CA SER A 50 8.92 18.05 11.08
C SER A 50 7.90 17.05 10.55
N PRO A 51 6.70 16.98 11.16
CA PRO A 51 5.67 16.01 10.79
C PRO A 51 5.32 16.04 9.31
N LEU A 52 4.97 17.21 8.80
CA LEU A 52 4.54 17.34 7.41
C LEU A 52 5.69 17.04 6.46
N ASP A 53 6.91 17.38 6.86
CA ASP A 53 8.09 17.13 6.05
C ASP A 53 8.37 15.63 5.98
N ALA A 54 8.35 14.98 7.13
CA ALA A 54 8.61 13.55 7.22
C ALA A 54 7.51 12.77 6.52
N ARG A 55 6.26 13.23 6.68
CA ARG A 55 5.13 12.60 6.04
C ARG A 55 5.23 12.75 4.53
N GLU A 56 5.60 13.94 4.07
CA GLU A 56 5.75 14.20 2.64
C GLU A 56 6.78 13.27 2.00
N ASP A 57 7.81 12.93 2.76
CA ASP A 57 8.85 12.02 2.26
C ASP A 57 8.29 10.61 2.15
N LEU A 58 7.53 10.22 3.15
CA LEU A 58 6.91 8.90 3.19
C LEU A 58 5.84 8.77 2.10
N ILE A 59 5.01 9.81 1.98
CA ILE A 59 3.89 9.81 1.06
C ILE A 59 4.36 9.72 -0.39
N LYS A 60 5.34 10.55 -0.75
CA LYS A 60 5.84 10.56 -2.12
C LYS A 60 6.56 9.26 -2.43
N LYS A 61 7.39 8.81 -1.51
CA LYS A 61 8.22 7.63 -1.72
C LYS A 61 7.36 6.37 -1.84
N ALA A 62 6.34 6.27 -1.01
CA ALA A 62 5.39 5.16 -1.08
C ALA A 62 4.65 5.18 -2.42
N ASP A 63 4.26 6.37 -2.86
CA ASP A 63 3.57 6.53 -4.14
C ASP A 63 4.54 6.25 -5.29
N GLU A 64 5.79 6.60 -5.08
CA GLU A 64 6.86 6.34 -6.04
C GLU A 64 7.14 4.86 -6.17
N LYS A 65 6.90 4.12 -5.08
CA LYS A 65 7.08 2.68 -5.10
C LYS A 65 5.87 2.02 -5.74
N GLY A 66 4.73 2.69 -5.69
CA GLY A 66 3.54 2.21 -6.35
C GLY A 66 2.65 1.39 -5.43
N ALA A 67 2.53 1.83 -4.19
CA ALA A 67 1.69 1.15 -3.21
C ALA A 67 0.26 1.66 -3.29
N ASP A 68 -0.68 0.88 -2.76
CA ASP A 68 -2.09 1.24 -2.78
C ASP A 68 -2.61 1.49 -1.37
N VAL A 69 -1.96 0.90 -0.38
CA VAL A 69 -2.26 1.19 1.01
C VAL A 69 -0.98 1.57 1.74
N VAL A 70 -1.05 2.56 2.62
CA VAL A 70 0.11 2.94 3.40
C VAL A 70 -0.24 2.92 4.88
N VAL A 71 0.71 2.50 5.70
CA VAL A 71 0.49 2.40 7.14
C VAL A 71 1.72 2.91 7.90
N LEU A 72 1.52 3.90 8.75
CA LEU A 72 2.59 4.38 9.60
C LEU A 72 2.86 3.35 10.70
N THR A 73 3.80 2.47 10.44
CA THR A 73 4.09 1.37 11.34
C THR A 73 4.93 1.84 12.52
N SER A 74 5.68 2.90 12.31
CA SER A 74 6.50 3.47 13.35
C SER A 74 6.65 4.98 13.19
N GLY A 75 7.35 5.59 14.13
CA GLY A 75 7.48 7.03 14.18
C GLY A 75 7.78 7.49 15.60
N GLN A 76 6.92 8.33 16.15
CA GLN A 76 7.05 8.81 17.52
C GLN A 76 5.72 9.38 18.02
N THR A 77 5.52 10.67 17.86
CA THR A 77 4.27 11.30 18.23
C THR A 77 3.60 11.90 17.00
N GLU A 78 4.01 13.10 16.65
CA GLU A 78 3.56 13.79 15.45
C GLU A 78 4.49 14.93 15.16
N ASN A 79 4.56 15.88 16.10
CA ASN A 79 5.38 17.08 15.93
C ASN A 79 6.84 16.70 15.72
N LYS A 80 7.26 15.60 16.33
CA LYS A 80 8.56 15.02 16.05
C LYS A 80 8.36 13.54 15.73
N ILE A 81 8.91 13.12 14.62
CA ILE A 81 8.75 11.75 14.17
C ILE A 81 9.94 11.26 13.34
N HIS A 82 10.46 10.11 13.71
CA HIS A 82 11.31 9.35 12.81
C HIS A 82 10.45 8.26 12.21
N GLY A 83 9.71 8.62 11.17
CA GLY A 83 8.63 7.78 10.70
C GLY A 83 9.10 6.59 9.89
N THR A 84 8.46 5.48 10.15
CA THR A 84 8.60 4.30 9.32
C THR A 84 7.22 3.89 8.85
N ALA A 85 7.12 3.45 7.62
CA ALA A 85 5.83 3.14 7.03
C ALA A 85 5.87 1.82 6.31
N ASP A 86 4.87 1.00 6.53
CA ASP A 86 4.80 -0.30 5.91
C ASP A 86 3.67 -0.29 4.89
N ILE A 87 4.02 -0.46 3.64
CA ILE A 87 3.08 -0.21 2.57
C ILE A 87 2.61 -1.51 1.91
N TYR A 88 1.40 -1.45 1.36
CA TYR A 88 0.76 -2.61 0.76
C TYR A 88 0.22 -2.28 -0.62
N LYS A 89 0.13 -3.31 -1.43
CA LYS A 89 -0.26 -3.21 -2.81
C LYS A 89 -1.43 -4.14 -3.07
N LYS A 90 -2.43 -3.70 -3.84
CA LYS A 90 -3.62 -4.52 -4.05
C LYS A 90 -3.30 -5.73 -4.91
N LYS A 91 -4.12 -6.75 -4.77
CA LYS A 91 -3.91 -8.01 -5.46
C LYS A 91 -4.67 -8.05 -6.78
N LEU A 92 -4.53 -9.17 -7.47
CA LEU A 92 -5.23 -9.40 -8.71
C LEU A 92 -6.25 -10.51 -8.50
N GLU A 93 -6.52 -10.81 -7.23
CA GLU A 93 -7.44 -11.87 -6.86
C GLU A 93 -8.84 -11.29 -6.58
N HIS A 94 -9.06 -10.09 -7.06
CA HIS A 94 -10.31 -9.39 -6.79
C HIS A 94 -11.41 -9.89 -7.74
N HIS A 95 -12.37 -10.60 -7.18
CA HIS A 95 -13.48 -11.15 -7.95
C HIS A 95 -14.33 -10.05 -8.57
N HIS A 96 -14.78 -10.30 -9.80
CA HIS A 96 -15.58 -9.34 -10.57
C HIS A 96 -14.72 -8.20 -11.10
N HIS A 97 -15.24 -7.50 -12.12
CA HIS A 97 -14.50 -6.46 -12.83
C HIS A 97 -13.17 -7.02 -13.37
N HIS A 98 -13.27 -8.14 -14.05
CA HIS A 98 -12.10 -8.82 -14.59
C HIS A 98 -12.04 -8.64 -16.10
N HIS A 99 -13.19 -8.36 -16.70
CA HIS A 99 -13.33 -8.19 -18.15
C HIS A 99 -12.91 -9.47 -18.89
N MET A 1 12.87 32.02 -43.31
CA MET A 1 12.92 30.54 -43.36
C MET A 1 12.61 30.04 -44.77
N LYS A 2 13.21 28.91 -45.14
CA LYS A 2 13.01 28.34 -46.46
C LYS A 2 12.69 26.85 -46.34
N THR A 3 11.40 26.53 -46.45
CA THR A 3 10.96 25.15 -46.37
C THR A 3 9.70 24.98 -47.23
N GLY A 4 9.20 23.76 -47.32
CA GLY A 4 8.01 23.51 -48.11
C GLY A 4 7.58 22.06 -48.05
N TYR A 5 7.68 21.47 -46.88
CA TYR A 5 7.31 20.07 -46.70
C TYR A 5 6.03 19.95 -45.90
N LYS A 6 5.12 19.11 -46.38
CA LYS A 6 3.89 18.82 -45.65
C LYS A 6 4.06 17.56 -44.83
N VAL A 7 4.36 17.74 -43.56
CA VAL A 7 4.55 16.61 -42.66
C VAL A 7 3.63 16.78 -41.45
N MET A 8 3.06 15.67 -40.99
CA MET A 8 2.15 15.73 -39.86
C MET A 8 2.27 14.48 -39.00
N LEU A 9 2.01 14.64 -37.72
CA LEU A 9 1.97 13.53 -36.78
C LEU A 9 0.56 13.37 -36.24
N GLY A 10 -0.13 12.33 -36.70
CA GLY A 10 -1.51 12.13 -36.29
C GLY A 10 -1.67 10.90 -35.42
N ALA A 11 -0.78 9.93 -35.59
CA ALA A 11 -0.84 8.69 -34.83
C ALA A 11 -0.29 8.88 -33.43
N LEU A 12 -1.16 9.24 -32.51
CA LEU A 12 -0.76 9.43 -31.11
C LEU A 12 -1.74 8.69 -30.20
N ALA A 13 -1.18 8.00 -29.21
CA ALA A 13 -2.00 7.23 -28.27
C ALA A 13 -2.37 8.05 -27.04
N PHE A 14 -3.51 7.72 -26.46
CA PHE A 14 -3.98 8.39 -25.26
C PHE A 14 -4.21 7.39 -24.14
N VAL A 15 -3.83 7.76 -22.92
CA VAL A 15 -3.98 6.86 -21.79
C VAL A 15 -3.89 7.62 -20.46
N VAL A 16 -4.84 7.35 -19.59
CA VAL A 16 -4.84 7.89 -18.24
C VAL A 16 -5.31 6.81 -17.27
N THR A 17 -4.47 6.46 -16.31
CA THR A 17 -4.77 5.36 -15.42
C THR A 17 -4.51 5.75 -13.97
N ASN A 18 -5.41 5.34 -13.10
CA ASN A 18 -5.25 5.56 -11.67
C ASN A 18 -5.44 4.26 -10.92
N VAL A 19 -4.36 3.49 -10.81
CA VAL A 19 -4.39 2.21 -10.12
C VAL A 19 -3.71 2.34 -8.75
N TYR A 20 -3.74 3.55 -8.21
CA TYR A 20 -3.11 3.83 -6.93
C TYR A 20 -4.12 4.46 -5.98
N ALA A 21 -4.54 3.71 -4.98
CA ALA A 21 -5.43 4.24 -3.96
C ALA A 21 -4.64 5.12 -3.00
N ALA A 22 -3.57 4.55 -2.46
CA ALA A 22 -2.68 5.23 -1.51
C ALA A 22 -3.46 5.95 -0.40
N GLU A 23 -4.16 5.17 0.41
CA GLU A 23 -4.99 5.72 1.47
C GLU A 23 -4.66 5.04 2.80
N ILE A 24 -5.06 5.67 3.90
CA ILE A 24 -4.92 5.09 5.23
C ILE A 24 -6.11 4.19 5.52
N MET A 25 -5.87 2.94 5.82
CA MET A 25 -6.95 2.01 6.13
C MET A 25 -7.07 1.79 7.63
N LYS A 26 -8.30 1.75 8.13
CA LYS A 26 -8.58 1.41 9.50
C LYS A 26 -8.07 0.01 9.77
N LYS A 27 -7.61 -0.26 10.99
CA LYS A 27 -6.98 -1.54 11.29
C LYS A 27 -7.95 -2.70 11.09
N THR A 28 -9.23 -2.48 11.39
CA THR A 28 -10.24 -3.50 11.19
C THR A 28 -10.35 -3.84 9.69
N ASP A 29 -10.32 -2.82 8.86
CA ASP A 29 -10.34 -3.00 7.41
C ASP A 29 -8.98 -3.50 6.93
N PHE A 30 -7.93 -3.09 7.64
CA PHE A 30 -6.57 -3.50 7.31
C PHE A 30 -6.41 -5.01 7.43
N ASP A 31 -6.95 -5.59 8.50
CA ASP A 31 -6.90 -7.04 8.68
C ASP A 31 -7.68 -7.76 7.60
N LYS A 32 -8.73 -7.11 7.13
CA LYS A 32 -9.54 -7.64 6.06
C LYS A 32 -8.85 -7.50 4.71
N VAL A 33 -8.25 -6.34 4.45
CA VAL A 33 -7.60 -6.09 3.18
C VAL A 33 -6.22 -6.72 3.15
N ALA A 34 -5.76 -7.23 4.30
CA ALA A 34 -4.54 -8.01 4.35
C ALA A 34 -4.70 -9.28 3.51
N SER A 35 -5.95 -9.63 3.25
CA SER A 35 -6.27 -10.76 2.40
C SER A 35 -6.29 -10.35 0.93
N GLU A 36 -6.59 -9.07 0.70
CA GLU A 36 -6.79 -8.55 -0.66
C GLU A 36 -5.61 -7.70 -1.12
N TYR A 37 -4.55 -7.65 -0.33
CA TYR A 37 -3.41 -6.80 -0.62
C TYR A 37 -2.09 -7.55 -0.46
N THR A 38 -1.02 -6.90 -0.84
CA THR A 38 0.31 -7.48 -0.78
C THR A 38 1.32 -6.40 -0.42
N LYS A 39 2.20 -6.70 0.50
CA LYS A 39 3.16 -5.73 0.99
C LYS A 39 4.38 -5.72 0.08
N ILE A 40 4.66 -4.57 -0.49
CA ILE A 40 5.79 -4.44 -1.40
C ILE A 40 7.05 -4.03 -0.65
N GLY A 41 6.90 -3.73 0.63
CA GLY A 41 8.05 -3.41 1.46
C GLY A 41 7.76 -2.32 2.45
N THR A 42 8.72 -2.06 3.31
CA THR A 42 8.61 -0.99 4.28
C THR A 42 9.50 0.18 3.84
N ILE A 43 9.06 1.39 4.13
CA ILE A 43 9.83 2.57 3.78
C ILE A 43 10.25 3.30 5.04
N SER A 44 11.24 4.18 4.89
CA SER A 44 11.81 4.88 6.02
C SER A 44 12.35 6.23 5.56
N THR A 45 12.83 7.03 6.50
CA THR A 45 13.42 8.32 6.19
C THR A 45 14.39 8.75 7.27
N THR A 46 14.99 9.91 7.11
CA THR A 46 16.03 10.37 8.01
C THR A 46 15.45 11.26 9.10
N GLY A 47 15.97 11.11 10.32
CA GLY A 47 15.40 11.78 11.48
C GLY A 47 15.69 13.27 11.54
N GLU A 48 16.50 13.77 10.63
CA GLU A 48 16.89 15.17 10.63
C GLU A 48 16.01 15.98 9.68
N MET A 49 14.73 15.65 9.64
CA MET A 49 13.79 16.34 8.77
C MET A 49 12.59 16.81 9.58
N SER A 50 11.83 17.74 9.01
CA SER A 50 10.61 18.23 9.64
C SER A 50 9.52 17.16 9.60
N PRO A 51 8.58 17.17 10.57
CA PRO A 51 7.54 16.14 10.71
C PRO A 51 6.71 15.97 9.45
N LEU A 52 6.11 17.05 8.97
CA LEU A 52 5.26 16.98 7.80
C LEU A 52 6.10 16.69 6.57
N ASP A 53 7.31 17.24 6.53
CA ASP A 53 8.22 17.04 5.41
C ASP A 53 8.58 15.58 5.25
N ALA A 54 8.96 14.94 6.35
CA ALA A 54 9.33 13.54 6.33
C ALA A 54 8.13 12.66 6.01
N ARG A 55 6.95 13.11 6.40
CA ARG A 55 5.73 12.40 6.09
C ARG A 55 5.44 12.48 4.60
N GLU A 56 5.52 13.69 4.03
CA GLU A 56 5.31 13.87 2.61
C GLU A 56 6.36 13.11 1.81
N ASP A 57 7.54 12.95 2.41
CA ASP A 57 8.63 12.18 1.80
C ASP A 57 8.23 10.72 1.71
N LEU A 58 7.67 10.23 2.81
CA LEU A 58 7.16 8.86 2.88
C LEU A 58 5.98 8.68 1.93
N ILE A 59 5.06 9.62 1.98
CA ILE A 59 3.83 9.55 1.18
C ILE A 59 4.12 9.63 -0.32
N LYS A 60 5.05 10.48 -0.72
CA LYS A 60 5.40 10.60 -2.13
C LYS A 60 6.15 9.36 -2.59
N LYS A 61 6.94 8.79 -1.68
CA LYS A 61 7.74 7.61 -1.99
C LYS A 61 6.85 6.38 -2.16
N ALA A 62 5.86 6.26 -1.29
CA ALA A 62 4.83 5.24 -1.45
C ALA A 62 4.11 5.41 -2.78
N ASP A 63 3.94 6.66 -3.19
CA ASP A 63 3.34 6.99 -4.49
C ASP A 63 4.32 6.64 -5.62
N GLU A 64 5.60 6.90 -5.36
CA GLU A 64 6.67 6.60 -6.30
C GLU A 64 6.78 5.08 -6.54
N LYS A 65 6.56 4.31 -5.49
CA LYS A 65 6.61 2.86 -5.60
C LYS A 65 5.27 2.33 -6.09
N GLY A 66 4.19 3.05 -5.78
CA GLY A 66 2.88 2.70 -6.28
C GLY A 66 2.06 1.87 -5.31
N ALA A 67 2.09 2.26 -4.04
CA ALA A 67 1.34 1.55 -3.00
C ALA A 67 -0.11 2.00 -2.97
N ASP A 68 -0.96 1.17 -2.38
CA ASP A 68 -2.39 1.46 -2.28
C ASP A 68 -2.79 1.73 -0.85
N VAL A 69 -2.08 1.14 0.08
CA VAL A 69 -2.32 1.37 1.50
C VAL A 69 -1.02 1.78 2.16
N VAL A 70 -1.07 2.72 3.08
CA VAL A 70 0.12 3.09 3.82
C VAL A 70 -0.15 2.96 5.32
N VAL A 71 0.85 2.51 6.07
CA VAL A 71 0.69 2.34 7.50
C VAL A 71 1.83 3.04 8.23
N LEU A 72 1.55 4.21 8.78
CA LEU A 72 2.55 4.97 9.50
C LEU A 72 2.75 4.39 10.88
N THR A 73 3.68 3.45 11.00
CA THR A 73 4.01 2.87 12.28
C THR A 73 4.96 3.79 13.07
N SER A 74 5.55 4.75 12.38
CA SER A 74 6.35 5.80 12.99
C SER A 74 6.16 7.11 12.24
N GLY A 75 6.81 8.17 12.70
CA GLY A 75 6.69 9.46 12.04
C GLY A 75 5.90 10.48 12.83
N GLN A 76 5.12 10.03 13.80
CA GLN A 76 4.25 10.92 14.56
C GLN A 76 4.91 11.40 15.86
N THR A 77 6.23 11.55 15.83
CA THR A 77 6.95 12.09 16.97
C THR A 77 7.07 13.61 16.84
N GLU A 78 6.92 14.09 15.60
CA GLU A 78 6.86 15.52 15.28
C GLU A 78 8.23 16.20 15.36
N ASN A 79 8.79 16.30 16.57
CA ASN A 79 10.01 17.08 16.79
C ASN A 79 11.12 16.61 15.87
N LYS A 80 11.54 15.37 16.04
CA LYS A 80 12.38 14.71 15.06
C LYS A 80 11.87 13.29 14.93
N ILE A 81 11.96 12.73 13.76
CA ILE A 81 11.34 11.46 13.48
C ILE A 81 12.18 10.60 12.56
N HIS A 82 12.50 9.40 13.00
CA HIS A 82 13.04 8.40 12.10
C HIS A 82 11.85 7.69 11.46
N GLY A 83 11.20 8.42 10.55
CA GLY A 83 9.95 7.97 10.00
C GLY A 83 10.05 6.62 9.35
N THR A 84 9.07 5.79 9.66
CA THR A 84 8.98 4.47 9.08
C THR A 84 7.53 4.13 8.79
N ALA A 85 7.27 3.52 7.66
CA ALA A 85 5.91 3.20 7.27
C ALA A 85 5.88 1.94 6.43
N ASP A 86 4.95 1.05 6.75
CA ASP A 86 4.80 -0.19 6.01
C ASP A 86 3.65 -0.06 5.02
N ILE A 87 3.95 -0.18 3.75
CA ILE A 87 2.97 0.06 2.71
C ILE A 87 2.49 -1.24 2.08
N TYR A 88 1.26 -1.20 1.58
CA TYR A 88 0.62 -2.36 1.00
C TYR A 88 0.03 -2.02 -0.36
N LYS A 89 0.02 -3.01 -1.22
CA LYS A 89 -0.39 -2.84 -2.60
C LYS A 89 -1.59 -3.72 -2.90
N LYS A 90 -2.52 -3.21 -3.70
CA LYS A 90 -3.74 -3.94 -4.00
C LYS A 90 -3.47 -5.16 -4.87
N LYS A 91 -4.11 -6.27 -4.54
CA LYS A 91 -4.04 -7.47 -5.36
C LYS A 91 -4.98 -7.35 -6.55
N LEU A 92 -5.09 -8.42 -7.32
CA LEU A 92 -6.06 -8.50 -8.39
C LEU A 92 -7.43 -8.86 -7.82
N GLU A 93 -7.44 -9.27 -6.56
CA GLU A 93 -8.67 -9.61 -5.86
C GLU A 93 -8.96 -8.64 -4.73
N HIS A 94 -9.64 -7.58 -5.09
CA HIS A 94 -10.19 -6.63 -4.13
C HIS A 94 -11.45 -6.06 -4.74
N HIS A 95 -12.59 -6.63 -4.33
CA HIS A 95 -13.85 -6.40 -5.02
C HIS A 95 -14.29 -4.95 -4.92
N HIS A 96 -13.88 -4.28 -3.85
CA HIS A 96 -14.01 -2.83 -3.73
C HIS A 96 -15.48 -2.41 -3.79
N HIS A 97 -16.16 -2.48 -2.65
CA HIS A 97 -17.59 -2.21 -2.59
C HIS A 97 -17.83 -0.71 -2.43
N HIS A 98 -16.90 -0.05 -1.77
CA HIS A 98 -16.93 1.40 -1.62
C HIS A 98 -15.70 1.96 -2.30
N HIS A 99 -15.87 2.94 -3.19
CA HIS A 99 -14.73 3.51 -3.90
C HIS A 99 -13.75 4.12 -2.91
N MET A 1 -0.08 -35.76 -54.76
CA MET A 1 -1.28 -34.95 -54.45
C MET A 1 -1.01 -34.03 -53.26
N LYS A 2 -1.54 -32.83 -53.31
CA LYS A 2 -1.43 -31.89 -52.21
C LYS A 2 -2.80 -31.57 -51.65
N THR A 3 -3.10 -32.09 -50.47
CA THR A 3 -4.35 -31.83 -49.80
C THR A 3 -4.22 -32.05 -48.30
N GLY A 4 -3.96 -30.98 -47.56
CA GLY A 4 -3.78 -31.10 -46.12
C GLY A 4 -3.25 -29.83 -45.50
N TYR A 5 -4.09 -29.17 -44.73
CA TYR A 5 -3.70 -27.92 -44.07
C TYR A 5 -4.39 -27.81 -42.71
N LYS A 6 -3.71 -27.20 -41.74
CA LYS A 6 -4.29 -26.97 -40.43
C LYS A 6 -3.41 -26.05 -39.59
N VAL A 7 -3.93 -24.85 -39.33
CA VAL A 7 -3.25 -23.88 -38.49
C VAL A 7 -4.25 -23.26 -37.52
N MET A 8 -3.95 -23.34 -36.23
CA MET A 8 -4.86 -22.84 -35.21
C MET A 8 -4.13 -21.94 -34.22
N LEU A 9 -4.57 -20.70 -34.14
CA LEU A 9 -4.00 -19.74 -33.20
C LEU A 9 -5.14 -18.96 -32.53
N GLY A 10 -5.30 -19.13 -31.22
CA GLY A 10 -6.39 -18.48 -30.55
C GLY A 10 -6.20 -18.41 -29.04
N ALA A 11 -5.76 -17.27 -28.56
CA ALA A 11 -5.61 -17.03 -27.14
C ALA A 11 -5.83 -15.55 -26.84
N LEU A 12 -6.63 -15.27 -25.83
CA LEU A 12 -6.93 -13.89 -25.47
C LEU A 12 -6.70 -13.64 -23.98
N ALA A 13 -5.88 -12.64 -23.69
CA ALA A 13 -5.55 -12.26 -22.33
C ALA A 13 -4.86 -10.91 -22.34
N PHE A 14 -5.62 -9.87 -22.05
CA PHE A 14 -5.11 -8.50 -22.12
C PHE A 14 -5.77 -7.64 -21.05
N VAL A 15 -4.96 -7.11 -20.15
CA VAL A 15 -5.47 -6.27 -19.07
C VAL A 15 -4.66 -4.98 -18.96
N VAL A 16 -5.34 -3.86 -19.12
CA VAL A 16 -4.70 -2.55 -19.02
C VAL A 16 -5.49 -1.63 -18.10
N THR A 17 -5.07 -1.57 -16.85
CA THR A 17 -5.69 -0.69 -15.88
C THR A 17 -4.66 -0.25 -14.82
N ASN A 18 -4.10 0.93 -15.01
CA ASN A 18 -3.13 1.46 -14.07
C ASN A 18 -3.74 2.60 -13.26
N VAL A 19 -3.59 2.51 -11.95
CA VAL A 19 -4.09 3.52 -11.04
C VAL A 19 -3.51 3.29 -9.64
N TYR A 20 -3.02 4.36 -9.04
CA TYR A 20 -2.42 4.27 -7.72
C TYR A 20 -3.35 4.90 -6.69
N ALA A 21 -3.88 4.08 -5.81
CA ALA A 21 -4.88 4.53 -4.85
C ALA A 21 -4.32 4.56 -3.43
N ALA A 22 -3.03 4.89 -3.31
CA ALA A 22 -2.35 4.95 -2.02
C ALA A 22 -3.15 5.76 -1.00
N GLU A 23 -3.70 5.08 -0.01
CA GLU A 23 -4.50 5.71 1.01
C GLU A 23 -4.27 5.04 2.36
N ILE A 24 -4.74 5.67 3.43
CA ILE A 24 -4.61 5.12 4.77
C ILE A 24 -5.79 4.22 5.10
N MET A 25 -5.51 3.03 5.61
CA MET A 25 -6.57 2.13 6.06
C MET A 25 -6.64 2.11 7.58
N LYS A 26 -7.82 1.80 8.09
CA LYS A 26 -8.05 1.70 9.53
C LYS A 26 -7.39 0.43 10.05
N LYS A 27 -7.13 0.37 11.35
CA LYS A 27 -6.45 -0.77 11.96
C LYS A 27 -7.13 -2.10 11.60
N THR A 28 -8.43 -2.20 11.89
CA THR A 28 -9.14 -3.45 11.66
C THR A 28 -9.40 -3.66 10.17
N ASP A 29 -9.66 -2.58 9.45
CA ASP A 29 -9.89 -2.64 8.01
C ASP A 29 -8.62 -3.05 7.30
N PHE A 30 -7.49 -2.54 7.78
CA PHE A 30 -6.19 -2.89 7.26
C PHE A 30 -5.95 -4.39 7.37
N ASP A 31 -6.23 -4.96 8.53
CA ASP A 31 -6.04 -6.39 8.74
C ASP A 31 -6.93 -7.20 7.80
N LYS A 32 -8.10 -6.66 7.51
CA LYS A 32 -9.05 -7.30 6.61
C LYS A 32 -8.59 -7.18 5.16
N VAL A 33 -8.15 -5.99 4.78
CA VAL A 33 -7.73 -5.75 3.40
C VAL A 33 -6.37 -6.34 3.12
N ALA A 34 -5.60 -6.61 4.18
CA ALA A 34 -4.27 -7.22 4.03
C ALA A 34 -4.38 -8.60 3.42
N SER A 35 -5.58 -9.16 3.43
CA SER A 35 -5.82 -10.47 2.85
C SER A 35 -6.05 -10.36 1.34
N GLU A 36 -6.35 -9.16 0.87
CA GLU A 36 -6.58 -8.93 -0.55
C GLU A 36 -5.50 -8.03 -1.14
N TYR A 37 -4.45 -7.78 -0.37
CA TYR A 37 -3.38 -6.89 -0.77
C TYR A 37 -2.02 -7.59 -0.62
N THR A 38 -0.96 -6.90 -0.99
CA THR A 38 0.38 -7.49 -0.96
C THR A 38 1.40 -6.50 -0.41
N LYS A 39 2.33 -7.03 0.38
CA LYS A 39 3.36 -6.22 1.02
C LYS A 39 4.54 -6.03 0.06
N ILE A 40 4.89 -4.79 -0.23
CA ILE A 40 5.97 -4.51 -1.17
C ILE A 40 7.19 -3.95 -0.47
N GLY A 41 7.12 -3.85 0.84
CA GLY A 41 8.26 -3.41 1.61
C GLY A 41 7.93 -2.22 2.49
N THR A 42 8.86 -1.88 3.36
CA THR A 42 8.67 -0.76 4.26
C THR A 42 9.53 0.43 3.80
N ILE A 43 9.11 1.63 4.18
CA ILE A 43 9.90 2.82 3.96
C ILE A 43 10.22 3.46 5.31
N SER A 44 11.19 4.34 5.34
CA SER A 44 11.63 4.90 6.61
C SER A 44 12.13 6.33 6.45
N THR A 45 12.27 7.01 7.58
CA THR A 45 12.75 8.38 7.62
C THR A 45 13.57 8.62 8.87
N THR A 46 14.82 9.01 8.70
CA THR A 46 15.73 9.24 9.81
C THR A 46 16.83 10.20 9.40
N GLY A 47 16.90 11.33 10.08
CA GLY A 47 17.88 12.34 9.78
C GLY A 47 17.64 13.59 10.58
N GLU A 48 17.34 14.68 9.89
CA GLU A 48 16.99 15.93 10.55
C GLU A 48 16.13 16.81 9.64
N MET A 49 14.83 16.63 9.74
CA MET A 49 13.85 17.40 8.99
C MET A 49 12.63 17.64 9.87
N SER A 50 11.56 18.19 9.30
CA SER A 50 10.31 18.30 10.03
C SER A 50 9.48 17.06 9.80
N PRO A 51 8.72 16.61 10.82
CA PRO A 51 7.97 15.35 10.77
C PRO A 51 7.05 15.25 9.55
N LEU A 52 6.39 16.36 9.21
CA LEU A 52 5.45 16.37 8.09
C LEU A 52 6.18 16.22 6.76
N ASP A 53 7.39 16.79 6.65
CA ASP A 53 8.18 16.68 5.44
C ASP A 53 8.52 15.22 5.19
N ALA A 54 8.96 14.54 6.23
CA ALA A 54 9.27 13.12 6.16
C ALA A 54 8.05 12.32 5.75
N ARG A 55 6.92 12.64 6.35
CA ARG A 55 5.67 11.95 6.06
C ARG A 55 5.27 12.18 4.61
N GLU A 56 5.30 13.44 4.18
CA GLU A 56 4.99 13.78 2.80
C GLU A 56 5.88 13.04 1.81
N ASP A 57 7.16 12.92 2.14
CA ASP A 57 8.12 12.27 1.25
C ASP A 57 7.85 10.77 1.21
N LEU A 58 7.47 10.22 2.35
CA LEU A 58 7.12 8.81 2.43
C LEU A 58 5.85 8.53 1.66
N ILE A 59 4.84 9.36 1.90
CA ILE A 59 3.54 9.20 1.28
C ILE A 59 3.62 9.39 -0.24
N LYS A 60 4.39 10.38 -0.69
CA LYS A 60 4.53 10.63 -2.11
C LYS A 60 5.31 9.51 -2.78
N LYS A 61 6.35 9.03 -2.10
CA LYS A 61 7.23 8.01 -2.66
C LYS A 61 6.53 6.66 -2.75
N ALA A 62 5.75 6.33 -1.74
CA ALA A 62 4.90 5.14 -1.79
C ALA A 62 3.95 5.22 -2.99
N ASP A 63 3.37 6.40 -3.19
CA ASP A 63 2.44 6.64 -4.30
C ASP A 63 3.20 6.64 -5.64
N GLU A 64 4.44 7.10 -5.60
CA GLU A 64 5.32 7.08 -6.76
C GLU A 64 5.73 5.66 -7.10
N LYS A 65 5.97 4.86 -6.07
CA LYS A 65 6.29 3.45 -6.25
C LYS A 65 5.07 2.71 -6.78
N GLY A 66 3.90 3.17 -6.37
CA GLY A 66 2.66 2.63 -6.91
C GLY A 66 1.80 1.95 -5.86
N ALA A 67 2.21 2.05 -4.60
CA ALA A 67 1.48 1.40 -3.51
C ALA A 67 0.04 1.87 -3.44
N ASP A 68 -0.82 1.03 -2.90
CA ASP A 68 -2.25 1.30 -2.84
C ASP A 68 -2.69 1.55 -1.40
N VAL A 69 -1.98 0.95 -0.45
CA VAL A 69 -2.24 1.19 0.96
C VAL A 69 -0.97 1.65 1.66
N VAL A 70 -1.08 2.63 2.53
CA VAL A 70 0.07 3.05 3.30
C VAL A 70 -0.24 2.98 4.79
N VAL A 71 0.74 2.58 5.58
CA VAL A 71 0.57 2.46 7.02
C VAL A 71 1.69 3.20 7.73
N LEU A 72 1.39 4.37 8.26
CA LEU A 72 2.37 5.16 8.98
C LEU A 72 2.54 4.63 10.40
N THR A 73 3.42 3.67 10.58
CA THR A 73 3.67 3.11 11.91
C THR A 73 4.51 4.09 12.75
N SER A 74 5.47 4.73 12.09
CA SER A 74 6.33 5.73 12.72
C SER A 74 7.11 5.15 13.91
N GLY A 75 7.79 6.02 14.64
CA GLY A 75 8.55 5.59 15.79
C GLY A 75 8.25 6.44 17.00
N GLN A 76 9.26 6.73 17.80
CA GLN A 76 9.10 7.52 19.00
C GLN A 76 10.05 8.72 19.00
N THR A 77 10.12 9.41 17.87
CA THR A 77 10.98 10.57 17.73
C THR A 77 10.44 11.51 16.66
N GLU A 78 9.81 12.58 17.10
CA GLU A 78 9.36 13.65 16.21
C GLU A 78 10.42 14.72 16.09
N ASN A 79 11.31 14.77 17.09
CA ASN A 79 12.36 15.76 17.17
C ASN A 79 13.22 15.81 15.90
N LYS A 80 13.89 14.71 15.59
CA LYS A 80 14.70 14.63 14.38
C LYS A 80 14.17 13.52 13.48
N ILE A 81 13.00 13.02 13.85
CA ILE A 81 12.31 11.96 13.11
C ILE A 81 13.03 10.61 13.22
N HIS A 82 12.24 9.56 13.10
CA HIS A 82 12.71 8.19 13.14
C HIS A 82 11.51 7.28 12.87
N GLY A 83 10.74 7.67 11.86
CA GLY A 83 9.48 7.00 11.59
C GLY A 83 9.55 6.09 10.40
N THR A 84 8.79 5.01 10.48
CA THR A 84 8.71 4.04 9.41
C THR A 84 7.28 4.00 8.87
N ALA A 85 7.12 3.63 7.61
CA ALA A 85 5.81 3.42 7.05
C ALA A 85 5.81 2.15 6.22
N ASP A 86 4.83 1.30 6.41
CA ASP A 86 4.78 0.05 5.69
C ASP A 86 3.66 0.08 4.66
N ILE A 87 4.00 -0.20 3.42
CA ILE A 87 3.06 0.01 2.33
C ILE A 87 2.66 -1.29 1.65
N TYR A 88 1.48 -1.27 1.06
CA TYR A 88 0.89 -2.44 0.41
C TYR A 88 0.35 -2.08 -0.97
N LYS A 89 0.27 -3.08 -1.83
CA LYS A 89 -0.32 -2.95 -3.15
C LYS A 89 -1.60 -3.76 -3.21
N LYS A 90 -2.53 -3.37 -4.06
CA LYS A 90 -3.73 -4.15 -4.27
C LYS A 90 -3.43 -5.30 -5.21
N LYS A 91 -4.27 -6.31 -5.15
CA LYS A 91 -4.07 -7.51 -5.94
C LYS A 91 -5.04 -7.57 -7.11
N LEU A 92 -4.99 -8.66 -7.86
CA LEU A 92 -5.81 -8.81 -9.04
C LEU A 92 -7.03 -9.69 -8.77
N GLU A 93 -7.10 -10.26 -7.55
CA GLU A 93 -8.22 -11.12 -7.18
C GLU A 93 -9.43 -10.28 -6.73
N HIS A 94 -9.37 -8.99 -7.03
CA HIS A 94 -10.51 -8.12 -6.80
C HIS A 94 -11.37 -8.14 -8.05
N HIS A 95 -12.68 -7.99 -7.90
CA HIS A 95 -13.57 -8.08 -9.04
C HIS A 95 -13.25 -6.99 -10.06
N HIS A 96 -13.36 -5.73 -9.61
CA HIS A 96 -12.99 -4.59 -10.45
C HIS A 96 -13.02 -3.31 -9.65
N HIS A 97 -14.10 -3.11 -8.89
CA HIS A 97 -14.34 -1.88 -8.13
C HIS A 97 -14.62 -0.69 -9.05
N HIS A 98 -15.38 0.26 -8.53
CA HIS A 98 -15.70 1.46 -9.27
C HIS A 98 -15.93 2.61 -8.30
N HIS A 99 -15.32 3.75 -8.59
CA HIS A 99 -15.48 4.92 -7.76
C HIS A 99 -15.66 6.14 -8.65
N MET A 1 -43.70 -43.34 1.40
CA MET A 1 -43.38 -42.80 0.06
C MET A 1 -42.03 -42.10 0.08
N LYS A 2 -41.44 -41.91 -1.09
CA LYS A 2 -40.16 -41.23 -1.20
C LYS A 2 -40.06 -40.43 -2.49
N THR A 3 -40.27 -39.12 -2.37
CA THR A 3 -40.24 -38.22 -3.50
C THR A 3 -39.84 -36.81 -3.05
N GLY A 4 -38.60 -36.44 -3.33
CA GLY A 4 -38.11 -35.14 -2.94
C GLY A 4 -36.90 -34.71 -3.75
N TYR A 5 -37.01 -33.55 -4.39
CA TYR A 5 -35.91 -33.01 -5.17
C TYR A 5 -35.56 -31.61 -4.65
N LYS A 6 -34.28 -31.35 -4.52
CA LYS A 6 -33.82 -30.04 -4.06
C LYS A 6 -32.96 -29.38 -5.12
N VAL A 7 -33.08 -28.07 -5.23
CA VAL A 7 -32.22 -27.27 -6.09
C VAL A 7 -31.94 -25.93 -5.43
N MET A 8 -30.67 -25.64 -5.16
CA MET A 8 -30.31 -24.45 -4.44
C MET A 8 -29.10 -23.77 -5.06
N LEU A 9 -29.33 -22.60 -5.65
CA LEU A 9 -28.25 -21.78 -6.19
C LEU A 9 -28.22 -20.44 -5.47
N GLY A 10 -27.06 -19.80 -5.45
CA GLY A 10 -26.94 -18.53 -4.77
C GLY A 10 -25.55 -18.26 -4.25
N ALA A 11 -24.57 -18.24 -5.14
CA ALA A 11 -23.22 -17.85 -4.79
C ALA A 11 -23.03 -16.36 -5.08
N LEU A 12 -23.46 -15.53 -4.14
CA LEU A 12 -23.45 -14.10 -4.35
C LEU A 12 -22.18 -13.46 -3.75
N ALA A 13 -21.35 -12.92 -4.61
CA ALA A 13 -20.14 -12.22 -4.17
C ALA A 13 -20.03 -10.88 -4.89
N PHE A 14 -20.66 -9.87 -4.32
CA PHE A 14 -20.68 -8.56 -4.95
C PHE A 14 -20.26 -7.47 -3.97
N VAL A 15 -19.84 -7.89 -2.79
CA VAL A 15 -19.43 -6.95 -1.75
C VAL A 15 -18.01 -6.44 -2.00
N VAL A 16 -17.51 -5.62 -1.07
CA VAL A 16 -16.21 -4.99 -1.19
C VAL A 16 -16.20 -4.01 -2.37
N THR A 17 -16.76 -2.83 -2.13
CA THR A 17 -16.96 -1.84 -3.17
C THR A 17 -16.38 -0.49 -2.76
N ASN A 18 -15.82 -0.43 -1.56
CA ASN A 18 -15.32 0.82 -1.02
C ASN A 18 -13.84 1.02 -1.36
N VAL A 19 -13.14 -0.07 -1.66
CA VAL A 19 -11.72 -0.01 -1.97
C VAL A 19 -11.48 0.50 -3.40
N TYR A 20 -11.19 1.79 -3.52
CA TYR A 20 -11.05 2.41 -4.81
C TYR A 20 -9.61 2.83 -5.07
N ALA A 21 -9.16 3.87 -4.38
CA ALA A 21 -7.85 4.45 -4.64
C ALA A 21 -6.92 4.27 -3.45
N ALA A 22 -5.81 5.01 -3.46
CA ALA A 22 -4.82 4.95 -2.38
C ALA A 22 -5.35 5.66 -1.14
N GLU A 23 -5.23 5.02 0.01
CA GLU A 23 -5.79 5.56 1.25
C GLU A 23 -5.15 4.93 2.49
N ILE A 24 -5.40 5.56 3.63
CA ILE A 24 -5.02 4.99 4.92
C ILE A 24 -6.12 4.02 5.36
N MET A 25 -5.75 2.96 6.07
CA MET A 25 -6.74 2.00 6.54
C MET A 25 -6.71 1.89 8.06
N LYS A 26 -7.89 1.72 8.65
CA LYS A 26 -8.00 1.44 10.07
C LYS A 26 -7.52 0.03 10.34
N LYS A 27 -7.20 -0.28 11.59
CA LYS A 27 -6.61 -1.56 11.93
C LYS A 27 -7.56 -2.71 11.63
N THR A 28 -8.86 -2.48 11.80
CA THR A 28 -9.84 -3.50 11.52
C THR A 28 -9.97 -3.73 10.01
N ASP A 29 -10.00 -2.63 9.25
CA ASP A 29 -10.10 -2.72 7.80
C ASP A 29 -8.78 -3.21 7.21
N PHE A 30 -7.69 -2.72 7.76
CA PHE A 30 -6.35 -3.11 7.35
C PHE A 30 -6.18 -4.62 7.47
N ASP A 31 -6.55 -5.16 8.62
CA ASP A 31 -6.44 -6.61 8.85
C ASP A 31 -7.33 -7.39 7.88
N LYS A 32 -8.45 -6.81 7.51
CA LYS A 32 -9.39 -7.43 6.59
C LYS A 32 -8.86 -7.36 5.16
N VAL A 33 -8.30 -6.23 4.78
CA VAL A 33 -7.80 -6.06 3.42
C VAL A 33 -6.43 -6.73 3.26
N ALA A 34 -5.74 -6.95 4.37
CA ALA A 34 -4.44 -7.62 4.34
C ALA A 34 -4.59 -9.03 3.78
N SER A 35 -5.80 -9.54 3.83
CA SER A 35 -6.12 -10.85 3.31
C SER A 35 -5.89 -10.90 1.79
N GLU A 36 -6.31 -9.85 1.09
CA GLU A 36 -6.23 -9.85 -0.38
C GLU A 36 -5.41 -8.65 -0.88
N TYR A 37 -4.42 -8.25 -0.10
CA TYR A 37 -3.49 -7.21 -0.50
C TYR A 37 -2.08 -7.78 -0.69
N THR A 38 -1.13 -6.94 -1.06
CA THR A 38 0.22 -7.38 -1.33
C THR A 38 1.22 -6.54 -0.55
N LYS A 39 2.30 -7.18 -0.11
CA LYS A 39 3.38 -6.52 0.60
C LYS A 39 4.46 -6.12 -0.39
N ILE A 40 4.78 -4.85 -0.44
CA ILE A 40 5.79 -4.36 -1.36
C ILE A 40 6.99 -3.77 -0.62
N GLY A 41 7.00 -3.92 0.68
CA GLY A 41 8.14 -3.50 1.47
C GLY A 41 7.81 -2.31 2.35
N THR A 42 8.75 -1.98 3.22
CA THR A 42 8.59 -0.85 4.12
C THR A 42 9.47 0.31 3.65
N ILE A 43 9.06 1.53 3.99
CA ILE A 43 9.84 2.71 3.68
C ILE A 43 10.19 3.44 4.97
N SER A 44 11.15 4.35 4.91
CA SER A 44 11.60 5.03 6.11
C SER A 44 12.30 6.35 5.74
N THR A 45 12.76 7.04 6.76
CA THR A 45 13.58 8.22 6.61
C THR A 45 14.44 8.39 7.84
N THR A 46 15.54 9.09 7.70
CA THR A 46 16.50 9.23 8.79
C THR A 46 17.31 10.50 8.64
N GLY A 47 17.41 11.27 9.72
CA GLY A 47 18.25 12.43 9.73
C GLY A 47 17.63 13.58 10.48
N GLU A 48 17.26 14.60 9.75
CA GLU A 48 16.68 15.80 10.32
C GLU A 48 15.58 16.34 9.43
N MET A 49 14.34 16.02 9.79
CA MET A 49 13.18 16.40 9.01
C MET A 49 12.07 16.84 9.95
N SER A 50 11.08 17.56 9.42
CA SER A 50 9.88 17.88 10.18
C SER A 50 8.87 16.76 9.97
N PRO A 51 8.02 16.47 10.96
CA PRO A 51 7.12 15.30 10.89
C PRO A 51 6.17 15.32 9.70
N LEU A 52 5.60 16.48 9.39
CA LEU A 52 4.71 16.59 8.23
C LEU A 52 5.53 16.55 6.93
N ASP A 53 6.70 17.18 6.98
CA ASP A 53 7.62 17.23 5.85
C ASP A 53 8.12 15.82 5.51
N ALA A 54 8.31 15.02 6.55
CA ALA A 54 8.73 13.63 6.38
C ALA A 54 7.56 12.77 5.91
N ARG A 55 6.35 13.13 6.33
CA ARG A 55 5.15 12.43 5.88
C ARG A 55 5.05 12.50 4.36
N GLU A 56 5.15 13.71 3.82
CA GLU A 56 5.01 13.91 2.39
C GLU A 56 6.16 13.28 1.63
N ASP A 57 7.31 13.15 2.28
CA ASP A 57 8.44 12.43 1.71
C ASP A 57 8.08 10.95 1.58
N LEU A 58 7.55 10.41 2.66
CA LEU A 58 7.10 9.02 2.70
C LEU A 58 5.95 8.79 1.71
N ILE A 59 5.00 9.72 1.68
CA ILE A 59 3.84 9.63 0.82
C ILE A 59 4.24 9.61 -0.66
N LYS A 60 5.09 10.54 -1.04
CA LYS A 60 5.57 10.62 -2.41
C LYS A 60 6.37 9.37 -2.78
N LYS A 61 7.22 8.94 -1.86
CA LYS A 61 8.06 7.78 -2.05
C LYS A 61 7.21 6.51 -2.21
N ALA A 62 6.16 6.39 -1.41
CA ALA A 62 5.23 5.27 -1.53
C ALA A 62 4.58 5.26 -2.91
N ASP A 63 4.17 6.44 -3.38
CA ASP A 63 3.59 6.58 -4.72
C ASP A 63 4.62 6.25 -5.79
N GLU A 64 5.88 6.56 -5.49
CA GLU A 64 6.99 6.34 -6.40
C GLU A 64 7.42 4.87 -6.41
N LYS A 65 7.07 4.14 -5.36
CA LYS A 65 7.38 2.73 -5.28
C LYS A 65 6.22 1.89 -5.80
N GLY A 66 5.01 2.43 -5.70
CA GLY A 66 3.85 1.78 -6.27
C GLY A 66 2.95 1.14 -5.22
N ALA A 67 2.59 1.90 -4.21
CA ALA A 67 1.71 1.41 -3.15
C ALA A 67 0.26 1.78 -3.43
N ASP A 68 -0.63 1.20 -2.64
CA ASP A 68 -2.06 1.43 -2.76
C ASP A 68 -2.62 1.84 -1.41
N VAL A 69 -2.12 1.19 -0.37
CA VAL A 69 -2.47 1.55 0.99
C VAL A 69 -1.21 1.82 1.79
N VAL A 70 -1.22 2.86 2.59
CA VAL A 70 -0.05 3.22 3.37
C VAL A 70 -0.38 3.18 4.85
N VAL A 71 0.58 2.75 5.65
CA VAL A 71 0.41 2.67 7.09
C VAL A 71 1.54 3.40 7.80
N LEU A 72 1.21 4.47 8.50
CA LEU A 72 2.21 5.27 9.19
C LEU A 72 2.41 4.76 10.61
N THR A 73 3.24 3.74 10.76
CA THR A 73 3.59 3.23 12.07
C THR A 73 4.55 4.19 12.76
N SER A 74 5.51 4.67 11.98
CA SER A 74 6.47 5.70 12.40
C SER A 74 7.22 5.33 13.70
N GLY A 75 7.89 6.32 14.26
CA GLY A 75 8.64 6.14 15.47
C GLY A 75 8.58 7.41 16.29
N GLN A 76 8.44 7.24 17.59
CA GLN A 76 8.24 8.37 18.49
C GLN A 76 9.56 9.10 18.75
N THR A 77 9.99 9.81 17.74
CA THR A 77 11.11 10.72 17.83
C THR A 77 10.92 11.86 16.84
N GLU A 78 10.29 12.93 17.32
CA GLU A 78 9.94 14.06 16.46
C GLU A 78 11.09 15.07 16.36
N ASN A 79 11.98 15.03 17.33
CA ASN A 79 13.18 15.86 17.30
C ASN A 79 13.93 15.65 15.99
N LYS A 80 14.44 14.43 15.83
CA LYS A 80 15.02 14.00 14.57
C LYS A 80 14.43 12.64 14.23
N ILE A 81 13.65 12.62 13.18
CA ILE A 81 12.78 11.50 12.89
C ILE A 81 13.53 10.30 12.34
N HIS A 82 13.03 9.13 12.69
CA HIS A 82 13.61 7.87 12.27
C HIS A 82 12.47 6.88 12.02
N GLY A 83 11.31 7.44 11.70
CA GLY A 83 10.11 6.65 11.58
C GLY A 83 10.06 5.82 10.31
N THR A 84 9.21 4.81 10.32
CA THR A 84 9.02 3.95 9.16
C THR A 84 7.55 3.95 8.76
N ALA A 85 7.29 3.67 7.50
CA ALA A 85 5.92 3.51 7.02
C ALA A 85 5.82 2.24 6.22
N ASP A 86 4.79 1.46 6.49
CA ASP A 86 4.66 0.16 5.84
C ASP A 86 3.54 0.23 4.82
N ILE A 87 3.83 -0.16 3.60
CA ILE A 87 2.89 0.03 2.51
C ILE A 87 2.40 -1.28 1.92
N TYR A 88 1.20 -1.25 1.38
CA TYR A 88 0.58 -2.39 0.77
C TYR A 88 0.05 -2.05 -0.60
N LYS A 89 -0.04 -3.04 -1.46
CA LYS A 89 -0.51 -2.87 -2.81
C LYS A 89 -1.78 -3.69 -3.05
N LYS A 90 -2.81 -3.06 -3.60
CA LYS A 90 -4.07 -3.74 -3.88
C LYS A 90 -3.90 -4.73 -5.01
N LYS A 91 -4.44 -5.93 -4.82
CA LYS A 91 -4.35 -6.97 -5.83
C LYS A 91 -5.44 -6.82 -6.88
N LEU A 92 -5.58 -7.85 -7.71
CA LEU A 92 -6.54 -7.84 -8.80
C LEU A 92 -7.64 -8.84 -8.52
N GLU A 93 -7.85 -9.11 -7.23
CA GLU A 93 -8.82 -10.08 -6.77
C GLU A 93 -10.25 -9.63 -7.04
N HIS A 94 -11.21 -10.25 -6.36
CA HIS A 94 -12.62 -9.92 -6.57
C HIS A 94 -13.01 -8.72 -5.73
N HIS A 95 -13.53 -7.68 -6.38
CA HIS A 95 -13.91 -6.44 -5.70
C HIS A 95 -14.51 -5.44 -6.68
N HIS A 96 -15.30 -4.52 -6.16
CA HIS A 96 -15.91 -3.47 -6.97
C HIS A 96 -15.01 -2.23 -6.93
N HIS A 97 -14.26 -2.02 -8.00
CA HIS A 97 -13.21 -0.99 -8.03
C HIS A 97 -13.71 0.30 -8.70
N HIS A 98 -15.01 0.44 -8.84
CA HIS A 98 -15.59 1.64 -9.41
C HIS A 98 -16.86 2.02 -8.67
N HIS A 99 -17.70 2.82 -9.30
CA HIS A 99 -19.00 3.15 -8.73
C HIS A 99 -20.10 2.54 -9.59
N MET A 1 -1.62 -47.38 -12.50
CA MET A 1 -0.15 -47.50 -12.46
C MET A 1 0.45 -47.22 -13.83
N LYS A 2 -0.18 -47.73 -14.89
CA LYS A 2 0.23 -47.40 -16.24
C LYS A 2 -0.23 -45.98 -16.55
N THR A 3 0.69 -45.04 -16.43
CA THR A 3 0.34 -43.62 -16.48
C THR A 3 1.27 -42.85 -17.43
N GLY A 4 1.09 -41.54 -17.49
CA GLY A 4 1.86 -40.72 -18.39
C GLY A 4 1.00 -39.67 -19.05
N TYR A 5 0.32 -38.88 -18.24
CA TYR A 5 -0.59 -37.87 -18.76
C TYR A 5 -0.30 -36.52 -18.09
N LYS A 6 0.60 -35.76 -18.69
CA LYS A 6 0.99 -34.46 -18.16
C LYS A 6 1.52 -33.59 -19.29
N VAL A 7 0.72 -32.64 -19.72
CA VAL A 7 1.12 -31.73 -20.78
C VAL A 7 1.06 -30.29 -20.29
N MET A 8 2.21 -29.64 -20.22
CA MET A 8 2.28 -28.26 -19.79
C MET A 8 2.61 -27.36 -20.98
N LEU A 9 1.59 -26.67 -21.48
CA LEU A 9 1.75 -25.75 -22.59
C LEU A 9 0.75 -24.63 -22.48
N GLY A 10 1.05 -23.50 -23.11
CA GLY A 10 0.17 -22.35 -23.05
C GLY A 10 0.69 -21.31 -22.09
N ALA A 11 2.01 -21.15 -22.06
CA ALA A 11 2.65 -20.18 -21.18
C ALA A 11 2.65 -18.80 -21.83
N LEU A 12 1.51 -18.12 -21.74
CA LEU A 12 1.35 -16.79 -22.29
C LEU A 12 0.06 -16.17 -21.78
N ALA A 13 0.15 -15.04 -21.10
CA ALA A 13 -1.02 -14.40 -20.53
C ALA A 13 -0.85 -12.89 -20.47
N PHE A 14 -1.92 -12.19 -20.12
CA PHE A 14 -1.89 -10.74 -20.00
C PHE A 14 -2.51 -10.31 -18.68
N VAL A 15 -2.16 -9.13 -18.22
CA VAL A 15 -2.70 -8.60 -16.98
C VAL A 15 -3.29 -7.20 -17.20
N VAL A 16 -4.61 -7.10 -17.08
CA VAL A 16 -5.28 -5.81 -17.21
C VAL A 16 -5.22 -5.05 -15.89
N THR A 17 -4.78 -3.80 -15.96
CA THR A 17 -4.58 -3.00 -14.77
C THR A 17 -5.75 -2.06 -14.52
N ASN A 18 -5.63 -1.24 -13.48
CA ASN A 18 -6.69 -0.30 -13.11
C ASN A 18 -6.04 0.94 -12.50
N VAL A 19 -6.84 1.97 -12.23
CA VAL A 19 -6.33 3.19 -11.62
C VAL A 19 -5.94 2.93 -10.16
N TYR A 20 -4.88 3.57 -9.72
CA TYR A 20 -4.34 3.32 -8.39
C TYR A 20 -4.57 4.52 -7.48
N ALA A 21 -4.49 4.30 -6.18
CA ALA A 21 -4.69 5.36 -5.19
C ALA A 21 -4.15 4.92 -3.83
N ALA A 22 -3.11 5.60 -3.35
CA ALA A 22 -2.51 5.25 -2.07
C ALA A 22 -3.37 5.76 -0.91
N GLU A 23 -4.14 4.85 -0.33
CA GLU A 23 -5.11 5.20 0.69
C GLU A 23 -4.68 4.69 2.08
N ILE A 24 -5.15 5.38 3.11
CA ILE A 24 -4.96 4.94 4.49
C ILE A 24 -6.20 4.16 4.95
N MET A 25 -6.00 3.01 5.59
CA MET A 25 -7.12 2.23 6.10
C MET A 25 -7.02 2.08 7.61
N LYS A 26 -8.14 1.78 8.25
CA LYS A 26 -8.18 1.52 9.69
C LYS A 26 -7.63 0.13 9.97
N LYS A 27 -6.88 -0.01 11.04
CA LYS A 27 -6.14 -1.24 11.30
C LYS A 27 -7.07 -2.46 11.35
N THR A 28 -8.29 -2.25 11.84
CA THR A 28 -9.26 -3.32 11.95
C THR A 28 -9.72 -3.81 10.58
N ASP A 29 -10.13 -2.90 9.71
CA ASP A 29 -10.56 -3.32 8.38
C ASP A 29 -9.34 -3.61 7.53
N PHE A 30 -8.27 -2.89 7.79
CA PHE A 30 -7.00 -3.09 7.08
C PHE A 30 -6.50 -4.52 7.27
N ASP A 31 -6.54 -5.04 8.48
CA ASP A 31 -6.04 -6.38 8.74
C ASP A 31 -6.88 -7.41 8.01
N LYS A 32 -8.16 -7.12 7.91
CA LYS A 32 -9.12 -7.98 7.22
C LYS A 32 -9.01 -7.86 5.70
N VAL A 33 -8.77 -6.66 5.21
CA VAL A 33 -8.65 -6.46 3.76
C VAL A 33 -7.22 -6.68 3.30
N ALA A 34 -6.28 -6.79 4.24
CA ALA A 34 -4.89 -7.12 3.93
C ALA A 34 -4.81 -8.51 3.33
N SER A 35 -5.84 -9.30 3.60
CA SER A 35 -6.00 -10.60 3.00
C SER A 35 -6.02 -10.47 1.47
N GLU A 36 -6.48 -9.32 0.99
CA GLU A 36 -6.54 -9.04 -0.45
C GLU A 36 -5.43 -8.08 -0.87
N TYR A 37 -4.39 -7.96 -0.05
CA TYR A 37 -3.29 -7.04 -0.32
C TYR A 37 -1.95 -7.78 -0.32
N THR A 38 -0.91 -7.12 -0.80
CA THR A 38 0.43 -7.71 -0.86
C THR A 38 1.48 -6.64 -0.59
N LYS A 39 2.22 -6.81 0.49
CA LYS A 39 3.28 -5.88 0.86
C LYS A 39 4.43 -5.95 -0.14
N ILE A 40 4.95 -4.80 -0.50
CA ILE A 40 6.09 -4.72 -1.40
C ILE A 40 7.36 -4.35 -0.65
N GLY A 41 7.19 -3.71 0.50
CA GLY A 41 8.34 -3.34 1.30
C GLY A 41 8.01 -2.20 2.25
N THR A 42 8.95 -1.89 3.13
CA THR A 42 8.78 -0.81 4.07
C THR A 42 9.64 0.38 3.65
N ILE A 43 9.22 1.57 4.03
CA ILE A 43 10.01 2.78 3.84
C ILE A 43 10.33 3.36 5.20
N SER A 44 11.29 4.27 5.27
CA SER A 44 11.73 4.77 6.55
C SER A 44 12.20 6.22 6.47
N THR A 45 12.34 6.84 7.62
CA THR A 45 12.83 8.20 7.73
C THR A 45 13.74 8.34 8.94
N THR A 46 15.01 8.62 8.69
CA THR A 46 15.98 8.80 9.75
C THR A 46 17.07 9.76 9.29
N GLY A 47 17.19 10.87 9.99
CA GLY A 47 18.18 11.86 9.64
C GLY A 47 18.16 13.05 10.59
N GLU A 48 17.72 14.18 10.08
CA GLU A 48 17.53 15.38 10.90
C GLU A 48 16.69 16.40 10.15
N MET A 49 15.50 15.98 9.77
CA MET A 49 14.58 16.82 9.02
C MET A 49 13.39 17.17 9.91
N SER A 50 12.34 17.71 9.31
CA SER A 50 11.12 17.98 10.05
C SER A 50 10.10 16.86 9.78
N PRO A 51 9.32 16.47 10.80
CA PRO A 51 8.45 15.29 10.73
C PRO A 51 7.41 15.35 9.60
N LEU A 52 6.65 16.43 9.55
CA LEU A 52 5.57 16.55 8.56
C LEU A 52 6.12 16.55 7.16
N ASP A 53 7.24 17.24 6.96
CA ASP A 53 7.85 17.38 5.64
C ASP A 53 8.33 16.02 5.12
N ALA A 54 9.04 15.29 5.98
CA ALA A 54 9.57 13.99 5.59
C ALA A 54 8.46 12.95 5.47
N ARG A 55 7.37 13.16 6.20
CA ARG A 55 6.22 12.29 6.10
C ARG A 55 5.59 12.45 4.74
N GLU A 56 5.54 13.69 4.25
CA GLU A 56 5.08 13.96 2.90
C GLU A 56 5.98 13.25 1.89
N ASP A 57 7.27 13.20 2.18
CA ASP A 57 8.23 12.53 1.31
C ASP A 57 7.91 11.04 1.27
N LEU A 58 7.60 10.49 2.44
CA LEU A 58 7.16 9.10 2.56
C LEU A 58 5.87 8.87 1.78
N ILE A 59 4.92 9.77 1.99
CA ILE A 59 3.62 9.70 1.33
C ILE A 59 3.79 9.75 -0.18
N LYS A 60 4.67 10.62 -0.65
CA LYS A 60 4.99 10.72 -2.06
C LYS A 60 5.71 9.47 -2.55
N LYS A 61 6.74 9.07 -1.80
CA LYS A 61 7.57 7.93 -2.18
C LYS A 61 6.75 6.65 -2.30
N ALA A 62 5.84 6.43 -1.36
CA ALA A 62 4.92 5.31 -1.41
C ALA A 62 4.07 5.35 -2.69
N ASP A 63 3.57 6.54 -3.01
CA ASP A 63 2.76 6.74 -4.22
C ASP A 63 3.63 6.58 -5.46
N GLU A 64 4.84 7.11 -5.38
CA GLU A 64 5.82 7.02 -6.46
C GLU A 64 6.24 5.57 -6.68
N LYS A 65 6.29 4.80 -5.61
CA LYS A 65 6.54 3.38 -5.70
C LYS A 65 5.33 2.68 -6.32
N GLY A 66 4.16 3.18 -5.98
CA GLY A 66 2.94 2.69 -6.59
C GLY A 66 2.04 1.93 -5.64
N ALA A 67 2.34 1.99 -4.35
CA ALA A 67 1.58 1.25 -3.33
C ALA A 67 0.14 1.74 -3.26
N ASP A 68 -0.78 0.81 -3.03
CA ASP A 68 -2.21 1.12 -3.02
C ASP A 68 -2.66 1.49 -1.62
N VAL A 69 -2.07 0.84 -0.63
CA VAL A 69 -2.41 1.10 0.76
C VAL A 69 -1.16 1.46 1.54
N VAL A 70 -1.24 2.48 2.37
CA VAL A 70 -0.09 2.92 3.12
C VAL A 70 -0.39 2.96 4.61
N VAL A 71 0.59 2.62 5.43
CA VAL A 71 0.43 2.68 6.87
C VAL A 71 1.60 3.45 7.48
N LEU A 72 1.33 4.65 7.96
CA LEU A 72 2.36 5.52 8.50
C LEU A 72 2.66 5.19 9.96
N THR A 73 3.71 4.41 10.18
CA THR A 73 4.18 4.10 11.53
C THR A 73 5.13 5.18 12.05
N SER A 74 5.47 6.10 11.15
CA SER A 74 6.38 7.21 11.44
C SER A 74 5.96 8.01 12.66
N GLY A 75 6.65 7.79 13.77
CA GLY A 75 6.43 8.56 14.96
C GLY A 75 7.57 8.39 15.93
N GLN A 76 7.24 8.36 17.21
CA GLN A 76 8.20 8.18 18.32
C GLN A 76 9.14 9.37 18.46
N THR A 77 9.90 9.64 17.42
CA THR A 77 10.94 10.64 17.46
C THR A 77 10.72 11.62 16.32
N GLU A 78 10.00 12.69 16.62
CA GLU A 78 9.64 13.68 15.63
C GLU A 78 10.77 14.68 15.36
N ASN A 79 11.68 14.83 16.32
CA ASN A 79 12.75 15.83 16.23
C ASN A 79 13.59 15.66 14.95
N LYS A 80 14.37 14.60 14.88
CA LYS A 80 15.16 14.32 13.68
C LYS A 80 14.56 13.16 12.92
N ILE A 81 13.40 12.72 13.40
CA ILE A 81 12.64 11.64 12.81
C ILE A 81 13.33 10.28 13.00
N HIS A 82 12.51 9.25 13.13
CA HIS A 82 12.98 7.90 13.38
C HIS A 82 11.86 6.92 13.01
N GLY A 83 10.97 7.37 12.14
CA GLY A 83 9.77 6.61 11.86
C GLY A 83 9.86 5.85 10.56
N THR A 84 8.97 4.89 10.39
CA THR A 84 8.91 4.11 9.17
C THR A 84 7.53 4.25 8.54
N ALA A 85 7.30 3.55 7.46
CA ALA A 85 5.97 3.43 6.89
C ALA A 85 5.87 2.13 6.12
N ASP A 86 4.80 1.40 6.36
CA ASP A 86 4.65 0.08 5.76
C ASP A 86 3.56 0.13 4.71
N ILE A 87 3.93 -0.20 3.49
CA ILE A 87 3.04 -0.01 2.36
C ILE A 87 2.67 -1.35 1.71
N TYR A 88 1.49 -1.37 1.09
CA TYR A 88 0.92 -2.57 0.53
C TYR A 88 0.30 -2.28 -0.83
N LYS A 89 0.32 -3.27 -1.68
CA LYS A 89 -0.36 -3.22 -2.96
C LYS A 89 -1.59 -4.10 -2.89
N LYS A 90 -2.46 -4.01 -3.88
CA LYS A 90 -3.60 -4.90 -3.96
C LYS A 90 -3.22 -6.21 -4.60
N LYS A 91 -3.91 -7.26 -4.21
CA LYS A 91 -3.72 -8.57 -4.81
C LYS A 91 -4.38 -8.62 -6.18
N LEU A 92 -4.36 -9.80 -6.78
CA LEU A 92 -4.99 -10.03 -8.08
C LEU A 92 -6.42 -10.50 -7.87
N GLU A 93 -6.95 -10.12 -6.72
CA GLU A 93 -8.31 -10.46 -6.29
C GLU A 93 -9.35 -10.33 -7.41
N HIS A 94 -9.65 -11.47 -8.02
CA HIS A 94 -10.69 -11.54 -9.05
C HIS A 94 -12.05 -11.74 -8.37
N HIS A 95 -13.10 -11.26 -9.03
CA HIS A 95 -14.45 -11.24 -8.45
C HIS A 95 -14.44 -10.48 -7.13
N HIS A 96 -14.55 -9.16 -7.23
CA HIS A 96 -14.50 -8.31 -6.04
C HIS A 96 -15.63 -8.63 -5.08
N HIS A 97 -15.28 -9.36 -4.02
CA HIS A 97 -16.25 -9.79 -3.02
C HIS A 97 -16.31 -8.77 -1.89
N HIS A 98 -15.87 -7.56 -2.19
CA HIS A 98 -15.89 -6.47 -1.23
C HIS A 98 -16.29 -5.18 -1.93
N HIS A 99 -17.29 -4.51 -1.38
CA HIS A 99 -17.77 -3.27 -1.96
C HIS A 99 -17.70 -2.15 -0.94
N MET A 1 -44.22 -18.22 23.98
CA MET A 1 -44.60 -16.85 24.38
C MET A 1 -43.78 -15.83 23.60
N LYS A 2 -42.47 -15.83 23.82
CA LYS A 2 -41.61 -14.82 23.23
C LYS A 2 -40.85 -15.35 22.03
N THR A 3 -41.35 -15.05 20.86
CA THR A 3 -40.68 -15.40 19.61
C THR A 3 -40.65 -14.17 18.71
N GLY A 4 -39.45 -13.65 18.43
CA GLY A 4 -39.35 -12.45 17.63
C GLY A 4 -38.08 -12.42 16.81
N TYR A 5 -38.17 -11.83 15.62
CA TYR A 5 -37.03 -11.74 14.72
C TYR A 5 -36.25 -10.46 14.99
N LYS A 6 -35.25 -10.55 15.85
CA LYS A 6 -34.43 -9.40 16.20
C LYS A 6 -33.40 -9.11 15.11
N VAL A 7 -33.02 -10.16 14.39
CA VAL A 7 -32.08 -10.02 13.29
C VAL A 7 -32.70 -10.53 11.99
N MET A 8 -33.53 -9.69 11.39
CA MET A 8 -34.19 -10.01 10.14
C MET A 8 -33.54 -9.23 8.99
N LEU A 9 -32.69 -8.29 9.35
CA LEU A 9 -31.96 -7.50 8.37
C LEU A 9 -30.53 -8.02 8.23
N GLY A 10 -30.09 -8.26 7.01
CA GLY A 10 -28.76 -8.77 6.79
C GLY A 10 -28.19 -8.33 5.46
N ALA A 11 -27.05 -7.65 5.49
CA ALA A 11 -26.39 -7.18 4.28
C ALA A 11 -24.90 -7.50 4.33
N LEU A 12 -24.41 -8.11 3.26
CA LEU A 12 -22.98 -8.44 3.16
C LEU A 12 -22.39 -7.86 1.89
N ALA A 13 -22.94 -6.72 1.46
CA ALA A 13 -22.47 -6.07 0.25
C ALA A 13 -21.30 -5.13 0.56
N PHE A 14 -20.12 -5.50 0.08
CA PHE A 14 -18.92 -4.70 0.30
C PHE A 14 -18.93 -3.49 -0.62
N VAL A 15 -19.49 -2.39 -0.12
CA VAL A 15 -19.59 -1.17 -0.91
C VAL A 15 -18.61 -0.12 -0.37
N VAL A 16 -17.46 -0.03 -1.03
CA VAL A 16 -16.46 0.97 -0.68
C VAL A 16 -15.96 1.67 -1.93
N THR A 17 -15.10 0.97 -2.67
CA THR A 17 -14.55 1.49 -3.93
C THR A 17 -13.89 2.86 -3.69
N ASN A 18 -13.02 2.90 -2.70
CA ASN A 18 -12.39 4.15 -2.27
C ASN A 18 -10.95 4.25 -2.77
N VAL A 19 -10.27 3.11 -2.84
CA VAL A 19 -8.85 3.07 -3.18
C VAL A 19 -8.60 3.32 -4.67
N TYR A 20 -8.50 4.58 -5.03
CA TYR A 20 -8.02 4.96 -6.36
C TYR A 20 -6.50 4.90 -6.37
N ALA A 21 -5.92 5.30 -5.24
CA ALA A 21 -4.49 5.32 -5.06
C ALA A 21 -4.18 5.10 -3.58
N ALA A 22 -2.94 5.37 -3.18
CA ALA A 22 -2.49 5.20 -1.80
C ALA A 22 -3.44 5.86 -0.80
N GLU A 23 -4.14 5.03 -0.04
CA GLU A 23 -5.09 5.51 0.96
C GLU A 23 -4.74 4.98 2.35
N ILE A 24 -5.15 5.72 3.37
CA ILE A 24 -4.95 5.31 4.76
C ILE A 24 -6.13 4.45 5.21
N MET A 25 -5.85 3.37 5.94
CA MET A 25 -6.90 2.50 6.45
C MET A 25 -6.79 2.33 7.96
N LYS A 26 -7.89 1.91 8.58
CA LYS A 26 -7.91 1.63 10.01
C LYS A 26 -7.19 0.33 10.30
N LYS A 27 -6.78 0.12 11.54
CA LYS A 27 -5.97 -1.05 11.91
C LYS A 27 -6.70 -2.36 11.55
N THR A 28 -7.93 -2.50 12.01
CA THR A 28 -8.68 -3.73 11.80
C THR A 28 -9.07 -3.90 10.33
N ASP A 29 -9.40 -2.78 9.70
CA ASP A 29 -9.82 -2.78 8.30
C ASP A 29 -8.62 -3.07 7.39
N PHE A 30 -7.47 -2.53 7.77
CA PHE A 30 -6.22 -2.78 7.06
C PHE A 30 -5.87 -4.26 7.11
N ASP A 31 -6.07 -4.88 8.26
CA ASP A 31 -5.77 -6.29 8.43
C ASP A 31 -6.69 -7.14 7.58
N LYS A 32 -7.91 -6.65 7.40
CA LYS A 32 -8.91 -7.34 6.59
C LYS A 32 -8.63 -7.17 5.11
N VAL A 33 -8.24 -5.97 4.71
CA VAL A 33 -7.95 -5.71 3.30
C VAL A 33 -6.58 -6.24 2.91
N ALA A 34 -5.66 -6.36 3.89
CA ALA A 34 -4.30 -6.83 3.63
C ALA A 34 -4.31 -8.24 3.04
N SER A 35 -5.39 -8.96 3.29
CA SER A 35 -5.54 -10.32 2.77
C SER A 35 -5.57 -10.31 1.24
N GLU A 36 -6.13 -9.25 0.66
CA GLU A 36 -6.25 -9.15 -0.79
C GLU A 36 -5.27 -8.12 -1.33
N TYR A 37 -4.17 -7.96 -0.62
CA TYR A 37 -3.13 -7.00 -0.97
C TYR A 37 -1.76 -7.67 -0.83
N THR A 38 -0.72 -7.01 -1.31
CA THR A 38 0.63 -7.55 -1.23
C THR A 38 1.56 -6.51 -0.64
N LYS A 39 2.60 -6.94 0.04
CA LYS A 39 3.50 -6.00 0.69
C LYS A 39 4.77 -5.87 -0.10
N ILE A 40 4.95 -4.69 -0.68
CA ILE A 40 6.11 -4.39 -1.49
C ILE A 40 7.31 -3.99 -0.63
N GLY A 41 7.06 -3.83 0.66
CA GLY A 41 8.15 -3.56 1.58
C GLY A 41 7.85 -2.37 2.47
N THR A 42 8.67 -2.17 3.48
CA THR A 42 8.52 -1.03 4.36
C THR A 42 9.43 0.10 3.89
N ILE A 43 9.03 1.32 4.17
CA ILE A 43 9.82 2.48 3.83
C ILE A 43 10.15 3.28 5.08
N SER A 44 11.11 4.17 4.99
CA SER A 44 11.56 4.93 6.13
C SER A 44 12.10 6.29 5.68
N THR A 45 12.28 7.19 6.64
CA THR A 45 12.84 8.50 6.37
C THR A 45 14.04 8.74 7.25
N THR A 46 15.22 8.76 6.65
CA THR A 46 16.44 8.95 7.42
C THR A 46 17.00 10.35 7.20
N GLY A 47 17.04 11.10 8.27
CA GLY A 47 17.54 12.45 8.23
C GLY A 47 17.08 13.21 9.46
N GLU A 48 16.47 14.35 9.24
CA GLU A 48 15.96 15.17 10.33
C GLU A 48 14.93 16.19 9.83
N MET A 49 13.67 15.82 9.95
CA MET A 49 12.56 16.66 9.48
C MET A 49 11.45 16.67 10.52
N SER A 50 10.40 17.42 10.25
CA SER A 50 9.21 17.41 11.09
C SER A 50 8.37 16.18 10.76
N PRO A 51 7.59 15.66 11.74
CA PRO A 51 6.77 14.47 11.53
C PRO A 51 5.89 14.52 10.29
N LEU A 52 5.28 15.67 10.03
CA LEU A 52 4.43 15.84 8.85
C LEU A 52 5.27 15.81 7.59
N ASP A 53 6.43 16.46 7.62
CA ASP A 53 7.32 16.52 6.46
C ASP A 53 7.88 15.14 6.15
N ALA A 54 8.20 14.41 7.22
CA ALA A 54 8.68 13.04 7.09
C ALA A 54 7.58 12.15 6.54
N ARG A 55 6.34 12.46 6.88
CA ARG A 55 5.21 11.71 6.38
C ARG A 55 5.08 11.90 4.88
N GLU A 56 5.20 13.15 4.43
CA GLU A 56 5.08 13.45 3.01
C GLU A 56 6.21 12.81 2.21
N ASP A 57 7.39 12.71 2.81
CA ASP A 57 8.53 12.10 2.12
C ASP A 57 8.31 10.60 1.98
N LEU A 58 7.60 10.03 2.95
CA LEU A 58 7.17 8.64 2.89
C LEU A 58 6.06 8.48 1.87
N ILE A 59 5.12 9.42 1.87
CA ILE A 59 4.01 9.44 0.93
C ILE A 59 4.54 9.50 -0.50
N LYS A 60 5.56 10.32 -0.71
CA LYS A 60 6.25 10.40 -1.98
C LYS A 60 6.78 9.04 -2.40
N LYS A 61 7.46 8.38 -1.46
CA LYS A 61 8.10 7.09 -1.73
C LYS A 61 7.08 5.99 -1.94
N ALA A 62 6.03 6.03 -1.16
CA ALA A 62 4.90 5.11 -1.33
C ALA A 62 4.30 5.27 -2.73
N ASP A 63 4.19 6.52 -3.17
CA ASP A 63 3.72 6.81 -4.52
C ASP A 63 4.74 6.33 -5.55
N GLU A 64 6.02 6.50 -5.21
CA GLU A 64 7.11 6.09 -6.08
C GLU A 64 7.11 4.58 -6.29
N LYS A 65 6.64 3.84 -5.30
CA LYS A 65 6.64 2.38 -5.39
C LYS A 65 5.26 1.86 -5.80
N GLY A 66 4.31 2.78 -5.88
CA GLY A 66 2.98 2.43 -6.35
C GLY A 66 2.19 1.63 -5.34
N ALA A 67 2.26 2.03 -4.09
CA ALA A 67 1.46 1.40 -3.04
C ALA A 67 0.00 1.85 -3.17
N ASP A 68 -0.91 0.98 -2.81
CA ASP A 68 -2.34 1.27 -2.94
C ASP A 68 -2.93 1.62 -1.58
N VAL A 69 -2.41 0.98 -0.55
CA VAL A 69 -2.79 1.30 0.82
C VAL A 69 -1.54 1.62 1.63
N VAL A 70 -1.62 2.63 2.48
CA VAL A 70 -0.46 3.03 3.26
C VAL A 70 -0.82 3.15 4.74
N VAL A 71 0.12 2.79 5.60
CA VAL A 71 -0.02 2.96 7.03
C VAL A 71 1.14 3.80 7.55
N LEU A 72 0.84 5.00 8.00
CA LEU A 72 1.87 5.91 8.45
C LEU A 72 2.19 5.68 9.92
N THR A 73 3.09 4.76 10.17
CA THR A 73 3.55 4.47 11.51
C THR A 73 4.57 5.50 11.98
N SER A 74 5.02 6.31 11.03
CA SER A 74 5.97 7.39 11.25
C SER A 74 5.54 8.29 12.39
N GLY A 75 6.14 8.08 13.56
CA GLY A 75 5.82 8.89 14.71
C GLY A 75 6.08 8.18 16.02
N GLN A 76 7.36 7.97 16.33
CA GLN A 76 7.74 7.45 17.63
C GLN A 76 7.29 8.42 18.70
N THR A 77 7.46 9.70 18.40
CA THR A 77 6.91 10.79 19.17
C THR A 77 6.65 11.99 18.25
N GLU A 78 7.63 12.89 18.14
CA GLU A 78 7.56 14.00 17.18
C GLU A 78 8.97 14.45 16.78
N ASN A 79 9.78 14.80 17.78
CA ASN A 79 11.15 15.22 17.52
C ASN A 79 12.06 14.01 17.33
N LYS A 80 11.97 13.06 18.25
CA LYS A 80 12.81 11.87 18.25
C LYS A 80 12.29 10.81 17.28
N ILE A 81 11.91 11.22 16.09
CA ILE A 81 11.31 10.31 15.13
C ILE A 81 12.30 9.79 14.09
N HIS A 82 12.03 8.57 13.65
CA HIS A 82 12.63 8.03 12.44
C HIS A 82 11.49 7.41 11.65
N GLY A 83 10.82 8.25 10.87
CA GLY A 83 9.55 7.88 10.28
C GLY A 83 9.60 6.68 9.39
N THR A 84 8.63 5.80 9.58
CA THR A 84 8.50 4.58 8.80
C THR A 84 7.07 4.42 8.34
N ALA A 85 6.86 3.84 7.17
CA ALA A 85 5.52 3.61 6.66
C ALA A 85 5.39 2.18 6.17
N ASP A 86 4.28 1.54 6.55
CA ASP A 86 4.02 0.17 6.15
C ASP A 86 2.98 0.20 5.04
N ILE A 87 3.40 -0.18 3.86
CA ILE A 87 2.55 0.00 2.69
C ILE A 87 2.15 -1.33 2.06
N TYR A 88 1.00 -1.32 1.41
CA TYR A 88 0.48 -2.47 0.73
C TYR A 88 0.05 -2.11 -0.68
N LYS A 89 0.12 -3.09 -1.54
CA LYS A 89 -0.06 -2.92 -2.96
C LYS A 89 -1.23 -3.80 -3.40
N LYS A 90 -1.98 -3.37 -4.41
CA LYS A 90 -3.09 -4.18 -4.91
C LYS A 90 -2.59 -5.48 -5.52
N LYS A 91 -3.41 -6.49 -5.41
CA LYS A 91 -3.13 -7.79 -6.02
C LYS A 91 -3.69 -7.85 -7.42
N LEU A 92 -3.47 -8.98 -8.09
CA LEU A 92 -4.06 -9.22 -9.41
C LEU A 92 -5.37 -10.00 -9.26
N GLU A 93 -5.85 -10.06 -8.03
CA GLU A 93 -7.07 -10.77 -7.72
C GLU A 93 -8.28 -9.98 -8.20
N HIS A 94 -9.22 -10.69 -8.78
CA HIS A 94 -10.41 -10.08 -9.36
C HIS A 94 -11.60 -10.23 -8.42
N HIS A 95 -11.57 -9.51 -7.31
CA HIS A 95 -12.68 -9.56 -6.36
C HIS A 95 -13.79 -8.62 -6.80
N HIS A 96 -13.50 -7.32 -6.78
CA HIS A 96 -14.49 -6.32 -7.14
C HIS A 96 -13.92 -5.33 -8.14
N HIS A 97 -14.10 -5.61 -9.42
CA HIS A 97 -13.69 -4.70 -10.48
C HIS A 97 -14.91 -4.23 -11.26
N HIS A 98 -15.08 -2.91 -11.34
CA HIS A 98 -16.21 -2.35 -12.07
C HIS A 98 -15.83 -2.18 -13.53
N HIS A 99 -16.66 -2.72 -14.41
CA HIS A 99 -16.39 -2.66 -15.85
C HIS A 99 -17.68 -2.97 -16.60
N MET A 1 -2.24 -45.26 10.93
CA MET A 1 -1.36 -45.11 9.76
C MET A 1 -2.03 -44.24 8.72
N LYS A 2 -1.63 -42.97 8.67
CA LYS A 2 -2.24 -42.03 7.74
C LYS A 2 -1.16 -41.25 7.00
N THR A 3 -1.15 -41.36 5.68
CA THR A 3 -0.14 -40.71 4.88
C THR A 3 -0.66 -40.52 3.44
N GLY A 4 -0.09 -39.55 2.74
CA GLY A 4 -0.52 -39.29 1.38
C GLY A 4 -0.77 -37.81 1.11
N TYR A 5 0.17 -36.98 1.52
CA TYR A 5 0.08 -35.54 1.24
C TYR A 5 0.76 -35.23 -0.08
N LYS A 6 -0.03 -35.09 -1.13
CA LYS A 6 0.49 -34.90 -2.48
C LYS A 6 -0.39 -33.94 -3.27
N VAL A 7 -1.08 -33.07 -2.57
CA VAL A 7 -1.94 -32.08 -3.21
C VAL A 7 -1.10 -30.90 -3.71
N MET A 8 -1.08 -30.72 -5.02
CA MET A 8 -0.39 -29.60 -5.64
C MET A 8 -1.11 -29.19 -6.93
N LEU A 9 -1.65 -27.97 -6.92
CA LEU A 9 -2.46 -27.49 -8.03
C LEU A 9 -2.71 -25.99 -7.92
N GLY A 10 -3.46 -25.44 -8.88
CA GLY A 10 -3.75 -24.02 -8.88
C GLY A 10 -2.65 -23.21 -9.54
N ALA A 11 -2.96 -22.59 -10.67
CA ALA A 11 -1.98 -21.80 -11.40
C ALA A 11 -2.65 -20.87 -12.41
N LEU A 12 -3.92 -20.57 -12.21
CA LEU A 12 -4.67 -19.69 -13.11
C LEU A 12 -5.08 -18.42 -12.39
N ALA A 13 -4.46 -17.31 -12.78
CA ALA A 13 -4.78 -16.02 -12.18
C ALA A 13 -4.56 -14.87 -13.18
N PHE A 14 -5.66 -14.22 -13.56
CA PHE A 14 -5.60 -13.09 -14.49
C PHE A 14 -6.55 -11.99 -14.03
N VAL A 15 -5.99 -10.83 -13.71
CA VAL A 15 -6.81 -9.70 -13.24
C VAL A 15 -6.37 -8.41 -13.91
N VAL A 16 -7.29 -7.46 -14.00
CA VAL A 16 -6.97 -6.14 -14.53
C VAL A 16 -7.56 -5.07 -13.61
N THR A 17 -6.79 -4.66 -12.62
CA THR A 17 -7.20 -3.61 -11.70
C THR A 17 -5.97 -2.92 -11.14
N ASN A 18 -5.57 -1.82 -11.78
CA ASN A 18 -4.36 -1.12 -11.38
C ASN A 18 -4.71 0.16 -10.64
N VAL A 19 -4.14 0.32 -9.46
CA VAL A 19 -4.33 1.53 -8.67
C VAL A 19 -2.98 2.12 -8.30
N TYR A 20 -2.73 3.34 -8.74
CA TYR A 20 -1.45 3.99 -8.50
C TYR A 20 -1.65 5.17 -7.56
N ALA A 21 -2.49 4.96 -6.57
CA ALA A 21 -2.81 6.00 -5.59
C ALA A 21 -2.80 5.43 -4.19
N ALA A 22 -1.80 5.80 -3.40
CA ALA A 22 -1.68 5.33 -2.03
C ALA A 22 -2.79 5.92 -1.16
N GLU A 23 -3.59 5.05 -0.58
CA GLU A 23 -4.75 5.46 0.21
C GLU A 23 -4.59 5.00 1.66
N ILE A 24 -5.26 5.69 2.58
CA ILE A 24 -5.20 5.34 4.00
C ILE A 24 -6.38 4.46 4.38
N MET A 25 -6.09 3.32 5.00
CA MET A 25 -7.15 2.40 5.40
C MET A 25 -7.31 2.36 6.91
N LYS A 26 -8.53 2.10 7.35
CA LYS A 26 -8.85 1.97 8.77
C LYS A 26 -8.12 0.77 9.36
N LYS A 27 -7.89 0.79 10.67
CA LYS A 27 -7.09 -0.26 11.31
C LYS A 27 -7.69 -1.65 11.09
N THR A 28 -8.98 -1.79 11.35
CA THR A 28 -9.65 -3.07 11.21
C THR A 28 -9.74 -3.47 9.74
N ASP A 29 -10.05 -2.50 8.90
CA ASP A 29 -10.18 -2.72 7.47
C ASP A 29 -8.84 -3.09 6.87
N PHE A 30 -7.79 -2.40 7.30
CA PHE A 30 -6.45 -2.64 6.80
C PHE A 30 -5.99 -4.06 7.10
N ASP A 31 -6.19 -4.51 8.33
CA ASP A 31 -5.73 -5.85 8.71
C ASP A 31 -6.53 -6.91 7.97
N LYS A 32 -7.78 -6.59 7.65
CA LYS A 32 -8.63 -7.47 6.88
C LYS A 32 -8.23 -7.48 5.40
N VAL A 33 -7.97 -6.31 4.84
CA VAL A 33 -7.59 -6.23 3.44
C VAL A 33 -6.13 -6.63 3.24
N ALA A 34 -5.35 -6.66 4.34
CA ALA A 34 -3.95 -7.08 4.28
C ALA A 34 -3.85 -8.54 3.83
N SER A 35 -4.95 -9.26 3.97
CA SER A 35 -5.05 -10.62 3.50
C SER A 35 -5.13 -10.63 1.96
N GLU A 36 -5.73 -9.57 1.42
CA GLU A 36 -5.91 -9.43 -0.02
C GLU A 36 -4.93 -8.41 -0.59
N TYR A 37 -3.89 -8.11 0.17
CA TYR A 37 -2.86 -7.16 -0.25
C TYR A 37 -1.47 -7.76 -0.05
N THR A 38 -0.48 -7.13 -0.66
CA THR A 38 0.90 -7.63 -0.61
C THR A 38 1.85 -6.53 -0.12
N LYS A 39 2.60 -6.83 0.93
CA LYS A 39 3.61 -5.92 1.44
C LYS A 39 4.83 -5.90 0.54
N ILE A 40 5.03 -4.81 -0.18
CA ILE A 40 6.15 -4.68 -1.09
C ILE A 40 7.42 -4.30 -0.36
N GLY A 41 7.28 -3.93 0.89
CA GLY A 41 8.42 -3.59 1.71
C GLY A 41 8.12 -2.47 2.67
N THR A 42 9.09 -2.12 3.48
CA THR A 42 8.95 -1.01 4.40
C THR A 42 9.76 0.19 3.92
N ILE A 43 9.35 1.38 4.31
CA ILE A 43 10.10 2.59 3.99
C ILE A 43 10.50 3.29 5.29
N SER A 44 11.45 4.20 5.19
CA SER A 44 11.99 4.87 6.36
C SER A 44 12.54 6.25 5.97
N THR A 45 12.92 7.05 6.95
CA THR A 45 13.41 8.39 6.66
C THR A 45 14.87 8.56 7.11
N THR A 46 15.75 8.79 6.16
CA THR A 46 17.12 9.15 6.46
C THR A 46 17.42 10.53 5.89
N GLY A 47 17.60 11.49 6.79
CA GLY A 47 17.84 12.85 6.37
C GLY A 47 17.50 13.85 7.45
N GLU A 48 16.78 13.37 8.46
CA GLU A 48 16.43 14.17 9.63
C GLU A 48 15.65 15.43 9.23
N MET A 49 14.37 15.22 8.95
CA MET A 49 13.48 16.32 8.55
C MET A 49 12.40 16.49 9.60
N SER A 50 11.54 17.49 9.41
CA SER A 50 10.44 17.72 10.34
C SER A 50 9.47 16.53 10.28
N PRO A 51 8.89 16.15 11.43
CA PRO A 51 8.02 14.98 11.54
C PRO A 51 6.91 14.92 10.48
N LEU A 52 6.23 16.03 10.27
CA LEU A 52 5.15 16.09 9.29
C LEU A 52 5.71 16.02 7.87
N ASP A 53 6.82 16.70 7.65
CA ASP A 53 7.42 16.78 6.31
C ASP A 53 7.97 15.42 5.89
N ALA A 54 8.60 14.74 6.84
CA ALA A 54 9.16 13.42 6.59
C ALA A 54 8.05 12.41 6.31
N ARG A 55 6.91 12.59 6.96
CA ARG A 55 5.78 11.71 6.78
C ARG A 55 5.17 11.92 5.40
N GLU A 56 5.01 13.19 5.02
CA GLU A 56 4.46 13.52 3.70
C GLU A 56 5.32 12.92 2.59
N ASP A 57 6.63 12.92 2.78
CA ASP A 57 7.55 12.41 1.77
C ASP A 57 7.47 10.90 1.69
N LEU A 58 7.25 10.26 2.84
CA LEU A 58 7.04 8.83 2.87
C LEU A 58 5.77 8.47 2.11
N ILE A 59 4.75 9.30 2.29
CA ILE A 59 3.47 9.10 1.63
C ILE A 59 3.61 9.28 0.13
N LYS A 60 4.41 10.28 -0.26
CA LYS A 60 4.74 10.50 -1.66
C LYS A 60 5.43 9.28 -2.25
N LYS A 61 6.53 8.91 -1.64
CA LYS A 61 7.41 7.87 -2.15
C LYS A 61 6.74 6.51 -2.16
N ALA A 62 5.94 6.24 -1.13
CA ALA A 62 5.12 5.04 -1.11
C ALA A 62 4.14 5.02 -2.28
N ASP A 63 3.52 6.16 -2.54
CA ASP A 63 2.62 6.32 -3.67
C ASP A 63 3.37 6.11 -4.98
N GLU A 64 4.58 6.69 -5.03
CA GLU A 64 5.47 6.56 -6.18
C GLU A 64 5.93 5.11 -6.38
N LYS A 65 6.09 4.40 -5.27
CA LYS A 65 6.49 3.00 -5.30
C LYS A 65 5.39 2.15 -5.90
N GLY A 66 4.18 2.67 -5.88
CA GLY A 66 3.05 1.95 -6.40
C GLY A 66 2.33 1.17 -5.32
N ALA A 67 2.10 1.83 -4.20
CA ALA A 67 1.37 1.23 -3.10
C ALA A 67 -0.09 1.62 -3.18
N ASP A 68 -0.96 0.69 -2.80
CA ASP A 68 -2.40 0.92 -2.82
C ASP A 68 -2.84 1.46 -1.46
N VAL A 69 -2.29 0.87 -0.41
CA VAL A 69 -2.57 1.30 0.96
C VAL A 69 -1.27 1.61 1.69
N VAL A 70 -1.27 2.68 2.47
CA VAL A 70 -0.09 3.05 3.25
C VAL A 70 -0.45 3.19 4.72
N VAL A 71 0.48 2.78 5.59
CA VAL A 71 0.28 2.89 7.03
C VAL A 71 1.50 3.53 7.68
N LEU A 72 1.27 4.62 8.38
CA LEU A 72 2.36 5.34 9.02
C LEU A 72 2.71 4.73 10.37
N THR A 73 3.62 3.77 10.35
CA THR A 73 4.11 3.18 11.60
C THR A 73 5.00 4.18 12.32
N SER A 74 5.91 4.78 11.57
CA SER A 74 6.72 5.91 12.02
C SER A 74 7.48 5.61 13.31
N GLY A 75 7.88 6.66 13.99
CA GLY A 75 8.54 6.53 15.26
C GLY A 75 7.84 7.35 16.31
N GLN A 76 7.36 6.68 17.34
CA GLN A 76 6.66 7.33 18.44
C GLN A 76 7.57 8.36 19.13
N THR A 77 8.86 8.16 18.98
CA THR A 77 9.86 9.07 19.52
C THR A 77 10.11 10.22 18.55
N GLU A 78 9.10 11.08 18.43
CA GLU A 78 9.10 12.21 17.50
C GLU A 78 10.43 13.00 17.52
N ASN A 79 10.97 13.20 18.72
CA ASN A 79 12.19 13.98 18.91
C ASN A 79 13.39 13.35 18.20
N LYS A 80 13.35 12.04 17.99
CA LYS A 80 14.47 11.33 17.39
C LYS A 80 13.98 10.30 16.37
N ILE A 81 12.97 10.67 15.61
CA ILE A 81 12.36 9.77 14.63
C ILE A 81 13.35 9.31 13.57
N HIS A 82 13.43 7.99 13.40
CA HIS A 82 14.11 7.41 12.26
C HIS A 82 13.15 7.31 11.10
N GLY A 83 11.88 7.57 11.39
CA GLY A 83 10.83 7.53 10.41
C GLY A 83 10.57 6.13 9.87
N THR A 84 9.31 5.78 9.77
CA THR A 84 8.95 4.49 9.22
C THR A 84 7.54 4.52 8.63
N ALA A 85 7.30 3.69 7.63
CA ALA A 85 5.95 3.50 7.10
C ALA A 85 5.83 2.13 6.45
N ASP A 86 4.69 1.49 6.61
CA ASP A 86 4.49 0.15 6.08
C ASP A 86 3.42 0.19 5.01
N ILE A 87 3.81 -0.22 3.82
CA ILE A 87 2.93 -0.08 2.66
C ILE A 87 2.57 -1.43 2.03
N TYR A 88 1.42 -1.47 1.38
CA TYR A 88 0.92 -2.66 0.72
C TYR A 88 0.39 -2.32 -0.66
N LYS A 89 0.48 -3.27 -1.58
CA LYS A 89 -0.13 -3.12 -2.89
C LYS A 89 -1.29 -4.09 -3.02
N LYS A 90 -2.33 -3.69 -3.74
CA LYS A 90 -3.50 -4.53 -3.90
C LYS A 90 -3.18 -5.78 -4.71
N LYS A 91 -3.64 -6.92 -4.21
CA LYS A 91 -3.42 -8.19 -4.89
C LYS A 91 -4.35 -8.37 -6.07
N LEU A 92 -4.28 -9.57 -6.64
CA LEU A 92 -5.26 -10.03 -7.60
C LEU A 92 -6.43 -10.67 -6.85
N GLU A 93 -6.24 -10.83 -5.54
CA GLU A 93 -7.25 -11.43 -4.67
C GLU A 93 -8.24 -10.38 -4.20
N HIS A 94 -8.07 -9.18 -4.69
CA HIS A 94 -8.94 -8.06 -4.31
C HIS A 94 -9.30 -7.26 -5.56
N HIS A 95 -10.59 -7.16 -5.82
CA HIS A 95 -11.09 -6.47 -7.01
C HIS A 95 -11.85 -5.20 -6.63
N HIS A 96 -11.87 -4.25 -7.56
CA HIS A 96 -12.73 -3.06 -7.46
C HIS A 96 -12.31 -2.08 -6.37
N HIS A 97 -12.11 -0.83 -6.77
CA HIS A 97 -11.97 0.27 -5.83
C HIS A 97 -12.93 1.39 -6.25
N HIS A 98 -13.73 1.88 -5.30
CA HIS A 98 -14.75 2.87 -5.63
C HIS A 98 -14.14 4.25 -5.81
N HIS A 99 -14.47 4.89 -6.92
CA HIS A 99 -14.07 6.27 -7.15
C HIS A 99 -15.28 7.19 -6.99
N MET A 1 6.63 -17.40 26.94
CA MET A 1 7.38 -16.66 25.89
C MET A 1 6.97 -17.15 24.52
N LYS A 2 6.11 -16.38 23.86
CA LYS A 2 5.66 -16.74 22.52
C LYS A 2 6.05 -15.65 21.54
N THR A 3 7.16 -15.88 20.84
CA THR A 3 7.68 -14.89 19.89
C THR A 3 6.82 -14.87 18.62
N GLY A 4 6.16 -15.98 18.34
CA GLY A 4 5.30 -16.06 17.19
C GLY A 4 5.22 -17.45 16.59
N TYR A 5 4.02 -17.87 16.26
CA TYR A 5 3.82 -19.15 15.61
C TYR A 5 3.55 -18.90 14.13
N LYS A 6 4.47 -19.34 13.28
CA LYS A 6 4.39 -19.03 11.86
C LYS A 6 3.34 -19.89 11.16
N VAL A 7 2.27 -19.24 10.72
CA VAL A 7 1.23 -19.90 9.95
C VAL A 7 0.96 -19.12 8.67
N MET A 8 0.73 -19.83 7.58
CA MET A 8 0.44 -19.19 6.30
C MET A 8 -1.07 -19.10 6.07
N LEU A 9 -1.82 -19.23 7.15
CA LEU A 9 -3.27 -19.13 7.08
C LEU A 9 -3.75 -17.75 7.51
N GLY A 10 -4.19 -16.95 6.55
CA GLY A 10 -4.66 -15.62 6.85
C GLY A 10 -5.41 -15.02 5.68
N ALA A 11 -6.41 -15.75 5.21
CA ALA A 11 -7.20 -15.31 4.07
C ALA A 11 -8.68 -15.58 4.28
N LEU A 12 -9.50 -14.57 4.09
CA LEU A 12 -10.94 -14.72 4.24
C LEU A 12 -11.55 -15.17 2.91
N ALA A 13 -10.76 -15.02 1.85
CA ALA A 13 -11.13 -15.48 0.51
C ALA A 13 -12.36 -14.77 -0.04
N PHE A 14 -12.14 -13.60 -0.60
CA PHE A 14 -13.17 -12.84 -1.27
C PHE A 14 -12.52 -11.92 -2.29
N VAL A 15 -13.26 -10.93 -2.78
CA VAL A 15 -12.69 -10.00 -3.75
C VAL A 15 -13.32 -8.62 -3.63
N VAL A 16 -12.57 -7.68 -3.08
CA VAL A 16 -12.97 -6.28 -3.07
C VAL A 16 -12.50 -5.59 -4.34
N THR A 17 -13.12 -4.46 -4.65
CA THR A 17 -12.79 -3.70 -5.85
C THR A 17 -12.06 -2.40 -5.48
N ASN A 18 -11.62 -2.32 -4.23
CA ASN A 18 -11.03 -1.10 -3.70
C ASN A 18 -9.64 -0.84 -4.24
N VAL A 19 -9.55 0.06 -5.21
CA VAL A 19 -8.27 0.55 -5.71
C VAL A 19 -8.34 2.06 -5.90
N TYR A 20 -7.28 2.75 -5.53
CA TYR A 20 -7.27 4.21 -5.59
C TYR A 20 -5.85 4.74 -5.67
N ALA A 21 -5.19 4.80 -4.52
CA ALA A 21 -3.85 5.35 -4.40
C ALA A 21 -3.42 5.24 -2.96
N ALA A 22 -2.11 5.35 -2.72
CA ALA A 22 -1.56 5.19 -1.39
C ALA A 22 -2.23 6.11 -0.36
N GLU A 23 -3.10 5.54 0.46
CA GLU A 23 -3.78 6.29 1.50
C GLU A 23 -3.91 5.42 2.77
N ILE A 24 -4.26 6.05 3.88
CA ILE A 24 -4.36 5.35 5.15
C ILE A 24 -5.65 4.53 5.24
N MET A 25 -5.57 3.36 5.85
CA MET A 25 -6.75 2.53 6.08
C MET A 25 -6.95 2.27 7.57
N LYS A 26 -8.17 1.90 7.93
CA LYS A 26 -8.50 1.59 9.32
C LYS A 26 -7.82 0.30 9.75
N LYS A 27 -7.58 0.16 11.05
CA LYS A 27 -6.82 -0.97 11.58
C LYS A 27 -7.59 -2.28 11.41
N THR A 28 -8.91 -2.21 11.54
CA THR A 28 -9.77 -3.36 11.39
C THR A 28 -9.82 -3.82 9.93
N ASP A 29 -10.01 -2.86 9.03
CA ASP A 29 -9.99 -3.15 7.62
C ASP A 29 -8.61 -3.59 7.20
N PHE A 30 -7.58 -3.07 7.86
CA PHE A 30 -6.19 -3.47 7.59
C PHE A 30 -6.01 -4.97 7.77
N ASP A 31 -6.57 -5.51 8.84
CA ASP A 31 -6.47 -6.94 9.13
C ASP A 31 -7.23 -7.75 8.10
N LYS A 32 -8.30 -7.18 7.57
CA LYS A 32 -9.13 -7.84 6.58
C LYS A 32 -8.57 -7.68 5.17
N VAL A 33 -7.94 -6.55 4.90
CA VAL A 33 -7.35 -6.30 3.59
C VAL A 33 -5.98 -6.95 3.50
N ALA A 34 -5.44 -7.41 4.62
CA ALA A 34 -4.21 -8.20 4.61
C ALA A 34 -4.40 -9.46 3.79
N SER A 35 -5.66 -9.77 3.51
CA SER A 35 -6.02 -10.94 2.72
C SER A 35 -6.09 -10.59 1.22
N GLU A 36 -6.47 -9.36 0.90
CA GLU A 36 -6.66 -8.93 -0.48
C GLU A 36 -5.47 -8.11 -1.01
N TYR A 37 -4.52 -7.83 -0.14
CA TYR A 37 -3.40 -6.97 -0.49
C TYR A 37 -2.07 -7.69 -0.35
N THR A 38 -0.99 -7.00 -0.71
CA THR A 38 0.35 -7.54 -0.65
C THR A 38 1.31 -6.44 -0.19
N LYS A 39 2.49 -6.85 0.27
CA LYS A 39 3.45 -5.90 0.83
C LYS A 39 4.62 -5.73 -0.14
N ILE A 40 4.72 -4.57 -0.76
CA ILE A 40 5.78 -4.30 -1.72
C ILE A 40 7.06 -3.83 -1.03
N GLY A 41 6.98 -3.67 0.28
CA GLY A 41 8.14 -3.29 1.05
C GLY A 41 7.80 -2.27 2.12
N THR A 42 8.75 -2.02 3.00
CA THR A 42 8.59 -0.99 4.01
C THR A 42 9.46 0.21 3.67
N ILE A 43 9.01 1.39 4.08
CA ILE A 43 9.79 2.61 3.90
C ILE A 43 10.03 3.25 5.24
N SER A 44 10.94 4.18 5.31
CA SER A 44 11.30 4.82 6.56
C SER A 44 11.70 6.28 6.35
N THR A 45 11.87 6.99 7.45
CA THR A 45 12.29 8.38 7.40
C THR A 45 13.81 8.48 7.59
N THR A 46 14.46 9.21 6.69
CA THR A 46 15.90 9.39 6.75
C THR A 46 16.28 10.79 6.27
N GLY A 47 17.17 11.44 7.00
CA GLY A 47 17.62 12.76 6.61
C GLY A 47 17.22 13.81 7.62
N GLU A 48 16.33 13.41 8.52
CA GLU A 48 15.84 14.27 9.61
C GLU A 48 15.23 15.56 9.09
N MET A 49 13.99 15.47 8.63
CA MET A 49 13.25 16.62 8.14
C MET A 49 12.25 17.09 9.20
N SER A 50 11.30 17.90 8.78
CA SER A 50 10.21 18.30 9.67
C SER A 50 9.13 17.22 9.64
N PRO A 51 8.37 17.03 10.74
CA PRO A 51 7.38 15.94 10.87
C PRO A 51 6.45 15.80 9.66
N LEU A 52 5.81 16.90 9.26
CA LEU A 52 4.85 16.86 8.15
C LEU A 52 5.57 16.76 6.80
N ASP A 53 6.80 17.26 6.75
CA ASP A 53 7.59 17.21 5.52
C ASP A 53 8.14 15.81 5.31
N ALA A 54 8.46 15.14 6.41
CA ALA A 54 8.90 13.76 6.38
C ALA A 54 7.74 12.86 5.96
N ARG A 55 6.53 13.25 6.35
CA ARG A 55 5.33 12.57 5.90
C ARG A 55 5.19 12.70 4.39
N GLU A 56 5.45 13.89 3.87
CA GLU A 56 5.47 14.12 2.42
C GLU A 56 6.42 13.14 1.74
N ASP A 57 7.58 12.94 2.34
CA ASP A 57 8.58 12.03 1.78
C ASP A 57 8.04 10.61 1.74
N LEU A 58 7.42 10.22 2.84
CA LEU A 58 6.87 8.88 2.99
C LEU A 58 5.71 8.66 2.03
N ILE A 59 4.80 9.62 1.99
CA ILE A 59 3.60 9.53 1.16
C ILE A 59 3.95 9.49 -0.32
N LYS A 60 4.87 10.35 -0.73
CA LYS A 60 5.27 10.40 -2.13
C LYS A 60 6.13 9.20 -2.50
N LYS A 61 7.02 8.79 -1.61
CA LYS A 61 7.88 7.64 -1.84
C LYS A 61 7.06 6.37 -2.00
N ALA A 62 6.00 6.25 -1.21
CA ALA A 62 5.04 5.16 -1.37
C ALA A 62 4.44 5.17 -2.77
N ASP A 63 4.11 6.37 -3.25
CA ASP A 63 3.59 6.54 -4.61
C ASP A 63 4.66 6.23 -5.65
N GLU A 64 5.90 6.60 -5.33
CA GLU A 64 7.03 6.34 -6.21
C GLU A 64 7.18 4.86 -6.53
N LYS A 65 6.96 4.01 -5.52
CA LYS A 65 7.05 2.58 -5.72
C LYS A 65 5.71 2.02 -6.19
N GLY A 66 4.63 2.71 -5.85
CA GLY A 66 3.31 2.30 -6.30
C GLY A 66 2.58 1.45 -5.28
N ALA A 67 1.90 2.11 -4.35
CA ALA A 67 1.15 1.42 -3.30
C ALA A 67 -0.31 1.84 -3.31
N ASP A 68 -1.16 1.03 -2.71
CA ASP A 68 -2.57 1.32 -2.60
C ASP A 68 -2.92 1.78 -1.18
N VAL A 69 -2.25 1.17 -0.22
CA VAL A 69 -2.46 1.51 1.19
C VAL A 69 -1.14 1.88 1.84
N VAL A 70 -1.18 2.87 2.73
CA VAL A 70 -0.01 3.22 3.52
C VAL A 70 -0.34 3.16 5.00
N VAL A 71 0.60 2.72 5.80
CA VAL A 71 0.45 2.69 7.24
C VAL A 71 1.62 3.41 7.90
N LEU A 72 1.35 4.58 8.44
CA LEU A 72 2.39 5.36 9.08
C LEU A 72 2.76 4.78 10.44
N THR A 73 3.74 3.88 10.43
CA THR A 73 4.22 3.25 11.66
C THR A 73 5.18 4.16 12.40
N SER A 74 5.46 5.30 11.81
CA SER A 74 6.29 6.31 12.43
C SER A 74 5.68 6.79 13.76
N GLY A 75 6.26 6.32 14.85
CA GLY A 75 5.74 6.65 16.17
C GLY A 75 6.05 8.08 16.59
N GLN A 76 7.29 8.33 16.99
CA GLN A 76 7.69 9.63 17.52
C GLN A 76 7.95 10.59 16.37
N THR A 77 6.89 10.94 15.70
CA THR A 77 6.96 11.79 14.55
C THR A 77 6.74 13.26 14.92
N GLU A 78 7.80 13.87 15.40
CA GLU A 78 7.82 15.30 15.63
C GLU A 78 9.25 15.82 15.65
N ASN A 79 10.10 15.16 16.41
CA ASN A 79 11.47 15.60 16.58
C ASN A 79 12.46 14.59 16.03
N LYS A 80 12.73 13.54 16.81
CA LYS A 80 13.70 12.51 16.43
C LYS A 80 13.06 11.50 15.49
N ILE A 81 12.46 12.01 14.44
CA ILE A 81 11.80 11.18 13.46
C ILE A 81 12.75 10.18 12.83
N HIS A 82 12.46 8.91 13.05
CA HIS A 82 13.22 7.82 12.45
C HIS A 82 12.29 6.63 12.31
N GLY A 83 11.00 6.93 12.21
CA GLY A 83 10.00 5.90 12.14
C GLY A 83 9.87 5.34 10.74
N THR A 84 8.89 4.47 10.56
CA THR A 84 8.72 3.79 9.29
C THR A 84 7.32 3.99 8.74
N ALA A 85 7.08 3.46 7.57
CA ALA A 85 5.74 3.36 7.03
C ALA A 85 5.62 2.07 6.25
N ASP A 86 4.57 1.33 6.51
CA ASP A 86 4.34 0.07 5.84
C ASP A 86 3.30 0.24 4.77
N ILE A 87 3.69 0.02 3.54
CA ILE A 87 2.78 0.24 2.43
C ILE A 87 2.33 -1.10 1.85
N TYR A 88 1.15 -1.09 1.28
CA TYR A 88 0.54 -2.30 0.76
C TYR A 88 -0.08 -2.03 -0.59
N LYS A 89 0.02 -3.02 -1.45
CA LYS A 89 -0.50 -2.94 -2.79
C LYS A 89 -1.68 -3.89 -2.93
N LYS A 90 -2.73 -3.45 -3.60
CA LYS A 90 -3.89 -4.31 -3.80
C LYS A 90 -3.56 -5.34 -4.87
N LYS A 91 -4.04 -6.56 -4.67
CA LYS A 91 -3.72 -7.65 -5.58
C LYS A 91 -4.47 -7.49 -6.90
N LEU A 92 -4.37 -8.51 -7.74
CA LEU A 92 -4.85 -8.39 -9.11
C LEU A 92 -6.20 -9.06 -9.30
N GLU A 93 -6.66 -9.75 -8.27
CA GLU A 93 -7.99 -10.32 -8.28
C GLU A 93 -9.03 -9.21 -8.26
N HIS A 94 -9.75 -9.06 -9.35
CA HIS A 94 -10.73 -7.99 -9.47
C HIS A 94 -11.84 -8.39 -10.44
N HIS A 95 -13.08 -8.16 -10.03
CA HIS A 95 -14.23 -8.48 -10.87
C HIS A 95 -15.04 -7.22 -11.11
N HIS A 96 -15.98 -7.27 -12.04
CA HIS A 96 -16.77 -6.10 -12.38
C HIS A 96 -18.16 -6.18 -11.75
N HIS A 97 -18.74 -5.03 -11.47
CA HIS A 97 -20.11 -4.95 -10.98
C HIS A 97 -20.89 -3.93 -11.79
N HIS A 98 -20.56 -2.66 -11.64
CA HIS A 98 -21.14 -1.63 -12.49
C HIS A 98 -20.09 -0.58 -12.84
N HIS A 99 -19.87 -0.40 -14.13
CA HIS A 99 -18.94 0.61 -14.62
C HIS A 99 -19.53 2.00 -14.47
#